data_3B1Q
#
_entry.id   3B1Q
#
_cell.length_a   83.110
_cell.length_b   85.897
_cell.length_c   86.872
_cell.angle_alpha   66.33
_cell.angle_beta   68.47
_cell.angle_gamma   67.81
#
_symmetry.space_group_name_H-M   'P 1'
#
loop_
_entity.id
_entity.type
_entity.pdbx_description
1 polymer 'Ribokinase, putative'
2 non-polymer INOSINE
3 non-polymer 'ACETATE ION'
4 non-polymer 3,6,9,12,15,18-HEXAOXAICOSANE-1,20-DIOL
5 non-polymer 'SODIUM ION'
6 water water
#
_entity_poly.entity_id   1
_entity_poly.type   'polypeptide(L)'
_entity_poly.pdbx_seq_one_letter_code
;MATLICGSIAYDNIMTFEGRFREHILPDQVHLINLSFLVPTMRREFGGCAGNIAYALNLLGGDARMMGTLGAVDAQPYLD
RMDALGLSREYVRVLPDTYSAQAMITTDLDNNQITAFHPGAMMQSHVNHAGEAKDIKLAIVGPDGFQGMVQHTEELAQAG
VPFIFDPGQGLPLFDGATLRRSIELATYIAVNDYEAKLVCDKTGWSEDEIASRVQALIITRGEHGATIRHRDGTEQIPAV
RAERVIDPTGCGDAFRGGLLYGIEHGFDWATAGRLASLMGALKIAHQGPQTYAPTRAEIDARFETAFGYRPKGSKLRSLE
HHHHHH
;
_entity_poly.pdbx_strand_id   A,B,C,D,E,F
#
# COMPACT_ATOMS: atom_id res chain seq x y z
N ALA A 2 3.62 -50.64 33.65
CA ALA A 2 2.83 -49.69 32.85
C ALA A 2 3.10 -49.88 31.36
N THR A 3 2.19 -49.36 30.55
CA THR A 3 2.31 -49.41 29.09
C THR A 3 2.47 -48.02 28.51
N LEU A 4 3.53 -47.81 27.74
CA LEU A 4 3.84 -46.53 27.13
C LEU A 4 3.09 -46.47 25.78
N ILE A 5 2.31 -45.41 25.60
CA ILE A 5 1.51 -45.30 24.41
C ILE A 5 1.98 -44.12 23.58
N CYS A 6 2.80 -44.38 22.54
CA CYS A 6 3.37 -43.26 21.78
C CYS A 6 2.48 -43.02 20.55
N GLY A 7 2.05 -41.80 20.33
CA GLY A 7 1.34 -41.55 19.11
C GLY A 7 0.74 -40.13 19.19
N SER A 8 -0.06 -39.84 18.16
CA SER A 8 -0.64 -38.48 18.04
C SER A 8 -1.65 -38.20 19.17
N ILE A 9 -1.76 -36.92 19.52
CA ILE A 9 -2.82 -36.48 20.45
C ILE A 9 -3.46 -35.33 19.66
N ALA A 10 -4.77 -35.39 19.42
CA ALA A 10 -5.33 -34.51 18.40
C ALA A 10 -6.81 -34.25 18.70
N TYR A 11 -7.32 -33.15 18.16
CA TYR A 11 -8.74 -32.95 18.17
C TYR A 11 -9.30 -33.35 16.83
N ASP A 12 -10.38 -34.13 16.87
CA ASP A 12 -10.98 -34.68 15.65
C ASP A 12 -12.23 -33.91 15.28
N ASN A 13 -12.38 -33.62 13.99
CA ASN A 13 -13.56 -32.90 13.53
C ASN A 13 -14.16 -33.83 12.49
N ILE A 14 -15.27 -34.48 12.85
CA ILE A 14 -15.77 -35.63 12.10
C ILE A 14 -17.04 -35.26 11.37
N MET A 15 -17.04 -35.54 10.06
CA MET A 15 -18.09 -35.10 9.13
C MET A 15 -18.51 -36.31 8.32
N THR A 16 -19.78 -36.38 7.91
CA THR A 16 -20.20 -37.47 7.04
C THR A 16 -20.35 -36.93 5.63
N PHE A 17 -20.09 -37.80 4.65
CA PHE A 17 -20.43 -37.45 3.27
C PHE A 17 -21.44 -38.47 2.74
N GLU A 18 -22.61 -37.96 2.35
CA GLU A 18 -23.67 -38.81 1.73
C GLU A 18 -23.41 -39.15 0.26
N GLY A 19 -22.42 -40.01 0.04
CA GLY A 19 -22.18 -40.58 -1.27
C GLY A 19 -21.17 -41.65 -1.02
N ARG A 20 -20.57 -42.15 -2.09
CA ARG A 20 -19.38 -42.98 -1.98
C ARG A 20 -18.25 -42.21 -2.62
N PHE A 21 -17.10 -42.17 -1.95
CA PHE A 21 -15.94 -41.48 -2.50
C PHE A 21 -15.57 -42.00 -3.91
N ARG A 22 -15.65 -43.32 -4.12
CA ARG A 22 -15.39 -43.97 -5.42
C ARG A 22 -16.09 -43.31 -6.63
N GLU A 23 -17.30 -42.78 -6.45
CA GLU A 23 -18.02 -42.18 -7.58
C GLU A 23 -18.11 -40.63 -7.55
N HIS A 24 -17.06 -40.00 -7.03
CA HIS A 24 -17.02 -38.54 -6.85
C HIS A 24 -15.59 -38.03 -6.99
N LEU A 32 -7.95 -28.82 -14.14
CA LEU A 32 -7.71 -28.17 -12.86
C LEU A 32 -8.94 -28.28 -11.96
N ILE A 33 -9.02 -29.33 -11.14
CA ILE A 33 -10.23 -29.58 -10.34
C ILE A 33 -10.52 -28.55 -9.23
N ASN A 34 -11.78 -28.09 -9.23
CA ASN A 34 -12.30 -27.09 -8.31
C ASN A 34 -13.54 -27.62 -7.58
N LEU A 35 -13.34 -28.63 -6.75
CA LEU A 35 -14.43 -29.43 -6.19
C LEU A 35 -14.90 -28.89 -4.83
N SER A 36 -16.18 -28.56 -4.69
CA SER A 36 -16.74 -28.10 -3.41
C SER A 36 -17.96 -28.90 -2.99
N PHE A 37 -17.97 -29.43 -1.76
CA PHE A 37 -19.14 -30.12 -1.25
C PHE A 37 -19.59 -29.66 0.14
N LEU A 38 -20.90 -29.67 0.35
CA LEU A 38 -21.52 -29.16 1.56
C LEU A 38 -21.39 -30.19 2.68
N VAL A 39 -20.93 -29.75 3.86
CA VAL A 39 -20.83 -30.64 5.00
C VAL A 39 -21.71 -30.00 6.08
N PRO A 40 -22.94 -30.49 6.24
CA PRO A 40 -23.84 -29.72 7.07
C PRO A 40 -23.64 -29.97 8.57
N THR A 41 -23.15 -31.14 8.94
CA THR A 41 -22.87 -31.46 10.35
C THR A 41 -21.41 -31.85 10.56
N MET A 42 -20.82 -31.29 11.61
CA MET A 42 -19.50 -31.70 12.00
C MET A 42 -19.60 -31.90 13.54
N ARG A 43 -18.94 -32.92 14.05
CA ARG A 43 -18.88 -33.11 15.54
C ARG A 43 -17.41 -33.06 15.95
N ARG A 44 -17.10 -32.26 16.98
CA ARG A 44 -15.76 -32.22 17.50
C ARG A 44 -15.57 -33.25 18.63
N GLU A 45 -14.45 -33.96 18.63
CA GLU A 45 -14.21 -35.04 19.53
C GLU A 45 -12.74 -35.09 19.94
N PHE A 46 -12.47 -35.65 21.13
CA PHE A 46 -11.09 -35.93 21.50
C PHE A 46 -10.55 -37.12 20.76
N GLY A 47 -9.32 -36.96 20.25
CA GLY A 47 -8.78 -38.04 19.35
C GLY A 47 -7.28 -38.10 19.41
N GLY A 48 -6.71 -38.47 18.27
CA GLY A 48 -5.27 -38.80 18.26
C GLY A 48 -5.04 -40.29 18.68
N CYS A 49 -4.12 -40.93 17.99
CA CYS A 49 -3.91 -42.33 18.22
C CYS A 49 -3.53 -42.64 19.66
N ALA A 50 -2.62 -41.87 20.24
CA ALA A 50 -2.19 -42.17 21.62
C ALA A 50 -3.36 -41.89 22.58
N GLY A 51 -4.11 -40.78 22.36
CA GLY A 51 -5.21 -40.55 23.31
C GLY A 51 -6.26 -41.67 23.24
N ASN A 52 -6.58 -42.09 22.03
CA ASN A 52 -7.57 -43.15 21.79
C ASN A 52 -7.12 -44.49 22.38
N ILE A 53 -5.86 -44.87 22.12
CA ILE A 53 -5.36 -46.16 22.64
C ILE A 53 -5.30 -46.15 24.14
N ALA A 54 -4.85 -45.00 24.71
CA ALA A 54 -4.73 -44.95 26.16
C ALA A 54 -6.14 -45.00 26.74
N TYR A 55 -7.10 -44.32 26.12
CA TYR A 55 -8.50 -44.36 26.64
C TYR A 55 -8.99 -45.81 26.69
N ALA A 56 -8.77 -46.55 25.62
CA ALA A 56 -9.15 -47.98 25.58
C ALA A 56 -8.45 -48.82 26.67
N LEU A 57 -7.15 -48.67 26.85
CA LEU A 57 -6.46 -49.45 27.83
C LEU A 57 -6.90 -49.08 29.21
N ASN A 58 -7.19 -47.80 29.43
CA ASN A 58 -7.63 -47.37 30.73
C ASN A 58 -9.07 -47.92 31.05
N LEU A 59 -9.97 -47.99 30.03
CA LEU A 59 -11.30 -48.65 30.22
C LEU A 59 -11.16 -50.08 30.79
N LEU A 60 -10.10 -50.75 30.36
CA LEU A 60 -9.88 -52.14 30.76
C LEU A 60 -9.23 -52.32 32.13
N GLY A 61 -8.75 -51.20 32.67
CA GLY A 61 -8.07 -51.20 33.98
C GLY A 61 -6.53 -51.30 33.84
N GLY A 62 -6.01 -51.10 32.64
CA GLY A 62 -4.56 -51.01 32.36
C GLY A 62 -3.98 -49.67 32.81
N ASP A 63 -2.65 -49.56 32.84
CA ASP A 63 -1.97 -48.34 33.35
C ASP A 63 -1.31 -47.77 32.10
N ALA A 64 -1.96 -46.78 31.47
CA ALA A 64 -1.58 -46.27 30.14
C ALA A 64 -0.80 -44.99 30.37
N ARG A 65 0.40 -44.91 29.80
CA ARG A 65 1.14 -43.65 29.94
C ARG A 65 1.31 -43.08 28.55
N MET A 66 0.56 -42.04 28.24
CA MET A 66 0.65 -41.43 26.91
C MET A 66 1.95 -40.64 26.71
N MET A 67 2.52 -40.76 25.50
CA MET A 67 3.74 -40.03 25.18
C MET A 67 3.44 -39.37 23.86
N GLY A 68 3.30 -38.03 23.90
CA GLY A 68 3.00 -37.33 22.67
C GLY A 68 3.06 -35.81 22.93
N THR A 69 2.86 -35.01 21.90
CA THR A 69 3.00 -33.58 22.06
C THR A 69 1.68 -32.86 21.73
N LEU A 70 1.36 -31.83 22.51
CA LEU A 70 0.20 -30.98 22.25
C LEU A 70 0.71 -29.55 22.10
N GLY A 71 -0.14 -28.67 21.60
CA GLY A 71 0.31 -27.30 21.46
C GLY A 71 -0.31 -26.41 22.55
N ALA A 72 0.47 -25.49 23.09
CA ALA A 72 0.03 -24.68 24.23
C ALA A 72 -1.16 -23.76 23.85
N VAL A 73 -1.33 -23.46 22.57
CA VAL A 73 -2.47 -22.56 22.22
C VAL A 73 -3.82 -23.15 22.70
N ASP A 74 -3.96 -24.48 22.55
CA ASP A 74 -5.24 -25.13 22.73
C ASP A 74 -5.16 -26.52 23.38
N ALA A 75 -4.07 -26.78 24.08
CA ALA A 75 -3.92 -28.06 24.75
C ALA A 75 -4.84 -28.22 25.96
N GLN A 76 -5.22 -27.11 26.61
CA GLN A 76 -5.84 -27.28 27.94
C GLN A 76 -7.09 -28.18 28.02
N PRO A 77 -8.02 -28.15 27.03
CA PRO A 77 -9.16 -29.07 27.14
C PRO A 77 -8.74 -30.57 27.24
N TYR A 78 -7.71 -30.97 26.50
CA TYR A 78 -7.24 -32.33 26.44
C TYR A 78 -6.50 -32.61 27.75
N LEU A 79 -5.74 -31.64 28.27
CA LEU A 79 -5.03 -31.93 29.57
C LEU A 79 -6.08 -32.10 30.68
N ASP A 80 -7.14 -31.25 30.64
CA ASP A 80 -8.17 -31.39 31.68
C ASP A 80 -8.91 -32.76 31.59
N ARG A 81 -9.20 -33.18 30.37
CA ARG A 81 -9.83 -34.48 30.15
C ARG A 81 -8.92 -35.60 30.66
N MET A 82 -7.62 -35.49 30.38
CA MET A 82 -6.66 -36.52 30.87
C MET A 82 -6.71 -36.56 32.40
N ASP A 83 -6.68 -35.38 33.01
CA ASP A 83 -6.71 -35.36 34.48
C ASP A 83 -8.01 -35.96 35.03
N ALA A 84 -9.13 -35.65 34.36
CA ALA A 84 -10.43 -36.16 34.82
C ALA A 84 -10.48 -37.70 34.69
N LEU A 85 -9.77 -38.20 33.69
CA LEU A 85 -9.67 -39.64 33.46
C LEU A 85 -8.65 -40.34 34.38
N GLY A 86 -7.81 -39.56 35.03
CA GLY A 86 -6.71 -40.09 35.88
C GLY A 86 -5.56 -40.60 35.02
N LEU A 87 -5.48 -40.17 33.77
CA LEU A 87 -4.38 -40.53 32.84
C LEU A 87 -3.16 -39.66 33.11
N SER A 88 -2.01 -40.30 33.43
CA SER A 88 -0.79 -39.54 33.68
C SER A 88 -0.39 -38.64 32.48
N ARG A 89 0.03 -37.40 32.81
CA ARG A 89 0.58 -36.51 31.78
C ARG A 89 2.08 -36.41 31.84
N GLU A 90 2.73 -37.36 32.48
CA GLU A 90 4.20 -37.25 32.66
C GLU A 90 4.92 -37.11 31.34
N TYR A 91 4.44 -37.79 30.29
CA TYR A 91 5.15 -37.76 29.00
C TYR A 91 4.34 -37.04 27.94
N VAL A 92 3.34 -36.24 28.35
CA VAL A 92 2.58 -35.35 27.42
C VAL A 92 3.22 -33.99 27.48
N ARG A 93 3.89 -33.57 26.40
CA ARG A 93 4.64 -32.32 26.38
C ARG A 93 3.84 -31.27 25.65
N VAL A 94 3.77 -30.07 26.25
CA VAL A 94 2.89 -29.03 25.68
C VAL A 94 3.84 -27.96 25.17
N LEU A 95 3.80 -27.71 23.85
CA LEU A 95 4.81 -26.84 23.20
C LEU A 95 4.32 -25.42 23.12
N PRO A 96 5.06 -24.46 23.69
CA PRO A 96 4.61 -23.06 23.66
C PRO A 96 4.35 -22.55 22.24
N ASP A 97 3.34 -21.68 22.13
CA ASP A 97 3.14 -20.89 20.89
C ASP A 97 2.81 -21.79 19.69
N THR A 98 2.25 -22.97 19.94
CA THR A 98 2.03 -24.03 18.92
C THR A 98 0.59 -24.49 19.02
N TYR A 99 0.01 -24.89 17.90
CA TYR A 99 -1.33 -25.47 17.94
C TYR A 99 -1.29 -26.99 18.02
N SER A 100 -2.26 -27.61 18.69
CA SER A 100 -2.37 -29.05 18.73
C SER A 100 -2.83 -29.57 17.38
N ALA A 101 -2.48 -30.83 17.11
CA ALA A 101 -2.92 -31.51 15.87
C ALA A 101 -4.45 -31.50 15.77
N GLN A 102 -4.95 -31.45 14.54
CA GLN A 102 -6.41 -31.46 14.28
C GLN A 102 -6.61 -32.39 13.08
N ALA A 103 -7.54 -33.34 13.21
CA ALA A 103 -7.94 -34.19 12.09
C ALA A 103 -9.27 -33.69 11.55
N MET A 104 -9.36 -33.52 10.24
CA MET A 104 -10.61 -33.17 9.56
C MET A 104 -11.04 -34.45 8.84
N ILE A 105 -12.02 -35.14 9.40
CA ILE A 105 -12.26 -36.58 9.08
C ILE A 105 -13.65 -36.69 8.45
N THR A 106 -13.74 -37.24 7.23
CA THR A 106 -15.02 -37.34 6.51
C THR A 106 -15.31 -38.82 6.24
N THR A 107 -16.55 -39.25 6.52
CA THR A 107 -16.90 -40.68 6.44
C THR A 107 -17.98 -40.80 5.37
N ASP A 108 -17.77 -41.70 4.42
CA ASP A 108 -18.80 -41.98 3.39
C ASP A 108 -19.76 -43.10 3.76
N LEU A 109 -20.73 -43.30 2.87
CA LEU A 109 -21.83 -44.21 3.07
C LEU A 109 -21.36 -45.66 3.24
N ASP A 110 -20.18 -46.00 2.69
CA ASP A 110 -19.59 -47.34 2.90
C ASP A 110 -18.69 -47.37 4.13
N ASN A 111 -18.78 -46.33 4.96
CA ASN A 111 -17.86 -46.22 6.09
C ASN A 111 -16.36 -46.17 5.73
N ASN A 112 -16.03 -45.71 4.53
CA ASN A 112 -14.64 -45.32 4.23
C ASN A 112 -14.47 -43.90 4.74
N GLN A 113 -13.21 -43.56 4.97
CA GLN A 113 -12.86 -42.23 5.44
C GLN A 113 -11.69 -41.58 4.69
N ILE A 114 -11.82 -40.27 4.42
CA ILE A 114 -10.68 -39.44 3.99
C ILE A 114 -10.40 -38.39 5.07
N THR A 115 -9.14 -38.29 5.50
CA THR A 115 -8.77 -37.30 6.55
C THR A 115 -7.74 -36.30 6.02
N ALA A 116 -7.93 -35.01 6.29
CA ALA A 116 -6.86 -34.01 6.12
C ALA A 116 -6.36 -33.85 7.54
N PHE A 117 -5.07 -34.15 7.77
CA PHE A 117 -4.56 -34.12 9.15
C PHE A 117 -3.56 -32.98 9.30
N HIS A 118 -3.86 -32.03 10.19
CA HIS A 118 -2.97 -30.90 10.39
C HIS A 118 -2.12 -31.16 11.61
N PRO A 119 -0.82 -31.45 11.41
CA PRO A 119 -0.11 -32.04 12.54
C PRO A 119 0.20 -31.08 13.70
N GLY A 120 0.44 -29.80 13.37
CA GLY A 120 0.74 -28.82 14.47
C GLY A 120 1.86 -29.38 15.37
N ALA A 121 1.65 -29.40 16.69
CA ALA A 121 2.70 -29.87 17.64
C ALA A 121 3.16 -31.31 17.42
N MET A 122 2.37 -32.14 16.74
CA MET A 122 2.82 -33.47 16.44
C MET A 122 4.15 -33.51 15.70
N MET A 123 4.42 -32.48 14.87
CA MET A 123 5.67 -32.44 14.09
CA MET A 123 5.67 -32.41 14.09
C MET A 123 6.91 -32.37 14.97
N GLN A 124 6.70 -32.08 16.26
CA GLN A 124 7.79 -31.98 17.26
C GLN A 124 7.75 -33.17 18.20
N SER A 125 7.10 -34.26 17.83
CA SER A 125 6.92 -35.37 18.84
C SER A 125 8.25 -36.01 19.32
N HIS A 126 9.33 -35.86 18.55
CA HIS A 126 10.63 -36.42 18.92
C HIS A 126 11.27 -35.67 20.13
N VAL A 127 10.62 -34.62 20.63
CA VAL A 127 11.13 -33.99 21.85
C VAL A 127 11.02 -34.94 23.06
N ASN A 128 10.13 -35.93 22.96
CA ASN A 128 9.98 -36.94 24.01
C ASN A 128 10.89 -38.11 23.70
N HIS A 129 11.55 -38.62 24.73
CA HIS A 129 12.46 -39.75 24.54
C HIS A 129 11.90 -40.97 25.22
N ALA A 130 11.47 -41.96 24.42
CA ALA A 130 10.77 -43.15 24.99
C ALA A 130 11.71 -43.94 25.93
N GLY A 131 13.01 -43.91 25.68
CA GLY A 131 13.95 -44.62 26.51
C GLY A 131 14.10 -44.07 27.92
N GLU A 132 13.56 -42.87 28.16
CA GLU A 132 13.65 -42.24 29.47
C GLU A 132 12.44 -42.59 30.32
N ALA A 133 11.41 -43.19 29.73
CA ALA A 133 10.20 -43.54 30.50
C ALA A 133 10.43 -44.69 31.49
N LYS A 134 10.01 -44.50 32.73
CA LYS A 134 10.28 -45.47 33.79
C LYS A 134 9.11 -46.47 33.99
N ASP A 135 9.44 -47.66 34.50
CA ASP A 135 8.42 -48.67 34.86
C ASP A 135 7.61 -49.18 33.65
N ILE A 136 8.19 -49.08 32.46
CA ILE A 136 7.46 -49.46 31.23
C ILE A 136 7.76 -50.91 30.88
N LYS A 137 6.72 -51.69 30.77
CA LYS A 137 6.85 -53.11 30.47
C LYS A 137 6.44 -53.47 29.06
N LEU A 138 5.71 -52.60 28.39
CA LEU A 138 5.18 -52.81 27.03
C LEU A 138 4.90 -51.45 26.42
N ALA A 139 4.90 -51.35 25.08
CA ALA A 139 4.66 -50.07 24.48
C ALA A 139 4.04 -50.28 23.12
N ILE A 140 3.45 -49.22 22.60
CA ILE A 140 3.08 -49.14 21.19
C ILE A 140 3.59 -47.86 20.56
N VAL A 141 4.06 -47.95 19.33
CA VAL A 141 4.50 -46.79 18.55
C VAL A 141 3.50 -46.65 17.42
N GLY A 142 2.59 -45.67 17.56
CA GLY A 142 1.55 -45.44 16.56
C GLY A 142 1.82 -44.19 15.73
N PRO A 143 0.88 -43.84 14.85
CA PRO A 143 1.06 -42.75 13.92
C PRO A 143 1.36 -41.45 14.65
N ASP A 144 2.39 -40.76 14.18
CA ASP A 144 2.97 -39.64 14.94
C ASP A 144 3.79 -38.85 13.96
N GLY A 145 4.51 -37.83 14.41
CA GLY A 145 5.49 -37.18 13.57
C GLY A 145 6.52 -38.25 13.16
N PHE A 146 6.96 -38.22 11.92
CA PHE A 146 7.88 -39.26 11.44
C PHE A 146 9.16 -39.41 12.29
N GLN A 147 9.88 -38.30 12.52
CA GLN A 147 11.05 -38.34 13.38
C GLN A 147 10.75 -39.00 14.75
N GLY A 148 9.62 -38.66 15.36
CA GLY A 148 9.19 -39.23 16.68
C GLY A 148 8.98 -40.73 16.51
N MET A 149 8.29 -41.13 15.47
CA MET A 149 8.03 -42.58 15.29
C MET A 149 9.35 -43.36 15.25
N VAL A 150 10.25 -42.93 14.38
CA VAL A 150 11.52 -43.64 14.23
C VAL A 150 12.28 -43.61 15.59
N GLN A 151 12.39 -42.44 16.20
CA GLN A 151 13.10 -42.35 17.48
C GLN A 151 12.51 -43.24 18.57
N HIS A 152 11.18 -43.33 18.62
CA HIS A 152 10.59 -44.18 19.67
C HIS A 152 10.91 -45.65 19.39
N THR A 153 10.86 -46.05 18.12
CA THR A 153 11.21 -47.43 17.84
C THR A 153 12.66 -47.76 18.24
N GLU A 154 13.56 -46.82 17.95
CA GLU A 154 14.96 -47.00 18.27
C GLU A 154 15.14 -47.07 19.79
N GLU A 155 14.51 -46.13 20.49
CA GLU A 155 14.81 -46.04 21.93
C GLU A 155 14.17 -47.18 22.70
N LEU A 156 12.96 -47.59 22.27
CA LEU A 156 12.30 -48.78 22.89
C LEU A 156 13.10 -50.04 22.63
N ALA A 157 13.57 -50.20 21.39
CA ALA A 157 14.41 -51.36 21.14
C ALA A 157 15.68 -51.39 22.01
N GLN A 158 16.35 -50.25 22.13
CA GLN A 158 17.59 -50.09 22.88
C GLN A 158 17.35 -50.37 24.38
N ALA A 159 16.17 -50.00 24.85
CA ALA A 159 15.78 -50.15 26.27
C ALA A 159 15.30 -51.59 26.55
N GLY A 160 15.07 -52.37 25.50
CA GLY A 160 14.57 -53.73 25.65
C GLY A 160 13.09 -53.78 26.01
N VAL A 161 12.32 -52.75 25.64
CA VAL A 161 10.88 -52.74 25.95
C VAL A 161 10.17 -53.35 24.76
N PRO A 162 9.40 -54.43 24.98
CA PRO A 162 8.68 -55.00 23.79
C PRO A 162 7.64 -54.02 23.28
N PHE A 163 7.53 -53.85 21.95
CA PHE A 163 6.50 -52.86 21.47
C PHE A 163 5.83 -53.32 20.23
N ILE A 164 4.57 -52.88 20.09
CA ILE A 164 3.82 -53.00 18.85
C ILE A 164 4.23 -51.84 17.96
N PHE A 165 4.58 -52.13 16.71
CA PHE A 165 4.78 -51.08 15.74
C PHE A 165 3.52 -50.96 14.94
N ASP A 166 2.99 -49.74 14.89
CA ASP A 166 1.63 -49.50 14.41
C ASP A 166 1.72 -48.27 13.46
N PRO A 167 2.28 -48.47 12.28
CA PRO A 167 2.55 -47.29 11.44
C PRO A 167 1.33 -46.50 10.95
N GLY A 168 0.25 -47.22 10.68
CA GLY A 168 -1.04 -46.61 10.38
C GLY A 168 -0.94 -45.54 9.33
N GLN A 169 -1.56 -44.37 9.65
CA GLN A 169 -1.53 -43.18 8.77
C GLN A 169 -0.14 -42.61 8.52
N GLY A 170 0.82 -42.97 9.37
CA GLY A 170 2.22 -42.67 9.14
C GLY A 170 2.95 -43.45 8.06
N LEU A 171 2.34 -44.53 7.54
CA LEU A 171 2.98 -45.39 6.56
C LEU A 171 3.61 -44.69 5.34
N PRO A 172 2.92 -43.68 4.75
CA PRO A 172 3.47 -42.99 3.56
C PRO A 172 4.83 -42.33 3.80
N LEU A 173 5.15 -42.06 5.06
CA LEU A 173 6.38 -41.34 5.43
C LEU A 173 7.57 -42.30 5.47
N PHE A 174 7.29 -43.61 5.45
CA PHE A 174 8.31 -44.65 5.54
C PHE A 174 8.77 -45.15 4.19
N ASP A 175 10.08 -45.20 3.96
CA ASP A 175 10.56 -45.98 2.85
C ASP A 175 10.73 -47.46 3.20
N GLY A 176 11.02 -48.29 2.18
CA GLY A 176 11.22 -49.72 2.38
C GLY A 176 12.27 -50.06 3.45
N ALA A 177 13.43 -49.42 3.34
CA ALA A 177 14.54 -49.73 4.25
C ALA A 177 14.12 -49.40 5.70
N THR A 178 13.46 -48.26 5.92
CA THR A 178 13.11 -47.85 7.27
C THR A 178 11.99 -48.73 7.80
N LEU A 179 11.08 -49.14 6.91
CA LEU A 179 9.98 -49.95 7.32
C LEU A 179 10.49 -51.38 7.65
N ARG A 180 11.41 -51.91 6.84
CA ARG A 180 12.02 -53.21 7.12
C ARG A 180 12.68 -53.16 8.50
N ARG A 181 13.47 -52.12 8.72
CA ARG A 181 14.19 -51.98 10.00
C ARG A 181 13.26 -51.86 11.17
N SER A 182 12.21 -51.07 11.01
CA SER A 182 11.23 -50.89 12.07
C SER A 182 10.58 -52.20 12.46
N ILE A 183 10.23 -53.03 11.47
CA ILE A 183 9.70 -54.36 11.75
C ILE A 183 10.70 -55.28 12.45
N GLU A 184 11.96 -55.17 12.06
CA GLU A 184 12.99 -55.99 12.69
C GLU A 184 13.09 -55.62 14.18
N LEU A 185 12.99 -54.34 14.50
CA LEU A 185 13.18 -53.90 15.89
C LEU A 185 11.94 -54.19 16.73
N ALA A 186 10.79 -54.21 16.06
CA ALA A 186 9.50 -54.32 16.75
C ALA A 186 9.26 -55.75 17.25
N THR A 187 8.44 -55.88 18.31
CA THR A 187 8.05 -57.22 18.80
C THR A 187 6.75 -57.67 18.17
N TYR A 188 5.90 -56.72 17.80
CA TYR A 188 4.64 -57.10 17.12
C TYR A 188 4.39 -56.02 16.08
N ILE A 189 3.56 -56.32 15.08
CA ILE A 189 3.11 -55.27 14.16
C ILE A 189 1.58 -55.39 14.02
N ALA A 190 0.90 -54.24 14.05
CA ALA A 190 -0.56 -54.19 13.87
C ALA A 190 -0.84 -53.25 12.71
N VAL A 191 -1.66 -53.75 11.80
CA VAL A 191 -2.06 -52.97 10.62
C VAL A 191 -3.48 -53.36 10.23
N ASN A 192 -4.18 -52.55 9.43
CA ASN A 192 -5.38 -53.10 8.78
C ASN A 192 -5.05 -53.86 7.49
N ASP A 193 -6.05 -54.48 6.88
CA ASP A 193 -5.75 -55.34 5.72
C ASP A 193 -5.20 -54.56 4.48
N TYR A 194 -5.66 -53.33 4.29
CA TYR A 194 -5.16 -52.48 3.21
C TYR A 194 -3.67 -52.13 3.47
N GLU A 195 -3.37 -51.79 4.72
CA GLU A 195 -2.04 -51.44 5.16
C GLU A 195 -1.12 -52.63 5.09
N ALA A 196 -1.62 -53.83 5.42
CA ALA A 196 -0.78 -55.05 5.29
C ALA A 196 -0.27 -55.20 3.84
N LYS A 197 -1.13 -54.96 2.85
CA LYS A 197 -0.66 -55.03 1.47
C LYS A 197 0.41 -53.97 1.13
N LEU A 198 0.15 -52.73 1.55
CA LEU A 198 1.10 -51.65 1.38
C LEU A 198 2.44 -51.98 2.00
N VAL A 199 2.42 -52.53 3.22
CA VAL A 199 3.66 -52.97 3.90
C VAL A 199 4.39 -54.09 3.13
N CYS A 200 3.65 -55.13 2.66
CA CYS A 200 4.26 -56.17 1.85
C CYS A 200 4.91 -55.54 0.64
N ASP A 201 4.23 -54.58 0.02
CA ASP A 201 4.81 -54.03 -1.21
C ASP A 201 6.03 -53.11 -0.98
N LYS A 202 5.96 -52.30 0.06
CA LYS A 202 7.07 -51.39 0.38
C LYS A 202 8.34 -52.16 0.82
N THR A 203 8.15 -53.19 1.64
CA THR A 203 9.29 -54.00 2.14
C THR A 203 9.80 -55.07 1.19
N GLY A 204 8.95 -55.57 0.25
CA GLY A 204 9.27 -56.71 -0.54
C GLY A 204 9.26 -58.00 0.27
N TRP A 205 8.58 -57.98 1.43
CA TRP A 205 8.33 -59.20 2.23
C TRP A 205 6.88 -59.64 2.11
N SER A 206 6.66 -60.96 2.06
CA SER A 206 5.29 -61.44 2.20
C SER A 206 4.82 -61.34 3.63
N GLU A 207 3.52 -61.60 3.86
CA GLU A 207 3.01 -61.59 5.23
C GLU A 207 3.75 -62.63 6.09
N ASP A 208 4.03 -63.80 5.52
CA ASP A 208 4.76 -64.81 6.26
C ASP A 208 6.15 -64.32 6.64
N GLU A 209 6.84 -63.69 5.68
CA GLU A 209 8.15 -63.13 5.98
C GLU A 209 8.11 -62.07 7.09
N ILE A 210 7.09 -61.22 7.09
CA ILE A 210 6.97 -60.19 8.07
C ILE A 210 6.71 -60.85 9.45
N ALA A 211 5.80 -61.83 9.48
CA ALA A 211 5.48 -62.51 10.76
C ALA A 211 6.72 -63.24 11.32
N SER A 212 7.65 -63.66 10.46
CA SER A 212 8.86 -64.35 10.90
C SER A 212 9.78 -63.41 11.68
N ARG A 213 9.59 -62.12 11.50
CA ARG A 213 10.49 -61.14 12.11
C ARG A 213 9.91 -60.49 13.35
N VAL A 214 8.74 -60.97 13.80
CA VAL A 214 8.07 -60.48 15.02
C VAL A 214 7.41 -61.68 15.76
N GLN A 215 6.94 -61.42 16.97
CA GLN A 215 6.17 -62.43 17.67
C GLN A 215 4.77 -62.62 17.07
N ALA A 216 4.20 -61.54 16.53
CA ALA A 216 2.86 -61.64 15.92
C ALA A 216 2.68 -60.49 14.96
N LEU A 217 2.11 -60.82 13.81
CA LEU A 217 1.60 -59.81 12.86
C LEU A 217 0.08 -59.84 13.01
N ILE A 218 -0.51 -58.70 13.36
CA ILE A 218 -1.96 -58.65 13.62
C ILE A 218 -2.56 -57.78 12.51
N ILE A 219 -3.52 -58.36 11.79
CA ILE A 219 -4.13 -57.69 10.64
C ILE A 219 -5.63 -57.59 10.92
N THR A 220 -6.09 -56.36 11.04
CA THR A 220 -7.54 -56.12 11.20
C THR A 220 -8.25 -56.12 9.85
N ARG A 221 -9.50 -56.59 9.85
CA ARG A 221 -10.29 -56.78 8.63
C ARG A 221 -11.68 -56.13 8.79
N GLY A 222 -11.76 -55.05 9.54
CA GLY A 222 -12.99 -54.28 9.62
C GLY A 222 -14.07 -55.14 10.23
N GLU A 223 -15.22 -55.22 9.57
CA GLU A 223 -16.39 -55.94 10.09
C GLU A 223 -16.21 -57.44 9.94
N HIS A 224 -15.10 -57.87 9.32
CA HIS A 224 -14.78 -59.28 9.14
C HIS A 224 -13.79 -59.84 10.18
N GLY A 225 -13.46 -59.06 11.19
CA GLY A 225 -12.68 -59.56 12.30
C GLY A 225 -11.22 -59.28 12.06
N ALA A 226 -10.36 -60.25 12.36
CA ALA A 226 -8.90 -60.01 12.39
C ALA A 226 -8.15 -61.32 12.26
N THR A 227 -6.88 -61.23 11.89
CA THR A 227 -6.04 -62.40 11.75
C THR A 227 -4.78 -62.11 12.59
N ILE A 228 -4.32 -63.09 13.36
CA ILE A 228 -3.06 -62.96 14.10
C ILE A 228 -2.12 -64.06 13.63
N ARG A 229 -1.06 -63.65 12.91
CA ARG A 229 -0.16 -64.57 12.29
C ARG A 229 1.06 -64.64 13.17
N HIS A 230 1.39 -65.84 13.61
CA HIS A 230 2.42 -65.91 14.61
C HIS A 230 3.31 -67.06 14.37
N ARG A 231 4.04 -67.37 15.44
CA ARG A 231 5.21 -68.23 15.27
C ARG A 231 4.77 -69.57 14.71
N ASP A 232 3.88 -70.22 15.43
CA ASP A 232 3.60 -71.58 15.10
C ASP A 232 2.31 -71.79 14.30
N GLY A 233 1.68 -70.70 13.85
CA GLY A 233 0.32 -70.82 13.34
C GLY A 233 -0.32 -69.48 13.21
N THR A 234 -1.61 -69.49 12.86
CA THR A 234 -2.36 -68.26 12.65
C THR A 234 -3.71 -68.42 13.35
N GLU A 235 -4.11 -67.40 14.10
CA GLU A 235 -5.43 -67.34 14.72
C GLU A 235 -6.36 -66.50 13.86
N GLN A 236 -7.55 -67.03 13.53
CA GLN A 236 -8.56 -66.18 12.90
C GLN A 236 -9.52 -65.70 13.96
N ILE A 237 -9.64 -64.38 14.11
CA ILE A 237 -10.41 -63.80 15.17
C ILE A 237 -11.77 -63.40 14.62
N PRO A 238 -12.86 -63.89 15.20
CA PRO A 238 -14.18 -63.42 14.68
C PRO A 238 -14.47 -61.97 14.99
N ALA A 239 -15.26 -61.30 14.14
CA ALA A 239 -15.81 -59.99 14.49
C ALA A 239 -16.91 -60.26 15.50
N VAL A 240 -17.21 -59.23 16.29
CA VAL A 240 -18.33 -59.24 17.19
C VAL A 240 -19.36 -58.35 16.51
N ARG A 241 -20.58 -58.80 16.43
CA ARG A 241 -21.66 -57.98 15.90
C ARG A 241 -21.83 -56.67 16.69
N ALA A 242 -21.87 -55.55 15.98
CA ALA A 242 -22.13 -54.24 16.66
C ALA A 242 -23.59 -54.07 17.04
N GLU A 243 -23.82 -53.35 18.15
CA GLU A 243 -25.20 -53.08 18.54
C GLU A 243 -25.84 -52.01 17.63
N ARG A 244 -25.02 -51.10 17.11
CA ARG A 244 -25.46 -50.15 16.07
C ARG A 244 -24.13 -49.66 15.45
N VAL A 245 -24.23 -49.10 14.25
CA VAL A 245 -23.03 -48.59 13.58
C VAL A 245 -23.16 -47.10 13.37
N ILE A 246 -22.34 -46.34 14.12
CA ILE A 246 -22.52 -44.90 14.18
C ILE A 246 -21.29 -44.24 13.55
N ASP A 247 -20.11 -44.73 13.86
CA ASP A 247 -18.87 -44.02 13.44
C ASP A 247 -17.66 -44.92 13.53
N PRO A 248 -16.97 -45.19 12.40
CA PRO A 248 -15.78 -46.04 12.55
C PRO A 248 -14.54 -45.36 13.14
N THR A 249 -14.58 -44.03 13.32
CA THR A 249 -13.38 -43.32 13.76
C THR A 249 -12.88 -43.79 15.11
N GLY A 250 -11.67 -44.33 15.11
CA GLY A 250 -11.07 -44.86 16.36
C GLY A 250 -11.29 -46.34 16.62
N CYS A 251 -12.02 -47.03 15.75
CA CYS A 251 -12.19 -48.49 15.90
C CYS A 251 -10.86 -49.24 16.01
N GLY A 252 -9.90 -48.95 15.14
CA GLY A 252 -8.58 -49.59 15.21
C GLY A 252 -7.85 -49.33 16.53
N ASP A 253 -7.98 -48.08 17.05
CA ASP A 253 -7.35 -47.79 18.30
C ASP A 253 -7.96 -48.48 19.50
N ALA A 254 -9.30 -48.58 19.52
CA ALA A 254 -9.90 -49.40 20.55
C ALA A 254 -9.42 -50.83 20.51
N PHE A 255 -9.37 -51.40 19.29
CA PHE A 255 -8.84 -52.75 19.10
C PHE A 255 -7.40 -52.84 19.69
N ARG A 256 -6.55 -51.85 19.39
CA ARG A 256 -5.18 -51.85 19.90
C ARG A 256 -5.10 -51.80 21.42
N GLY A 257 -6.01 -51.06 22.03
CA GLY A 257 -6.09 -51.03 23.50
C GLY A 257 -6.37 -52.43 24.06
N GLY A 258 -7.33 -53.14 23.46
CA GLY A 258 -7.66 -54.49 23.89
C GLY A 258 -6.50 -55.43 23.67
N LEU A 259 -5.82 -55.28 22.52
CA LEU A 259 -4.68 -56.12 22.26
C LEU A 259 -3.54 -55.87 23.31
N LEU A 260 -3.24 -54.61 23.64
CA LEU A 260 -2.18 -54.31 24.61
C LEU A 260 -2.52 -54.86 25.99
N TYR A 261 -3.80 -54.75 26.40
CA TYR A 261 -4.21 -55.32 27.67
C TYR A 261 -3.98 -56.83 27.68
N GLY A 262 -4.33 -57.49 26.59
CA GLY A 262 -4.18 -58.94 26.55
C GLY A 262 -2.71 -59.35 26.58
N ILE A 263 -1.90 -58.62 25.82
CA ILE A 263 -0.47 -58.91 25.85
C ILE A 263 0.10 -58.79 27.26
N GLU A 264 -0.13 -57.63 27.87
CA GLU A 264 0.30 -57.37 29.24
C GLU A 264 -0.09 -58.42 30.24
N HIS A 265 -1.34 -58.89 30.16
CA HIS A 265 -1.84 -59.92 31.03
C HIS A 265 -1.61 -61.37 30.57
N GLY A 266 -0.77 -61.58 29.57
CA GLY A 266 -0.42 -62.94 29.14
C GLY A 266 -1.54 -63.80 28.58
N PHE A 267 -2.55 -63.17 27.99
CA PHE A 267 -3.63 -63.86 27.30
C PHE A 267 -3.08 -64.59 26.10
N ASP A 268 -3.66 -65.74 25.80
CA ASP A 268 -3.28 -66.37 24.55
C ASP A 268 -3.73 -65.50 23.40
N TRP A 269 -3.16 -65.68 22.20
CA TRP A 269 -3.53 -64.79 21.08
C TRP A 269 -5.00 -64.86 20.73
N ALA A 270 -5.57 -66.06 20.78
CA ALA A 270 -7.02 -66.22 20.49
C ALA A 270 -7.89 -65.29 21.39
N THR A 271 -7.57 -65.26 22.69
CA THR A 271 -8.29 -64.39 23.68
C THR A 271 -7.95 -62.91 23.53
N ALA A 272 -6.66 -62.59 23.36
CA ALA A 272 -6.25 -61.20 23.20
C ALA A 272 -6.90 -60.61 21.93
N GLY A 273 -6.98 -61.42 20.86
CA GLY A 273 -7.60 -60.97 19.62
C GLY A 273 -9.10 -60.75 19.78
N ARG A 274 -9.76 -61.67 20.44
CA ARG A 274 -11.20 -61.52 20.70
C ARG A 274 -11.48 -60.28 21.57
N LEU A 275 -10.67 -60.05 22.59
CA LEU A 275 -10.89 -58.85 23.39
C LEU A 275 -10.77 -57.59 22.55
N ALA A 276 -9.71 -57.55 21.74
CA ALA A 276 -9.50 -56.43 20.80
C ALA A 276 -10.72 -56.25 19.85
N SER A 277 -11.19 -57.36 19.28
CA SER A 277 -12.33 -57.36 18.39
C SER A 277 -13.58 -56.81 19.10
N LEU A 278 -13.75 -57.19 20.35
CA LEU A 278 -14.88 -56.69 21.16
C LEU A 278 -14.78 -55.19 21.36
N MET A 279 -13.59 -54.72 21.73
CA MET A 279 -13.44 -53.26 21.92
C MET A 279 -13.79 -52.50 20.66
N GLY A 280 -13.36 -53.03 19.54
CA GLY A 280 -13.67 -52.37 18.25
C GLY A 280 -15.18 -52.29 18.00
N ALA A 281 -15.89 -53.39 18.28
CA ALA A 281 -17.34 -53.46 18.12
C ALA A 281 -18.09 -52.49 19.03
N LEU A 282 -17.59 -52.35 20.26
CA LEU A 282 -18.21 -51.37 21.17
C LEU A 282 -17.99 -49.93 20.67
N LYS A 283 -16.79 -49.67 20.16
CA LYS A 283 -16.42 -48.34 19.71
C LYS A 283 -17.34 -47.89 18.57
N ILE A 284 -17.55 -48.76 17.60
CA ILE A 284 -18.30 -48.35 16.41
C ILE A 284 -19.75 -47.89 16.68
N ALA A 285 -20.30 -48.30 17.83
CA ALA A 285 -21.65 -47.93 18.21
C ALA A 285 -21.76 -46.48 18.74
N HIS A 286 -20.67 -45.72 18.73
CA HIS A 286 -20.65 -44.41 19.33
C HIS A 286 -19.90 -43.42 18.45
N GLN A 287 -20.27 -42.15 18.57
CA GLN A 287 -19.57 -41.03 17.84
C GLN A 287 -18.17 -40.73 18.30
N GLY A 288 -17.23 -40.58 17.36
CA GLY A 288 -15.90 -40.24 17.78
C GLY A 288 -15.12 -41.40 18.40
N PRO A 289 -13.84 -41.18 18.64
CA PRO A 289 -13.08 -42.30 19.11
C PRO A 289 -13.26 -42.68 20.58
N GLN A 290 -13.70 -41.74 21.42
CA GLN A 290 -13.65 -42.04 22.90
C GLN A 290 -14.95 -41.85 23.65
N THR A 291 -16.09 -41.82 22.97
CA THR A 291 -17.33 -41.63 23.70
C THR A 291 -17.92 -42.93 24.20
N TYR A 292 -17.52 -44.04 23.57
CA TYR A 292 -17.95 -45.35 24.09
C TYR A 292 -17.40 -45.47 25.53
N ALA A 293 -18.22 -46.02 26.46
CA ALA A 293 -17.77 -45.97 27.89
C ALA A 293 -18.21 -47.25 28.62
N PRO A 294 -17.77 -48.42 28.13
CA PRO A 294 -18.07 -49.63 28.89
C PRO A 294 -17.30 -49.70 30.22
N THR A 295 -17.87 -50.40 31.18
CA THR A 295 -17.12 -50.69 32.40
C THR A 295 -16.32 -52.01 32.23
N ARG A 296 -15.40 -52.27 33.16
CA ARG A 296 -14.68 -53.53 33.02
CA ARG A 296 -14.66 -53.56 33.16
C ARG A 296 -15.59 -54.75 33.25
N ALA A 297 -16.50 -54.68 34.27
CA ALA A 297 -17.45 -55.74 34.51
C ALA A 297 -18.26 -56.00 33.24
N GLU A 298 -18.62 -54.91 32.54
CA GLU A 298 -19.38 -55.02 31.27
C GLU A 298 -18.61 -55.73 30.18
N ILE A 299 -17.33 -55.37 30.05
CA ILE A 299 -16.51 -55.99 29.05
C ILE A 299 -16.38 -57.48 29.35
N ASP A 300 -16.14 -57.84 30.61
CA ASP A 300 -16.04 -59.28 30.95
C ASP A 300 -17.30 -60.06 30.63
N ALA A 301 -18.46 -59.50 30.97
CA ALA A 301 -19.74 -60.13 30.70
C ALA A 301 -20.02 -60.20 29.20
N ARG A 302 -19.75 -59.11 28.47
CA ARG A 302 -19.90 -59.18 27.00
C ARG A 302 -18.99 -60.19 26.32
N PHE A 303 -17.75 -60.25 26.82
CA PHE A 303 -16.82 -61.22 26.29
C PHE A 303 -17.38 -62.65 26.46
N GLU A 304 -17.89 -62.96 27.65
CA GLU A 304 -18.48 -64.28 27.87
C GLU A 304 -19.68 -64.55 26.96
N THR A 305 -20.52 -63.52 26.79
CA THR A 305 -21.68 -63.61 25.93
C THR A 305 -21.31 -63.88 24.47
N ALA A 306 -20.31 -63.18 23.98
CA ALA A 306 -19.89 -63.30 22.59
C ALA A 306 -19.11 -64.57 22.37
N PHE A 307 -18.20 -64.88 23.29
CA PHE A 307 -17.16 -65.88 23.01
C PHE A 307 -17.29 -67.21 23.72
N GLY A 308 -18.13 -67.26 24.74
CA GLY A 308 -18.42 -68.53 25.40
C GLY A 308 -17.58 -68.79 26.63
N TYR A 309 -16.68 -67.88 26.97
CA TYR A 309 -15.76 -68.08 28.09
C TYR A 309 -15.29 -66.74 28.64
N ARG A 310 -14.69 -66.78 29.82
CA ARG A 310 -14.18 -65.58 30.45
C ARG A 310 -12.65 -65.48 30.22
N PRO A 311 -12.14 -64.27 29.94
CA PRO A 311 -10.68 -64.07 29.70
C PRO A 311 -9.81 -64.07 30.97
N ALA B 2 21.27 -13.66 4.52
CA ALA B 2 20.03 -13.08 5.12
C ALA B 2 20.28 -11.74 5.85
N THR B 3 19.19 -11.06 6.13
CA THR B 3 19.24 -9.73 6.77
C THR B 3 18.52 -9.79 8.13
N LEU B 4 19.21 -9.38 9.17
CA LEU B 4 18.64 -9.39 10.55
C LEU B 4 17.98 -8.07 10.79
N ILE B 5 16.72 -8.14 11.23
CA ILE B 5 15.88 -6.90 11.34
C ILE B 5 15.56 -6.74 12.81
N CYS B 6 16.34 -5.89 13.50
CA CYS B 6 16.19 -5.77 14.95
C CYS B 6 15.30 -4.57 15.25
N GLY B 7 14.19 -4.79 15.94
CA GLY B 7 13.37 -3.64 16.32
C GLY B 7 12.04 -4.08 16.91
N SER B 8 11.16 -3.11 17.12
CA SER B 8 9.89 -3.45 17.83
C SER B 8 8.98 -4.35 16.97
N ILE B 9 8.12 -5.12 17.66
CA ILE B 9 7.07 -5.91 16.99
C ILE B 9 5.85 -5.59 17.79
N ALA B 10 4.82 -5.02 17.14
CA ALA B 10 3.77 -4.37 17.95
C ALA B 10 2.46 -4.43 17.24
N TYR B 11 1.35 -4.32 17.96
CA TYR B 11 0.08 -4.07 17.34
C TYR B 11 -0.19 -2.56 17.34
N ASP B 12 -0.62 -2.06 16.17
CA ASP B 12 -0.85 -0.60 16.02
C ASP B 12 -2.36 -0.37 16.04
N ASN B 13 -2.76 0.68 16.74
CA ASN B 13 -4.15 1.06 16.83
C ASN B 13 -4.15 2.42 16.25
N ILE B 14 -4.69 2.57 15.03
CA ILE B 14 -4.47 3.79 14.26
C ILE B 14 -5.74 4.62 14.19
N MET B 15 -5.61 5.89 14.60
CA MET B 15 -6.79 6.80 14.76
C MET B 15 -6.51 8.07 13.94
N THR B 16 -7.51 8.73 13.36
CA THR B 16 -7.21 10.00 12.69
C THR B 16 -7.65 11.20 13.55
N PHE B 17 -6.91 12.31 13.44
CA PHE B 17 -7.38 13.56 14.04
C PHE B 17 -7.77 14.61 12.98
N GLU B 18 -9.06 14.94 12.91
CA GLU B 18 -9.53 16.04 12.05
C GLU B 18 -9.16 17.36 12.71
N GLY B 19 -7.94 17.82 12.49
CA GLY B 19 -7.50 19.09 13.04
C GLY B 19 -6.04 19.14 12.73
N ARG B 20 -5.34 20.19 13.15
CA ARG B 20 -3.90 20.13 13.06
C ARG B 20 -3.31 20.26 14.45
N PHE B 21 -2.40 19.34 14.76
CA PHE B 21 -1.63 19.35 16.00
C PHE B 21 -0.91 20.71 16.19
N ARG B 22 -0.46 21.33 15.09
CA ARG B 22 0.29 22.61 15.11
C ARG B 22 -0.46 23.75 15.81
N GLU B 23 -1.78 23.61 15.93
CA GLU B 23 -2.58 24.53 16.74
C GLU B 23 -3.23 23.80 17.92
N HIS B 24 -2.43 23.59 18.99
CA HIS B 24 -2.81 22.82 20.20
C HIS B 24 -4.29 22.90 20.59
N HIS B 31 -4.65 25.96 35.61
CA HIS B 31 -5.16 24.65 36.01
C HIS B 31 -4.48 23.53 35.24
N LEU B 32 -4.58 22.31 35.74
CA LEU B 32 -4.01 21.14 35.05
C LEU B 32 -4.67 21.02 33.65
N ILE B 33 -3.91 20.63 32.64
CA ILE B 33 -4.53 20.44 31.33
C ILE B 33 -5.32 19.12 31.38
N ASN B 34 -6.58 19.20 30.95
CA ASN B 34 -7.43 18.04 30.82
C ASN B 34 -8.24 18.13 29.54
N LEU B 35 -7.64 17.71 28.43
CA LEU B 35 -8.35 17.72 27.18
C LEU B 35 -8.77 16.31 26.75
N SER B 36 -9.92 16.25 26.10
CA SER B 36 -10.47 15.02 25.54
C SER B 36 -10.86 15.24 24.09
N PHE B 37 -10.55 14.30 23.22
CA PHE B 37 -10.98 14.42 21.82
C PHE B 37 -11.51 13.12 21.26
N LEU B 38 -12.54 13.23 20.46
CA LEU B 38 -13.26 12.08 19.96
C LEU B 38 -12.52 11.47 18.80
N VAL B 39 -12.29 10.16 18.85
CA VAL B 39 -11.69 9.40 17.74
C VAL B 39 -12.75 8.39 17.26
N PRO B 40 -13.51 8.73 16.22
CA PRO B 40 -14.66 7.87 15.94
C PRO B 40 -14.22 6.53 15.35
N THR B 41 -13.11 6.52 14.63
CA THR B 41 -12.68 5.26 14.11
C THR B 41 -11.23 4.95 14.49
N MET B 42 -11.03 3.68 14.78
CA MET B 42 -9.72 3.17 15.04
C MET B 42 -9.59 1.92 14.15
N ARG B 43 -8.41 1.72 13.58
CA ARG B 43 -8.15 0.46 12.86
C ARG B 43 -6.93 -0.22 13.52
N ARG B 44 -7.07 -1.51 13.78
CA ARG B 44 -5.98 -2.28 14.34
C ARG B 44 -5.19 -2.93 13.24
N GLU B 45 -3.86 -2.91 13.37
CA GLU B 45 -3.02 -3.40 12.29
C GLU B 45 -1.78 -4.03 12.88
N PHE B 46 -1.15 -4.93 12.11
CA PHE B 46 0.14 -5.45 12.48
C PHE B 46 1.21 -4.39 12.23
N GLY B 47 2.05 -4.15 13.24
CA GLY B 47 3.06 -3.08 13.14
C GLY B 47 4.34 -3.44 13.91
N GLY B 48 4.99 -2.39 14.41
CA GLY B 48 6.34 -2.58 14.97
C GLY B 48 7.37 -2.36 13.85
N CYS B 49 8.46 -1.68 14.18
CA CYS B 49 9.50 -1.34 13.19
C CYS B 49 10.10 -2.61 12.56
N ALA B 50 10.40 -3.64 13.34
CA ALA B 50 10.96 -4.82 12.75
C ALA B 50 9.94 -5.57 11.88
N GLY B 51 8.72 -5.69 12.36
CA GLY B 51 7.70 -6.35 11.52
C GLY B 51 7.51 -5.62 10.17
N ASN B 52 7.51 -4.27 10.22
CA ASN B 52 7.25 -3.43 9.03
C ASN B 52 8.39 -3.58 8.06
N ILE B 53 9.62 -3.45 8.59
CA ILE B 53 10.79 -3.47 7.70
C ILE B 53 10.94 -4.88 7.10
N ALA B 54 10.72 -5.92 7.92
CA ALA B 54 10.76 -7.31 7.36
C ALA B 54 9.67 -7.57 6.30
N TYR B 55 8.48 -7.03 6.54
CA TYR B 55 7.39 -7.13 5.56
C TYR B 55 7.84 -6.52 4.22
N ALA B 56 8.47 -5.33 4.24
CA ALA B 56 8.91 -4.72 2.98
C ALA B 56 9.97 -5.55 2.28
N LEU B 57 10.96 -6.01 3.07
CA LEU B 57 12.04 -6.75 2.47
C LEU B 57 11.50 -8.03 1.89
N ASN B 58 10.52 -8.61 2.58
CA ASN B 58 9.87 -9.86 2.11
C ASN B 58 9.14 -9.61 0.78
N LEU B 59 8.50 -8.45 0.63
CA LEU B 59 7.76 -8.16 -0.61
C LEU B 59 8.73 -8.21 -1.78
N LEU B 60 9.95 -7.75 -1.50
CA LEU B 60 10.94 -7.57 -2.55
C LEU B 60 11.64 -8.85 -2.92
N GLY B 61 11.44 -9.87 -2.11
CA GLY B 61 12.09 -11.18 -2.28
C GLY B 61 13.35 -11.41 -1.47
N GLY B 62 13.64 -10.50 -0.54
CA GLY B 62 14.76 -10.62 0.41
C GLY B 62 14.44 -11.63 1.51
N ASP B 63 15.46 -11.98 2.28
CA ASP B 63 15.35 -12.99 3.32
C ASP B 63 15.50 -12.25 4.66
N ALA B 64 14.36 -11.93 5.26
CA ALA B 64 14.30 -11.05 6.41
C ALA B 64 14.16 -11.90 7.68
N ARG B 65 15.04 -11.70 8.63
CA ARG B 65 14.98 -12.47 9.89
C ARG B 65 14.73 -11.47 11.02
N MET B 66 13.48 -11.43 11.49
CA MET B 66 13.09 -10.53 12.55
C MET B 66 13.70 -10.93 13.87
N MET B 67 14.26 -9.94 14.56
CA MET B 67 14.67 -10.18 15.93
C MET B 67 13.94 -9.20 16.84
N GLY B 68 13.09 -9.71 17.76
CA GLY B 68 12.34 -8.83 18.63
C GLY B 68 11.59 -9.66 19.64
N THR B 69 10.92 -8.98 20.55
CA THR B 69 10.23 -9.67 21.61
C THR B 69 8.70 -9.42 21.54
N LEU B 70 7.91 -10.46 21.76
CA LEU B 70 6.47 -10.36 21.87
C LEU B 70 6.08 -10.86 23.23
N GLY B 71 4.81 -10.61 23.58
CA GLY B 71 4.33 -11.05 24.92
C GLY B 71 3.41 -12.24 24.73
N ALA B 72 3.51 -13.23 25.62
CA ALA B 72 2.74 -14.49 25.42
C ALA B 72 1.21 -14.34 25.57
N VAL B 73 0.79 -13.28 26.25
CA VAL B 73 -0.64 -13.04 26.33
C VAL B 73 -1.33 -12.90 24.97
N ASP B 74 -0.66 -12.25 24.02
CA ASP B 74 -1.30 -11.94 22.77
C ASP B 74 -0.38 -11.99 21.56
N ALA B 75 0.69 -12.78 21.67
CA ALA B 75 1.61 -12.88 20.52
C ALA B 75 1.07 -13.70 19.37
N GLN B 76 0.15 -14.63 19.65
CA GLN B 76 -0.19 -15.68 18.64
C GLN B 76 -0.64 -15.15 17.27
N PRO B 77 -1.50 -14.08 17.22
CA PRO B 77 -1.83 -13.58 15.86
C PRO B 77 -0.66 -13.16 15.02
N TYR B 78 0.33 -12.50 15.64
CA TYR B 78 1.52 -12.05 14.92
C TYR B 78 2.33 -13.30 14.52
N LEU B 79 2.47 -14.26 15.42
CA LEU B 79 3.19 -15.50 15.03
C LEU B 79 2.54 -16.18 13.83
N ASP B 80 1.21 -16.30 13.86
CA ASP B 80 0.51 -16.96 12.74
C ASP B 80 0.62 -16.18 11.45
N ARG B 81 0.55 -14.84 11.55
CA ARG B 81 0.81 -13.99 10.38
C ARG B 81 2.23 -14.19 9.82
N MET B 82 3.24 -14.25 10.70
CA MET B 82 4.61 -14.44 10.19
C MET B 82 4.68 -15.79 9.47
N ASP B 83 4.00 -16.79 10.05
CA ASP B 83 4.00 -18.14 9.45
C ASP B 83 3.34 -18.12 8.05
N ALA B 84 2.23 -17.37 7.92
CA ALA B 84 1.50 -17.24 6.65
C ALA B 84 2.35 -16.51 5.61
N LEU B 85 3.19 -15.58 6.07
CA LEU B 85 4.08 -14.82 5.16
C LEU B 85 5.39 -15.56 4.81
N GLY B 86 5.71 -16.58 5.57
CA GLY B 86 6.95 -17.34 5.35
C GLY B 86 8.12 -16.64 6.04
N LEU B 87 7.84 -15.80 7.04
CA LEU B 87 8.89 -15.07 7.79
C LEU B 87 9.38 -15.92 8.96
N SER B 88 10.69 -16.17 9.01
CA SER B 88 11.24 -17.02 10.05
C SER B 88 11.00 -16.41 11.43
N ARG B 89 10.54 -17.23 12.39
CA ARG B 89 10.48 -16.77 13.77
C ARG B 89 11.64 -17.13 14.68
N GLU B 90 12.79 -17.53 14.10
CA GLU B 90 13.89 -18.06 14.84
C GLU B 90 14.34 -17.08 15.90
N TYR B 91 14.27 -15.78 15.61
CA TYR B 91 14.77 -14.80 16.59
C TYR B 91 13.65 -13.94 17.20
N VAL B 92 12.43 -14.40 17.06
CA VAL B 92 11.27 -13.75 17.73
C VAL B 92 11.06 -14.46 19.06
N ARG B 93 11.29 -13.78 20.19
CA ARG B 93 11.15 -14.42 21.48
C ARG B 93 9.82 -14.00 22.11
N VAL B 94 9.10 -15.00 22.66
CA VAL B 94 7.75 -14.75 23.23
C VAL B 94 7.89 -14.92 24.74
N LEU B 95 7.65 -13.84 25.49
CA LEU B 95 7.92 -13.83 26.91
C LEU B 95 6.68 -14.15 27.71
N PRO B 96 6.75 -15.20 28.58
CA PRO B 96 5.62 -15.57 29.41
C PRO B 96 5.02 -14.39 30.22
N ASP B 97 3.70 -14.42 30.38
CA ASP B 97 2.95 -13.56 31.34
C ASP B 97 3.15 -12.09 31.04
N THR B 98 3.32 -11.78 29.75
CA THR B 98 3.71 -10.43 29.30
C THR B 98 2.81 -10.05 28.13
N TYR B 99 2.52 -8.75 28.02
CA TYR B 99 1.75 -8.25 26.84
C TYR B 99 2.67 -7.77 25.73
N SER B 100 2.24 -7.95 24.51
CA SER B 100 2.99 -7.44 23.35
C SER B 100 2.93 -5.92 23.30
N ALA B 101 3.92 -5.25 22.69
CA ALA B 101 3.87 -3.76 22.54
C ALA B 101 2.62 -3.35 21.74
N GLN B 102 2.06 -2.18 22.08
CA GLN B 102 0.84 -1.63 21.40
C GLN B 102 1.15 -0.16 21.16
N ALA B 103 0.92 0.29 19.91
CA ALA B 103 1.10 1.70 19.57
C ALA B 103 -0.27 2.29 19.40
N MET B 104 -0.48 3.44 20.02
CA MET B 104 -1.73 4.15 19.89
C MET B 104 -1.37 5.38 19.04
N ILE B 105 -1.75 5.34 17.77
CA ILE B 105 -1.20 6.24 16.77
C ILE B 105 -2.33 7.12 16.28
N THR B 106 -2.16 8.45 16.37
CA THR B 106 -3.21 9.41 16.04
C THR B 106 -2.64 10.32 14.94
N THR B 107 -3.36 10.45 13.81
CA THR B 107 -2.81 11.14 12.61
C THR B 107 -3.65 12.39 12.35
N ASP B 108 -3.00 13.53 12.08
CA ASP B 108 -3.74 14.77 11.71
C ASP B 108 -3.73 15.13 10.21
N LEU B 109 -4.45 16.20 9.87
CA LEU B 109 -4.72 16.52 8.47
C LEU B 109 -3.45 16.91 7.72
N ASP B 110 -2.41 17.35 8.44
CA ASP B 110 -1.04 17.60 7.90
C ASP B 110 -0.23 16.33 7.67
N ASN B 111 -0.81 15.18 8.03
CA ASN B 111 -0.09 13.91 8.11
C ASN B 111 1.01 13.85 9.18
N ASN B 112 0.91 14.74 10.17
CA ASN B 112 1.71 14.59 11.40
C ASN B 112 1.08 13.49 12.29
N GLN B 113 1.92 12.87 13.10
CA GLN B 113 1.43 11.84 14.02
C GLN B 113 1.97 12.04 15.44
N ILE B 114 1.11 11.82 16.42
CA ILE B 114 1.51 11.63 17.82
C ILE B 114 1.15 10.18 18.22
N THR B 115 2.13 9.48 18.78
CA THR B 115 1.94 8.06 19.23
C THR B 115 2.20 7.94 20.75
N ALA B 116 1.27 7.29 21.46
CA ALA B 116 1.52 6.80 22.84
C ALA B 116 1.96 5.36 22.62
N PHE B 117 3.20 5.03 22.97
CA PHE B 117 3.64 3.65 22.72
C PHE B 117 3.82 2.92 24.03
N HIS B 118 3.08 1.82 24.22
CA HIS B 118 3.17 0.98 25.41
C HIS B 118 4.13 -0.19 25.09
N PRO B 119 5.33 -0.17 25.69
CA PRO B 119 6.31 -1.14 25.20
C PRO B 119 6.01 -2.60 25.53
N GLY B 120 5.45 -2.89 26.73
CA GLY B 120 5.25 -4.32 27.10
C GLY B 120 6.52 -5.10 26.89
N ALA B 121 6.41 -6.25 26.22
CA ALA B 121 7.54 -7.16 25.98
C ALA B 121 8.75 -6.49 25.31
N MET B 122 8.53 -5.37 24.59
CA MET B 122 9.65 -4.66 23.97
C MET B 122 10.71 -4.25 24.99
N MET B 123 10.29 -4.01 26.23
CA MET B 123 11.22 -3.60 27.29
CA MET B 123 11.18 -3.63 27.31
C MET B 123 12.25 -4.70 27.58
N GLN B 124 11.97 -5.93 27.14
CA GLN B 124 12.88 -7.04 27.38
C GLN B 124 13.63 -7.44 26.10
N SER B 125 13.70 -6.53 25.13
CA SER B 125 14.24 -6.90 23.80
C SER B 125 15.72 -7.36 23.84
N HIS B 126 16.45 -6.94 24.86
CA HIS B 126 17.88 -7.34 25.05
C HIS B 126 18.06 -8.82 25.44
N VAL B 127 16.97 -9.54 25.68
CA VAL B 127 17.07 -11.02 25.79
C VAL B 127 17.60 -11.73 24.56
N ASN B 128 17.43 -11.11 23.38
CA ASN B 128 17.94 -11.64 22.10
C ASN B 128 19.32 -11.07 21.91
N HIS B 129 20.24 -11.95 21.50
CA HIS B 129 21.61 -11.55 21.20
C HIS B 129 21.93 -11.57 19.69
N ALA B 130 22.17 -10.39 19.14
CA ALA B 130 22.34 -10.24 17.71
C ALA B 130 23.58 -11.00 17.23
N GLY B 131 24.57 -11.14 18.11
CA GLY B 131 25.85 -11.76 17.76
C GLY B 131 25.69 -13.25 17.59
N GLU B 132 24.55 -13.78 18.05
CA GLU B 132 24.29 -15.21 18.00
C GLU B 132 23.51 -15.63 16.75
N ALA B 133 23.04 -14.66 15.95
CA ALA B 133 22.27 -14.93 14.73
C ALA B 133 23.20 -15.45 13.61
N LYS B 134 22.75 -16.46 12.87
CA LYS B 134 23.63 -17.19 11.91
C LYS B 134 23.29 -16.77 10.51
N ASP B 135 24.29 -16.75 9.62
CA ASP B 135 24.02 -16.55 8.17
C ASP B 135 23.56 -15.10 7.91
N ILE B 136 23.94 -14.19 8.80
CA ILE B 136 23.49 -12.79 8.62
C ILE B 136 24.60 -11.99 7.92
N LYS B 137 24.26 -11.39 6.78
CA LYS B 137 25.18 -10.57 5.99
C LYS B 137 25.00 -9.05 6.19
N LEU B 138 23.89 -8.65 6.80
CA LEU B 138 23.44 -7.23 6.87
C LEU B 138 22.37 -7.11 7.94
N ALA B 139 22.30 -5.99 8.66
CA ALA B 139 21.28 -5.85 9.70
C ALA B 139 20.81 -4.41 9.77
N ILE B 140 19.70 -4.19 10.48
CA ILE B 140 19.22 -2.82 10.83
C ILE B 140 18.93 -2.90 12.32
N VAL B 141 19.29 -1.85 13.05
CA VAL B 141 18.90 -1.69 14.47
C VAL B 141 17.97 -0.53 14.45
N GLY B 142 16.69 -0.85 14.66
CA GLY B 142 15.62 0.16 14.62
C GLY B 142 15.03 0.40 16.00
N PRO B 143 14.02 1.26 16.08
CA PRO B 143 13.42 1.60 17.36
C PRO B 143 13.02 0.35 18.15
N ASP B 144 13.39 0.30 19.44
CA ASP B 144 13.20 -0.91 20.23
C ASP B 144 13.36 -0.56 21.70
N GLY B 145 13.39 -1.54 22.61
CA GLY B 145 13.73 -1.23 23.98
C GLY B 145 15.15 -0.65 23.97
N PHE B 146 15.43 0.36 24.80
CA PHE B 146 16.73 1.07 24.77
C PHE B 146 17.94 0.12 24.98
N GLN B 147 17.88 -0.67 26.05
CA GLN B 147 18.93 -1.65 26.29
C GLN B 147 19.17 -2.59 25.08
N GLY B 148 18.09 -3.04 24.45
CA GLY B 148 18.15 -3.85 23.25
C GLY B 148 18.83 -3.15 22.10
N MET B 149 18.43 -1.89 21.84
CA MET B 149 19.07 -1.14 20.74
C MET B 149 20.60 -1.03 20.94
N VAL B 150 21.04 -0.65 22.15
CA VAL B 150 22.46 -0.47 22.41
C VAL B 150 23.16 -1.83 22.32
N GLN B 151 22.57 -2.85 22.93
CA GLN B 151 23.20 -4.17 22.92
C GLN B 151 23.34 -4.71 21.49
N HIS B 152 22.31 -4.51 20.66
CA HIS B 152 22.37 -5.05 19.29
C HIS B 152 23.44 -4.34 18.47
N THR B 153 23.54 -3.02 18.63
CA THR B 153 24.67 -2.31 17.98
C THR B 153 26.04 -2.87 18.38
N GLU B 154 26.25 -3.15 19.67
CA GLU B 154 27.52 -3.63 20.15
C GLU B 154 27.77 -5.04 19.66
N GLU B 155 26.74 -5.88 19.67
CA GLU B 155 26.93 -7.27 19.29
C GLU B 155 27.14 -7.45 17.78
N LEU B 156 26.42 -6.65 17.00
CA LEU B 156 26.61 -6.68 15.55
C LEU B 156 27.99 -6.21 15.15
N ALA B 157 28.43 -5.12 15.75
CA ALA B 157 29.78 -4.63 15.43
C ALA B 157 30.83 -5.72 15.77
N GLN B 158 30.68 -6.34 16.94
CA GLN B 158 31.56 -7.42 17.36
C GLN B 158 31.57 -8.59 16.41
N ALA B 159 30.39 -8.92 15.88
CA ALA B 159 30.26 -10.03 14.96
C ALA B 159 30.74 -9.64 13.54
N GLY B 160 31.02 -8.34 13.29
CA GLY B 160 31.42 -7.84 11.97
C GLY B 160 30.30 -7.75 10.93
N VAL B 161 29.07 -7.57 11.42
CA VAL B 161 27.91 -7.53 10.54
C VAL B 161 27.66 -6.06 10.28
N PRO B 162 27.75 -5.61 9.00
CA PRO B 162 27.45 -4.19 8.74
C PRO B 162 25.99 -3.90 9.05
N PHE B 163 25.71 -2.74 9.62
CA PHE B 163 24.29 -2.51 9.97
C PHE B 163 23.91 -1.05 9.74
N ILE B 164 22.63 -0.86 9.45
CA ILE B 164 22.02 0.47 9.45
C ILE B 164 21.59 0.80 10.88
N PHE B 165 22.01 1.96 11.39
CA PHE B 165 21.46 2.46 12.65
C PHE B 165 20.27 3.37 12.36
N ASP B 166 19.12 3.03 12.94
CA ASP B 166 17.85 3.67 12.60
C ASP B 166 17.17 4.00 13.94
N PRO B 167 17.64 5.05 14.62
CA PRO B 167 17.14 5.34 16.01
C PRO B 167 15.64 5.65 16.05
N GLY B 168 15.16 6.39 15.01
CA GLY B 168 13.69 6.66 14.82
C GLY B 168 13.05 7.16 16.09
N GLN B 169 11.91 6.53 16.45
CA GLN B 169 11.19 6.90 17.66
C GLN B 169 11.91 6.67 18.98
N GLY B 170 12.99 5.86 18.97
CA GLY B 170 13.83 5.61 20.10
C GLY B 170 14.83 6.73 20.43
N LEU B 171 14.95 7.69 19.52
CA LEU B 171 15.95 8.79 19.67
C LEU B 171 15.96 9.54 21.01
N PRO B 172 14.77 9.83 21.58
CA PRO B 172 14.77 10.50 22.88
C PRO B 172 15.40 9.67 24.02
N LEU B 173 15.46 8.36 23.87
CA LEU B 173 16.10 7.50 24.85
C LEU B 173 17.63 7.63 24.85
N PHE B 174 18.22 8.18 23.78
CA PHE B 174 19.70 8.29 23.67
C PHE B 174 20.31 9.57 24.21
N ASP B 175 21.38 9.48 25.00
CA ASP B 175 22.17 10.68 25.28
C ASP B 175 23.24 10.84 24.18
N GLY B 176 23.95 11.96 24.21
CA GLY B 176 24.99 12.24 23.21
C GLY B 176 26.04 11.15 23.11
N ALA B 177 26.53 10.66 24.25
CA ALA B 177 27.60 9.65 24.24
C ALA B 177 27.17 8.35 23.61
N THR B 178 25.96 7.88 23.96
CA THR B 178 25.44 6.66 23.42
C THR B 178 25.12 6.83 21.93
N LEU B 179 24.63 8.01 21.53
CA LEU B 179 24.40 8.26 20.12
C LEU B 179 25.69 8.29 19.30
N ARG B 180 26.72 8.96 19.84
CA ARG B 180 28.08 9.01 19.23
C ARG B 180 28.66 7.62 19.01
N ARG B 181 28.60 6.79 20.05
CA ARG B 181 29.09 5.39 19.93
C ARG B 181 28.28 4.58 18.90
N SER B 182 26.95 4.78 18.88
CA SER B 182 26.11 4.09 17.91
C SER B 182 26.46 4.44 16.49
N ILE B 183 26.75 5.72 16.23
CA ILE B 183 27.09 6.17 14.88
C ILE B 183 28.49 5.64 14.54
N GLU B 184 29.41 5.62 15.51
CA GLU B 184 30.76 5.08 15.26
C GLU B 184 30.67 3.62 14.86
N LEU B 185 29.84 2.86 15.55
CA LEU B 185 29.65 1.41 15.23
C LEU B 185 28.97 1.11 13.93
N ALA B 186 28.02 1.97 13.53
CA ALA B 186 27.12 1.71 12.42
C ALA B 186 27.89 1.81 11.12
N THR B 187 27.42 1.06 10.13
CA THR B 187 27.94 1.24 8.78
C THR B 187 27.11 2.26 8.01
N TYR B 188 25.83 2.41 8.37
CA TYR B 188 24.99 3.41 7.73
C TYR B 188 24.03 3.97 8.75
N ILE B 189 23.50 5.17 8.46
CA ILE B 189 22.49 5.73 9.39
C ILE B 189 21.34 6.18 8.53
N ALA B 190 20.10 5.88 8.96
CA ALA B 190 18.94 6.36 8.25
C ALA B 190 18.02 7.10 9.23
N VAL B 191 17.64 8.31 8.82
CA VAL B 191 16.86 9.19 9.68
C VAL B 191 15.99 10.04 8.75
N ASN B 192 14.90 10.59 9.27
CA ASN B 192 14.25 11.69 8.58
C ASN B 192 14.96 13.05 8.84
N ASP B 193 14.53 14.09 8.16
CA ASP B 193 15.26 15.36 8.27
C ASP B 193 15.17 16.03 9.63
N TYR B 194 14.01 15.90 10.29
CA TYR B 194 13.84 16.32 11.70
C TYR B 194 14.81 15.59 12.66
N GLU B 195 14.87 14.28 12.52
CA GLU B 195 15.77 13.42 13.32
C GLU B 195 17.21 13.74 13.05
N ALA B 196 17.52 14.02 11.79
CA ALA B 196 18.92 14.38 11.47
C ALA B 196 19.38 15.59 12.28
N LYS B 197 18.53 16.61 12.30
CA LYS B 197 18.81 17.78 13.10
C LYS B 197 18.95 17.47 14.60
N LEU B 198 18.01 16.70 15.15
CA LEU B 198 18.11 16.28 16.56
C LEU B 198 19.42 15.55 16.84
N VAL B 199 19.82 14.67 15.92
CA VAL B 199 21.04 13.88 16.10
C VAL B 199 22.29 14.79 16.06
N CYS B 200 22.32 15.74 15.14
CA CYS B 200 23.45 16.70 15.11
C CYS B 200 23.52 17.46 16.43
N ASP B 201 22.35 17.89 16.93
CA ASP B 201 22.30 18.68 18.15
C ASP B 201 22.72 17.89 19.41
N LYS B 202 22.30 16.64 19.51
CA LYS B 202 22.62 15.80 20.66
C LYS B 202 24.09 15.36 20.66
N THR B 203 24.65 15.10 19.48
CA THR B 203 26.03 14.59 19.35
C THR B 203 27.08 15.68 19.33
N GLY B 204 26.72 16.88 18.87
CA GLY B 204 27.73 17.92 18.73
C GLY B 204 28.50 17.70 17.42
N TRP B 205 27.94 16.87 16.55
CA TRP B 205 28.49 16.71 15.17
C TRP B 205 27.62 17.35 14.07
N SER B 206 28.23 17.96 13.04
CA SER B 206 27.48 18.33 11.83
C SER B 206 27.08 17.12 10.96
N GLU B 207 26.22 17.31 9.96
CA GLU B 207 25.89 16.18 9.05
C GLU B 207 27.15 15.63 8.41
N ASP B 208 28.06 16.53 8.08
CA ASP B 208 29.28 16.12 7.40
C ASP B 208 30.15 15.27 8.32
N GLU B 209 30.26 15.70 9.59
CA GLU B 209 30.99 14.90 10.56
C GLU B 209 30.38 13.51 10.79
N ILE B 210 29.02 13.44 10.83
CA ILE B 210 28.33 12.15 10.89
C ILE B 210 28.65 11.31 9.69
N ALA B 211 28.53 11.92 8.51
CA ALA B 211 28.70 11.18 7.24
C ALA B 211 30.12 10.68 7.15
N SER B 212 31.09 11.36 7.77
CA SER B 212 32.50 10.94 7.76
C SER B 212 32.74 9.66 8.61
N ARG B 213 31.76 9.25 9.41
CA ARG B 213 31.86 8.13 10.35
C ARG B 213 31.07 6.90 9.91
N VAL B 214 30.44 6.98 8.76
CA VAL B 214 29.62 5.91 8.21
C VAL B 214 29.87 5.85 6.71
N GLN B 215 29.44 4.75 6.08
CA GLN B 215 29.56 4.66 4.60
C GLN B 215 28.48 5.48 3.93
N ALA B 216 27.37 5.69 4.61
CA ALA B 216 26.29 6.57 4.08
C ALA B 216 25.37 7.06 5.17
N LEU B 217 25.05 8.35 5.09
CA LEU B 217 23.97 8.95 5.92
C LEU B 217 22.76 9.20 5.01
N ILE B 218 21.63 8.55 5.31
CA ILE B 218 20.45 8.60 4.47
C ILE B 218 19.43 9.46 5.22
N ILE B 219 19.01 10.55 4.61
CA ILE B 219 18.08 11.47 5.28
C ILE B 219 16.80 11.56 4.43
N THR B 220 15.68 11.14 5.00
CA THR B 220 14.42 11.19 4.21
C THR B 220 13.74 12.52 4.45
N ARG B 221 13.08 13.03 3.41
CA ARG B 221 12.54 14.35 3.42
C ARG B 221 11.04 14.32 3.00
N GLY B 222 10.37 13.24 3.40
CA GLY B 222 8.90 13.16 3.31
C GLY B 222 8.48 13.09 1.86
N GLU B 223 7.68 14.04 1.42
CA GLU B 223 7.24 14.03 0.04
C GLU B 223 8.27 14.69 -0.88
N HIS B 224 9.38 15.18 -0.31
CA HIS B 224 10.46 15.78 -1.14
C HIS B 224 11.66 14.84 -1.37
N GLY B 225 11.48 13.56 -1.20
CA GLY B 225 12.51 12.60 -1.58
C GLY B 225 13.49 12.36 -0.48
N ALA B 226 14.77 12.27 -0.83
CA ALA B 226 15.73 11.86 0.18
C ALA B 226 17.11 12.26 -0.28
N THR B 227 18.05 12.28 0.67
CA THR B 227 19.42 12.56 0.32
C THR B 227 20.27 11.43 0.87
N ILE B 228 21.22 10.96 0.07
CA ILE B 228 22.19 9.96 0.54
C ILE B 228 23.59 10.61 0.55
N ARG B 229 24.12 10.84 1.73
CA ARG B 229 25.40 11.55 1.84
C ARG B 229 26.57 10.65 2.23
N HIS B 230 27.77 10.93 1.70
CA HIS B 230 28.99 10.18 2.00
C HIS B 230 30.12 11.18 2.23
N ARG B 231 31.24 10.69 2.73
CA ARG B 231 32.41 11.58 2.79
C ARG B 231 32.78 12.20 1.42
N ASP B 232 32.68 11.42 0.34
CA ASP B 232 33.20 11.87 -0.96
C ASP B 232 32.16 12.36 -1.98
N GLY B 233 30.89 12.47 -1.58
CA GLY B 233 29.84 12.87 -2.52
C GLY B 233 28.44 12.71 -1.90
N THR B 234 27.43 13.27 -2.59
CA THR B 234 26.03 13.17 -2.15
C THR B 234 25.09 12.88 -3.32
N GLU B 235 24.14 11.94 -3.13
CA GLU B 235 23.12 11.57 -4.15
C GLU B 235 21.75 12.16 -3.73
N GLN B 236 21.10 12.85 -4.65
CA GLN B 236 19.75 13.36 -4.37
C GLN B 236 18.72 12.45 -4.97
N ILE B 237 17.85 11.91 -4.11
CA ILE B 237 16.89 10.90 -4.52
C ILE B 237 15.52 11.55 -4.76
N PRO B 238 14.91 11.35 -5.93
CA PRO B 238 13.59 11.98 -6.16
C PRO B 238 12.49 11.31 -5.33
N ALA B 239 11.45 12.08 -4.96
CA ALA B 239 10.22 11.52 -4.42
C ALA B 239 9.44 10.85 -5.55
N VAL B 240 8.68 9.79 -5.22
CA VAL B 240 7.71 9.23 -6.14
C VAL B 240 6.31 9.65 -5.70
N ARG B 241 5.53 10.19 -6.63
CA ARG B 241 4.19 10.63 -6.32
C ARG B 241 3.31 9.42 -5.92
N ALA B 242 2.57 9.58 -4.83
CA ALA B 242 1.64 8.55 -4.38
C ALA B 242 0.40 8.49 -5.27
N GLU B 243 -0.21 7.31 -5.37
CA GLU B 243 -1.46 7.14 -6.11
C GLU B 243 -2.66 7.62 -5.32
N ARG B 244 -2.52 7.64 -4.00
CA ARG B 244 -3.48 8.26 -3.11
C ARG B 244 -2.77 8.31 -1.77
N VAL B 245 -3.21 9.21 -0.91
CA VAL B 245 -2.58 9.38 0.41
C VAL B 245 -3.59 8.96 1.46
N ILE B 246 -3.27 7.87 2.17
CA ILE B 246 -4.23 7.25 3.06
C ILE B 246 -3.66 7.26 4.47
N ASP B 247 -2.43 6.79 4.64
CA ASP B 247 -1.87 6.70 5.99
C ASP B 247 -0.35 6.69 5.97
N PRO B 248 0.30 7.66 6.67
CA PRO B 248 1.78 7.63 6.65
C PRO B 248 2.41 6.55 7.53
N THR B 249 1.62 5.93 8.42
CA THR B 249 2.21 4.97 9.39
C THR B 249 3.01 3.85 8.72
N GLY B 250 4.32 3.78 8.95
CA GLY B 250 5.17 2.76 8.32
C GLY B 250 5.85 3.14 7.02
N CYS B 251 5.66 4.38 6.58
CA CYS B 251 6.27 4.86 5.31
C CYS B 251 7.80 4.73 5.42
N GLY B 252 8.35 5.21 6.54
CA GLY B 252 9.80 5.15 6.77
C GLY B 252 10.33 3.72 6.81
N ASP B 253 9.56 2.82 7.42
CA ASP B 253 9.92 1.43 7.45
C ASP B 253 9.91 0.72 6.07
N ALA B 254 8.91 1.03 5.23
CA ALA B 254 8.88 0.56 3.84
C ALA B 254 10.12 1.04 3.11
N PHE B 255 10.44 2.33 3.26
CA PHE B 255 11.68 2.89 2.68
C PHE B 255 12.91 2.11 3.11
N ARG B 256 13.04 1.85 4.41
CA ARG B 256 14.19 1.10 4.90
C ARG B 256 14.30 -0.27 4.37
N GLY B 257 13.18 -0.94 4.17
CA GLY B 257 13.18 -2.28 3.59
C GLY B 257 13.73 -2.24 2.14
N GLY B 258 13.33 -1.21 1.38
CA GLY B 258 13.86 -1.03 0.04
C GLY B 258 15.37 -0.77 0.08
N LEU B 259 15.78 0.09 1.00
CA LEU B 259 17.20 0.41 1.14
C LEU B 259 17.99 -0.84 1.48
N LEU B 260 17.51 -1.63 2.44
CA LEU B 260 18.22 -2.91 2.75
C LEU B 260 18.36 -3.89 1.60
N TYR B 261 17.28 -4.00 0.81
CA TYR B 261 17.28 -4.84 -0.37
C TYR B 261 18.37 -4.35 -1.35
N GLY B 262 18.41 -3.03 -1.58
CA GLY B 262 19.41 -2.51 -2.53
C GLY B 262 20.83 -2.73 -2.04
N ILE B 263 21.05 -2.52 -0.75
CA ILE B 263 22.40 -2.70 -0.23
C ILE B 263 22.81 -4.19 -0.41
N GLU B 264 21.93 -5.10 0.00
CA GLU B 264 22.23 -6.52 -0.09
C GLU B 264 22.54 -6.94 -1.51
N HIS B 265 21.78 -6.41 -2.47
CA HIS B 265 21.92 -6.78 -3.86
C HIS B 265 22.94 -5.97 -4.64
N GLY B 266 23.62 -5.07 -3.93
CA GLY B 266 24.72 -4.31 -4.56
C GLY B 266 24.24 -3.27 -5.56
N PHE B 267 23.05 -2.73 -5.35
CA PHE B 267 22.55 -1.61 -6.14
C PHE B 267 23.48 -0.43 -5.84
N ASP B 268 23.71 0.44 -6.82
CA ASP B 268 24.36 1.71 -6.47
C ASP B 268 23.41 2.58 -5.63
N TRP B 269 23.96 3.59 -4.98
CA TRP B 269 23.16 4.35 -4.03
C TRP B 269 21.99 5.06 -4.76
N ALA B 270 22.19 5.48 -5.99
CA ALA B 270 21.09 6.12 -6.75
C ALA B 270 19.89 5.16 -6.90
N THR B 271 20.19 3.91 -7.19
CA THR B 271 19.17 2.90 -7.44
C THR B 271 18.55 2.43 -6.12
N ALA B 272 19.39 2.20 -5.11
CA ALA B 272 18.86 1.79 -3.80
C ALA B 272 17.92 2.88 -3.22
N GLY B 273 18.29 4.16 -3.41
CA GLY B 273 17.46 5.23 -2.81
C GLY B 273 16.14 5.33 -3.54
N ARG B 274 16.20 5.22 -4.87
CA ARG B 274 14.95 5.26 -5.65
C ARG B 274 14.00 4.10 -5.32
N LEU B 275 14.59 2.91 -5.11
CA LEU B 275 13.76 1.76 -4.71
C LEU B 275 13.10 2.02 -3.36
N ALA B 276 13.89 2.51 -2.42
CA ALA B 276 13.36 2.84 -1.08
C ALA B 276 12.23 3.88 -1.21
N SER B 277 12.45 4.92 -2.03
CA SER B 277 11.47 5.97 -2.29
CA SER B 277 11.42 5.95 -2.20
C SER B 277 10.18 5.38 -2.85
N LEU B 278 10.34 4.43 -3.78
CA LEU B 278 9.16 3.81 -4.38
C LEU B 278 8.37 3.06 -3.32
N MET B 279 9.07 2.32 -2.45
CA MET B 279 8.38 1.51 -1.43
C MET B 279 7.56 2.40 -0.51
N GLY B 280 8.16 3.54 -0.14
CA GLY B 280 7.47 4.47 0.75
C GLY B 280 6.21 5.02 0.09
N ALA B 281 6.31 5.33 -1.23
CA ALA B 281 5.17 5.86 -1.97
C ALA B 281 4.03 4.82 -2.08
N LEU B 282 4.40 3.57 -2.28
CA LEU B 282 3.39 2.52 -2.31
C LEU B 282 2.67 2.38 -0.93
N LYS B 283 3.47 2.45 0.13
CA LYS B 283 2.96 2.26 1.50
C LYS B 283 1.88 3.32 1.82
N ILE B 284 2.17 4.60 1.53
CA ILE B 284 1.27 5.65 1.93
C ILE B 284 -0.13 5.55 1.32
N ALA B 285 -0.27 4.84 0.19
CA ALA B 285 -1.58 4.55 -0.35
C ALA B 285 -2.49 3.54 0.40
N HIS B 286 -2.06 3.02 1.54
CA HIS B 286 -2.77 1.97 2.22
C HIS B 286 -2.79 2.23 3.72
N GLN B 287 -3.83 1.70 4.36
CA GLN B 287 -4.00 1.82 5.81
C GLN B 287 -3.04 0.95 6.55
N GLY B 288 -2.37 1.51 7.56
CA GLY B 288 -1.49 0.70 8.42
C GLY B 288 -0.16 0.46 7.73
N PRO B 289 0.77 -0.17 8.42
CA PRO B 289 2.07 -0.25 7.85
C PRO B 289 2.28 -1.42 6.91
N GLN B 290 1.44 -2.45 6.99
CA GLN B 290 1.70 -3.67 6.19
C GLN B 290 0.49 -4.16 5.36
N THR B 291 -0.34 -3.26 4.89
CA THR B 291 -1.49 -3.72 4.09
C THR B 291 -1.30 -3.53 2.58
N TYR B 292 -0.33 -2.70 2.19
CA TYR B 292 0.10 -2.58 0.77
C TYR B 292 0.68 -3.96 0.35
N ALA B 293 0.47 -4.37 -0.90
CA ALA B 293 0.81 -5.74 -1.28
C ALA B 293 1.23 -5.83 -2.72
N PRO B 294 2.21 -5.01 -3.13
CA PRO B 294 2.70 -5.09 -4.50
C PRO B 294 3.42 -6.43 -4.73
N THR B 295 3.43 -6.88 -5.98
CA THR B 295 4.20 -8.07 -6.34
C THR B 295 5.63 -7.63 -6.68
N ARG B 296 6.58 -8.59 -6.76
CA ARG B 296 7.91 -8.17 -7.18
C ARG B 296 7.91 -7.67 -8.64
N ALA B 297 7.15 -8.33 -9.50
CA ALA B 297 7.10 -7.90 -10.90
C ALA B 297 6.55 -6.49 -11.00
N GLU B 298 5.56 -6.22 -10.15
CA GLU B 298 4.95 -4.88 -10.10
C GLU B 298 5.95 -3.80 -9.68
N ILE B 299 6.72 -4.09 -8.61
CA ILE B 299 7.70 -3.15 -8.13
C ILE B 299 8.73 -2.84 -9.23
N ASP B 300 9.19 -3.87 -9.93
CA ASP B 300 10.14 -3.67 -11.02
C ASP B 300 9.57 -2.80 -12.16
N ALA B 301 8.31 -3.07 -12.50
CA ALA B 301 7.65 -2.37 -13.60
C ALA B 301 7.44 -0.90 -13.19
N ARG B 302 6.98 -0.68 -11.96
CA ARG B 302 6.75 0.70 -11.45
C ARG B 302 8.05 1.49 -11.38
N PHE B 303 9.11 0.79 -11.04
CA PHE B 303 10.41 1.39 -10.98
C PHE B 303 10.83 1.85 -12.36
N GLU B 304 10.69 0.96 -13.34
CA GLU B 304 11.00 1.38 -14.70
C GLU B 304 10.08 2.52 -15.17
N THR B 305 8.81 2.50 -14.76
CA THR B 305 7.89 3.56 -15.19
C THR B 305 8.31 4.92 -14.64
N ALA B 306 8.65 4.96 -13.35
CA ALA B 306 9.09 6.20 -12.66
C ALA B 306 10.49 6.66 -13.07
N PHE B 307 11.43 5.73 -13.18
CA PHE B 307 12.86 6.06 -13.32
C PHE B 307 13.53 5.78 -14.65
N GLY B 308 12.87 5.03 -15.50
CA GLY B 308 13.35 4.84 -16.86
C GLY B 308 14.27 3.66 -17.06
N TYR B 309 14.55 2.91 -15.99
CA TYR B 309 15.37 1.71 -16.14
C TYR B 309 14.93 0.68 -15.13
N ARG B 310 15.35 -0.56 -15.35
CA ARG B 310 15.08 -1.60 -14.35
C ARG B 310 16.17 -1.67 -13.32
N PRO B 311 15.78 -1.82 -12.02
CA PRO B 311 16.71 -1.80 -10.91
C PRO B 311 17.48 -3.11 -10.83
N LYS B 312 18.79 -3.03 -11.07
CA LYS B 312 19.65 -4.22 -11.09
C LYS B 312 20.80 -3.94 -10.11
N GLY B 313 21.47 -5.00 -9.69
CA GLY B 313 22.51 -4.91 -8.64
C GLY B 313 23.88 -5.15 -9.21
N ALA C 2 46.65 41.75 -20.70
CA ALA C 2 45.39 41.23 -21.34
C ALA C 2 44.80 40.04 -20.58
N THR C 3 43.51 39.75 -20.82
CA THR C 3 42.80 38.68 -20.14
C THR C 3 42.40 37.63 -21.20
N LEU C 4 42.81 36.38 -20.96
CA LEU C 4 42.47 35.32 -21.92
C LEU C 4 41.11 34.74 -21.57
N ILE C 5 40.19 34.67 -22.55
CA ILE C 5 38.81 34.27 -22.27
C ILE C 5 38.60 32.99 -23.04
N CYS C 6 38.68 31.86 -22.35
CA CYS C 6 38.53 30.56 -23.01
C CYS C 6 37.10 30.10 -22.85
N GLY C 7 36.46 29.72 -23.96
CA GLY C 7 35.11 29.19 -23.77
C GLY C 7 34.44 29.15 -25.13
N SER C 8 33.15 28.81 -25.12
CA SER C 8 32.44 28.60 -26.41
C SER C 8 32.26 29.92 -27.15
N ILE C 9 32.18 29.79 -28.48
CA ILE C 9 31.85 30.96 -29.32
C ILE C 9 30.70 30.36 -30.19
N ALA C 10 29.52 30.97 -30.11
CA ALA C 10 28.31 30.31 -30.60
C ALA C 10 27.28 31.29 -31.15
N TYR C 11 26.40 30.78 -31.99
CA TYR C 11 25.21 31.54 -32.30
C TYR C 11 24.04 31.01 -31.47
N ASP C 12 23.33 31.93 -30.84
CA ASP C 12 22.21 31.59 -29.93
C ASP C 12 20.91 31.80 -30.65
N ASN C 13 20.01 30.80 -30.57
CA ASN C 13 18.68 30.89 -31.12
C ASN C 13 17.81 30.91 -29.90
N ILE C 14 17.25 32.09 -29.59
CA ILE C 14 16.58 32.22 -28.28
C ILE C 14 15.08 32.36 -28.52
N MET C 15 14.31 31.46 -27.89
CA MET C 15 12.94 31.21 -28.23
C MET C 15 12.15 31.38 -26.96
N THR C 16 11.02 32.05 -27.10
CA THR C 16 10.08 32.32 -26.01
C THR C 16 8.88 31.34 -26.06
N PHE C 17 8.75 30.58 -24.97
CA PHE C 17 7.59 29.73 -24.72
C PHE C 17 6.59 30.54 -23.89
N GLU C 18 5.41 30.81 -24.45
CA GLU C 18 4.37 31.58 -23.75
C GLU C 18 3.59 30.66 -22.82
N GLY C 19 4.30 30.17 -21.82
CA GLY C 19 3.77 29.18 -20.89
C GLY C 19 4.82 28.96 -19.81
N ARG C 20 4.56 28.02 -18.91
CA ARG C 20 5.48 27.77 -17.81
C ARG C 20 5.93 26.32 -17.84
N PHE C 21 7.24 26.09 -17.83
CA PHE C 21 7.77 24.73 -17.92
C PHE C 21 7.04 23.80 -16.96
N ARG C 22 7.07 24.14 -15.67
CA ARG C 22 6.51 23.33 -14.57
C ARG C 22 5.12 22.75 -14.83
N GLU C 23 4.24 23.55 -15.42
CA GLU C 23 2.90 23.08 -15.75
C GLU C 23 2.79 22.01 -16.84
N HIS C 24 3.83 21.90 -17.68
CA HIS C 24 3.82 21.02 -18.85
C HIS C 24 4.67 19.78 -18.65
N ILE C 25 5.70 19.90 -17.81
CA ILE C 25 6.56 18.78 -17.36
C ILE C 25 6.40 18.61 -15.86
N ILE C 33 7.29 11.85 -21.40
CA ILE C 33 7.66 10.97 -22.51
C ILE C 33 7.94 11.85 -23.76
N ASN C 34 6.99 12.71 -24.12
CA ASN C 34 7.06 13.41 -25.41
C ASN C 34 6.49 14.83 -25.37
N LEU C 35 7.36 15.78 -25.01
CA LEU C 35 7.01 17.19 -24.75
C LEU C 35 7.34 18.14 -25.91
N SER C 36 6.34 18.88 -26.38
CA SER C 36 6.56 19.90 -27.42
C SER C 36 6.15 21.32 -26.98
N PHE C 37 7.04 22.29 -27.12
CA PHE C 37 6.76 23.73 -26.82
C PHE C 37 6.69 24.63 -28.07
N LEU C 38 5.54 25.23 -28.34
CA LEU C 38 5.40 26.18 -29.47
C LEU C 38 6.15 27.44 -29.09
N VAL C 39 7.03 27.90 -29.99
CA VAL C 39 7.85 29.12 -29.72
C VAL C 39 7.67 30.07 -30.90
N PRO C 40 6.58 30.88 -30.92
CA PRO C 40 6.40 31.68 -32.09
C PRO C 40 7.52 32.64 -32.34
N THR C 41 8.17 33.12 -31.30
CA THR C 41 9.30 34.05 -31.48
C THR C 41 10.63 33.36 -31.27
N MET C 42 11.51 33.43 -32.28
CA MET C 42 12.91 33.00 -32.16
C MET C 42 13.75 34.21 -32.53
N ARG C 43 14.77 34.57 -31.73
CA ARG C 43 15.72 35.62 -32.11
C ARG C 43 17.12 34.98 -32.24
N ARG C 44 17.81 35.25 -33.34
CA ARG C 44 19.21 34.74 -33.50
C ARG C 44 20.17 35.81 -32.97
N GLU C 45 21.13 35.39 -32.15
CA GLU C 45 21.99 36.42 -31.47
C GLU C 45 23.43 35.91 -31.40
N PHE C 46 24.39 36.82 -31.30
CA PHE C 46 25.75 36.38 -31.09
C PHE C 46 25.93 35.95 -29.65
N GLY C 47 26.52 34.77 -29.47
CA GLY C 47 26.63 34.19 -28.12
C GLY C 47 27.88 33.35 -27.92
N GLY C 48 27.74 32.36 -27.05
CA GLY C 48 28.95 31.57 -26.63
C GLY C 48 29.57 32.25 -25.38
N CYS C 49 30.04 31.45 -24.44
CA CYS C 49 30.49 32.04 -23.17
C CYS C 49 31.70 32.94 -23.38
N ALA C 50 32.68 32.53 -24.20
CA ALA C 50 33.83 33.39 -24.48
C ALA C 50 33.42 34.71 -25.20
N GLY C 51 32.54 34.63 -26.21
CA GLY C 51 32.07 35.81 -26.93
C GLY C 51 31.39 36.77 -25.93
N ASN C 52 30.53 36.23 -25.07
CA ASN C 52 29.78 37.05 -24.13
C ASN C 52 30.65 37.74 -23.06
N ILE C 53 31.55 36.95 -22.49
CA ILE C 53 32.42 37.49 -21.46
C ILE C 53 33.33 38.52 -22.09
N ALA C 54 33.88 38.24 -23.32
CA ALA C 54 34.77 39.22 -23.96
C ALA C 54 34.02 40.51 -24.24
N TYR C 55 32.75 40.37 -24.69
CA TYR C 55 31.94 41.54 -24.99
C TYR C 55 31.82 42.43 -23.74
N ALA C 56 31.50 41.79 -22.62
CA ALA C 56 31.41 42.55 -21.37
C ALA C 56 32.72 43.24 -20.98
N LEU C 57 33.83 42.48 -21.01
CA LEU C 57 35.12 43.04 -20.62
C LEU C 57 35.51 44.20 -21.56
N ASN C 58 35.17 44.06 -22.83
CA ASN C 58 35.33 45.11 -23.83
C ASN C 58 34.51 46.40 -23.57
N LEU C 59 33.24 46.24 -23.18
CA LEU C 59 32.41 47.37 -22.76
C LEU C 59 33.10 48.19 -21.68
N LEU C 60 33.83 47.49 -20.78
CA LEU C 60 34.41 48.14 -19.64
C LEU C 60 35.75 48.80 -19.95
N GLY C 61 36.31 48.50 -21.13
CA GLY C 61 37.59 49.04 -21.56
C GLY C 61 38.75 48.07 -21.27
N GLY C 62 38.44 46.84 -20.87
CA GLY C 62 39.45 45.76 -20.69
C GLY C 62 39.94 45.24 -22.04
N ASP C 63 41.03 44.45 -22.03
CA ASP C 63 41.64 43.95 -23.24
C ASP C 63 41.40 42.41 -23.26
N ALA C 64 40.34 42.00 -23.96
CA ALA C 64 39.84 40.62 -23.93
C ALA C 64 40.38 39.88 -25.13
N ARG C 65 41.04 38.75 -24.87
CA ARG C 65 41.58 37.89 -25.93
C ARG C 65 40.79 36.58 -25.91
N MET C 66 39.83 36.46 -26.82
CA MET C 66 39.03 35.24 -26.89
C MET C 66 39.87 34.06 -27.40
N MET C 67 39.70 32.90 -26.77
CA MET C 67 40.34 31.66 -27.27
C MET C 67 39.22 30.65 -27.42
N GLY C 68 38.97 30.23 -28.67
CA GLY C 68 37.79 29.40 -28.92
C GLY C 68 37.81 28.95 -30.35
N THR C 69 36.91 28.02 -30.71
CA THR C 69 36.92 27.49 -32.08
C THR C 69 35.60 27.83 -32.74
N LEU C 70 35.66 28.28 -34.00
CA LEU C 70 34.45 28.50 -34.83
C LEU C 70 34.51 27.54 -36.05
N GLY C 71 33.40 27.39 -36.77
CA GLY C 71 33.37 26.49 -37.94
C GLY C 71 33.32 27.38 -39.19
N ALA C 72 34.15 27.08 -40.16
CA ALA C 72 34.25 27.86 -41.40
C ALA C 72 32.95 27.99 -42.21
N VAL C 73 32.04 27.00 -42.05
CA VAL C 73 30.77 27.09 -42.75
C VAL C 73 30.12 28.44 -42.48
N ASP C 74 30.13 28.85 -41.21
CA ASP C 74 29.32 29.96 -40.78
C ASP C 74 29.98 30.93 -39.84
N ALA C 75 31.32 30.86 -39.74
CA ALA C 75 32.04 31.75 -38.84
C ALA C 75 31.99 33.25 -39.21
N GLN C 76 31.84 33.56 -40.50
CA GLN C 76 32.17 34.90 -40.97
C GLN C 76 31.42 36.03 -40.28
N PRO C 77 30.11 35.87 -40.03
CA PRO C 77 29.45 36.99 -39.30
C PRO C 77 30.07 37.30 -37.92
N TYR C 78 30.46 36.27 -37.18
CA TYR C 78 31.11 36.49 -35.89
C TYR C 78 32.51 37.09 -36.08
N LEU C 79 33.25 36.66 -37.12
CA LEU C 79 34.57 37.27 -37.36
C LEU C 79 34.44 38.74 -37.63
N ASP C 80 33.47 39.08 -38.50
CA ASP C 80 33.19 40.48 -38.85
C ASP C 80 32.79 41.29 -37.63
N ARG C 81 31.95 40.70 -36.77
CA ARG C 81 31.57 41.40 -35.54
C ARG C 81 32.76 41.62 -34.64
N MET C 82 33.61 40.61 -34.47
CA MET C 82 34.82 40.80 -33.64
C MET C 82 35.66 41.97 -34.19
N ASP C 83 35.80 42.01 -35.51
CA ASP C 83 36.58 43.07 -36.13
C ASP C 83 35.95 44.46 -35.87
N ALA C 84 34.61 44.51 -35.96
CA ALA C 84 33.87 45.76 -35.75
C ALA C 84 34.04 46.27 -34.32
N LEU C 85 34.17 45.32 -33.38
CA LEU C 85 34.28 45.64 -31.95
C LEU C 85 35.71 45.89 -31.53
N GLY C 86 36.63 45.60 -32.43
CA GLY C 86 38.07 45.65 -32.10
C GLY C 86 38.60 44.54 -31.20
N LEU C 87 37.95 43.38 -31.19
CA LEU C 87 38.42 42.24 -30.41
C LEU C 87 39.37 41.44 -31.24
N SER C 88 40.53 41.18 -30.68
CA SER C 88 41.53 40.43 -31.40
C SER C 88 41.09 39.00 -31.71
N ARG C 89 41.39 38.56 -32.92
CA ARG C 89 41.11 37.17 -33.30
C ARG C 89 42.29 36.24 -33.22
N GLU C 90 43.37 36.64 -32.55
CA GLU C 90 44.61 35.86 -32.44
C GLU C 90 44.39 34.41 -32.13
N TYR C 91 43.52 34.14 -31.16
CA TYR C 91 43.31 32.79 -30.67
C TYR C 91 41.91 32.28 -31.02
N VAL C 92 41.27 32.87 -32.04
CA VAL C 92 39.99 32.38 -32.53
C VAL C 92 40.28 31.53 -33.76
N ARG C 93 40.10 30.21 -33.67
CA ARG C 93 40.54 29.34 -34.75
C ARG C 93 39.30 28.93 -35.52
N VAL C 94 39.37 29.04 -36.85
CA VAL C 94 38.21 28.71 -37.71
C VAL C 94 38.50 27.40 -38.43
N LEU C 95 37.66 26.39 -38.18
CA LEU C 95 37.97 25.01 -38.64
C LEU C 95 37.25 24.72 -39.98
N PRO C 96 38.02 24.39 -41.03
CA PRO C 96 37.38 24.14 -42.34
C PRO C 96 36.27 23.03 -42.25
N ASP C 97 35.22 23.23 -43.05
CA ASP C 97 34.20 22.19 -43.31
C ASP C 97 33.44 21.80 -42.02
N THR C 98 33.31 22.76 -41.14
CA THR C 98 32.73 22.56 -39.78
C THR C 98 31.73 23.66 -39.52
N TYR C 99 30.66 23.34 -38.78
CA TYR C 99 29.77 24.39 -38.30
C TYR C 99 30.15 24.96 -36.96
N SER C 100 29.88 26.26 -36.75
CA SER C 100 30.02 26.86 -35.43
C SER C 100 28.95 26.31 -34.46
N ALA C 101 29.28 26.34 -33.17
CA ALA C 101 28.32 25.92 -32.12
C ALA C 101 27.03 26.73 -32.25
N GLN C 102 25.90 26.08 -31.97
CA GLN C 102 24.62 26.80 -31.86
C GLN C 102 23.89 26.37 -30.62
N ALA C 103 23.38 27.34 -29.89
CA ALA C 103 22.49 27.06 -28.75
C ALA C 103 21.04 27.24 -29.15
N MET C 104 20.19 26.28 -28.82
CA MET C 104 18.77 26.45 -29.01
C MET C 104 18.15 26.60 -27.64
N ILE C 105 17.83 27.84 -27.30
CA ILE C 105 17.57 28.19 -25.90
C ILE C 105 16.09 28.57 -25.82
N THR C 106 15.32 27.87 -24.95
CA THR C 106 13.89 28.18 -24.82
C THR C 106 13.67 28.72 -23.40
N THR C 107 13.05 29.89 -23.33
CA THR C 107 12.81 30.58 -22.06
C THR C 107 11.32 30.62 -21.81
N ASP C 108 10.93 30.23 -20.60
CA ASP C 108 9.50 30.26 -20.32
C ASP C 108 9.07 31.59 -19.62
N LEU C 109 7.77 31.75 -19.37
CA LEU C 109 7.16 32.98 -18.82
C LEU C 109 7.81 33.47 -17.51
N ASP C 110 8.30 32.58 -16.65
CA ASP C 110 9.03 33.10 -15.48
C ASP C 110 10.56 32.85 -15.52
N ASN C 111 11.09 32.94 -16.75
CA ASN C 111 12.52 32.94 -17.01
C ASN C 111 13.30 31.69 -16.69
N ASN C 112 12.59 30.57 -16.56
CA ASN C 112 13.23 29.25 -16.64
C ASN C 112 13.77 28.99 -18.08
N GLN C 113 14.87 28.26 -18.22
CA GLN C 113 15.43 27.93 -19.58
C GLN C 113 15.82 26.48 -19.78
N ILE C 114 15.47 25.95 -20.95
CA ILE C 114 16.00 24.66 -21.37
C ILE C 114 16.73 24.87 -22.69
N THR C 115 17.96 24.37 -22.76
CA THR C 115 18.84 24.57 -23.93
C THR C 115 19.29 23.23 -24.51
N ALA C 116 19.22 23.10 -25.84
CA ALA C 116 19.96 22.04 -26.50
C ALA C 116 21.13 22.73 -27.13
N PHE C 117 22.34 22.22 -26.88
CA PHE C 117 23.55 22.87 -27.37
C PHE C 117 24.28 21.97 -28.32
N HIS C 118 24.32 22.38 -29.58
CA HIS C 118 24.93 21.58 -30.61
C HIS C 118 26.34 22.13 -30.82
N PRO C 119 27.36 21.35 -30.39
CA PRO C 119 28.67 22.01 -30.28
C PRO C 119 29.44 22.31 -31.56
N GLY C 120 29.26 21.51 -32.62
CA GLY C 120 30.04 21.76 -33.85
C GLY C 120 31.54 21.88 -33.52
N ALA C 121 32.14 22.99 -34.01
CA ALA C 121 33.59 23.26 -33.84
C ALA C 121 34.02 23.31 -32.39
N MET C 122 33.10 23.64 -31.46
CA MET C 122 33.47 23.63 -30.06
C MET C 122 34.14 22.29 -29.63
N MET C 123 33.74 21.18 -30.26
CA MET C 123 34.30 19.89 -29.81
CA MET C 123 34.28 19.82 -30.01
C MET C 123 35.79 19.75 -30.14
N GLN C 124 36.34 20.68 -30.92
CA GLN C 124 37.79 20.69 -31.21
C GLN C 124 38.51 21.85 -30.51
N SER C 125 37.91 22.32 -29.41
CA SER C 125 38.42 23.54 -28.74
C SER C 125 39.83 23.31 -28.20
N HIS C 126 40.22 22.04 -27.97
CA HIS C 126 41.56 21.73 -27.43
C HIS C 126 42.67 21.92 -28.49
N VAL C 127 42.30 22.27 -29.72
CA VAL C 127 43.35 22.63 -30.69
C VAL C 127 44.13 23.88 -30.28
N ASN C 128 43.49 24.72 -29.46
CA ASN C 128 44.14 25.93 -28.90
C ASN C 128 44.86 25.58 -27.62
N HIS C 129 46.08 26.11 -27.45
CA HIS C 129 46.86 25.90 -26.25
C HIS C 129 46.98 27.18 -25.41
N ALA C 130 46.29 27.21 -24.26
CA ALA C 130 46.24 28.42 -23.41
C ALA C 130 47.63 28.81 -22.92
N GLY C 131 48.47 27.80 -22.74
CA GLY C 131 49.90 27.99 -22.37
C GLY C 131 50.69 28.81 -23.40
N GLU C 132 50.24 28.83 -24.64
CA GLU C 132 50.98 29.46 -25.75
C GLU C 132 50.62 30.94 -25.90
N ALA C 133 49.57 31.39 -25.20
CA ALA C 133 49.14 32.78 -25.28
C ALA C 133 50.04 33.71 -24.50
N LYS C 134 50.52 34.77 -25.16
CA LYS C 134 51.55 35.67 -24.57
C LYS C 134 50.92 36.90 -23.94
N ASP C 135 51.60 37.52 -22.98
CA ASP C 135 51.08 38.73 -22.31
C ASP C 135 49.74 38.53 -21.58
N ILE C 136 49.46 37.30 -21.16
CA ILE C 136 48.20 37.07 -20.44
C ILE C 136 48.46 37.25 -18.97
N LYS C 137 47.67 38.11 -18.32
CA LYS C 137 47.82 38.38 -16.88
C LYS C 137 46.78 37.68 -16.02
N LEU C 138 45.72 37.23 -16.67
CA LEU C 138 44.51 36.67 -16.03
C LEU C 138 43.73 35.87 -17.09
N ALA C 139 42.96 34.89 -16.64
CA ALA C 139 42.16 34.07 -17.58
C ALA C 139 40.88 33.60 -16.97
N ILE C 140 39.98 33.16 -17.84
CA ILE C 140 38.80 32.39 -17.38
C ILE C 140 38.71 31.17 -18.29
N VAL C 141 38.37 30.04 -17.67
CA VAL C 141 38.04 28.80 -18.40
C VAL C 141 36.55 28.57 -18.21
N GLY C 142 35.79 28.89 -19.27
CA GLY C 142 34.36 28.81 -19.22
C GLY C 142 33.85 27.56 -19.99
N PRO C 143 32.53 27.39 -20.04
CA PRO C 143 31.98 26.20 -20.72
C PRO C 143 32.50 26.06 -22.15
N ASP C 144 32.91 24.83 -22.50
CA ASP C 144 33.62 24.64 -23.79
C ASP C 144 33.57 23.15 -24.05
N GLY C 145 34.28 22.70 -25.08
CA GLY C 145 34.53 21.26 -25.26
C GLY C 145 35.18 20.72 -24.00
N PHE C 146 34.78 19.54 -23.55
CA PHE C 146 35.30 19.02 -22.28
C PHE C 146 36.85 18.91 -22.33
N GLN C 147 37.39 18.34 -23.42
CA GLN C 147 38.86 18.17 -23.52
C GLN C 147 39.55 19.56 -23.46
N GLY C 148 38.96 20.53 -24.14
CA GLY C 148 39.40 21.93 -24.10
C GLY C 148 39.39 22.50 -22.69
N MET C 149 38.30 22.31 -21.96
CA MET C 149 38.18 22.88 -20.61
C MET C 149 39.29 22.31 -19.73
N VAL C 150 39.48 20.99 -19.78
CA VAL C 150 40.45 20.36 -18.88
C VAL C 150 41.85 20.77 -19.33
N GLN C 151 42.06 20.89 -20.65
CA GLN C 151 43.40 21.24 -21.13
C GLN C 151 43.77 22.68 -20.80
N HIS C 152 42.81 23.60 -20.90
CA HIS C 152 43.08 25.01 -20.56
C HIS C 152 43.39 25.13 -19.09
N THR C 153 42.62 24.43 -18.26
CA THR C 153 42.86 24.44 -16.82
C THR C 153 44.30 23.96 -16.52
N GLU C 154 44.67 22.85 -17.15
CA GLU C 154 46.03 22.30 -16.97
C GLU C 154 47.12 23.29 -17.42
N GLU C 155 46.97 23.86 -18.61
CA GLU C 155 48.05 24.68 -19.17
C GLU C 155 48.20 26.02 -18.47
N LEU C 156 47.09 26.62 -18.07
CA LEU C 156 47.10 27.89 -17.33
C LEU C 156 47.76 27.67 -15.97
N ALA C 157 47.41 26.57 -15.30
CA ALA C 157 48.08 26.23 -14.00
C ALA C 157 49.58 26.03 -14.15
N GLN C 158 49.97 25.28 -15.18
CA GLN C 158 51.39 25.02 -15.48
C GLN C 158 52.11 26.32 -15.75
N ALA C 159 51.43 27.25 -16.42
CA ALA C 159 52.08 28.49 -16.75
C ALA C 159 52.00 29.54 -15.62
N GLY C 160 51.22 29.29 -14.57
CA GLY C 160 51.09 30.24 -13.46
C GLY C 160 50.24 31.45 -13.77
N VAL C 161 49.29 31.30 -14.70
CA VAL C 161 48.38 32.40 -15.00
C VAL C 161 47.19 32.20 -14.02
N PRO C 162 46.88 33.22 -13.23
CA PRO C 162 45.63 33.13 -12.41
C PRO C 162 44.39 33.01 -13.27
N PHE C 163 43.47 32.11 -12.90
CA PHE C 163 42.29 31.96 -13.75
C PHE C 163 41.08 31.59 -12.95
N ILE C 164 39.96 32.10 -13.41
CA ILE C 164 38.68 31.65 -12.90
C ILE C 164 38.29 30.33 -13.62
N PHE C 165 37.86 29.36 -12.85
CA PHE C 165 37.25 28.13 -13.41
C PHE C 165 35.73 28.31 -13.34
N ASP C 166 35.03 28.14 -14.49
CA ASP C 166 33.63 28.50 -14.62
C ASP C 166 33.01 27.33 -15.40
N PRO C 167 32.74 26.23 -14.71
CA PRO C 167 32.31 25.05 -15.49
C PRO C 167 30.94 25.25 -16.21
N GLY C 168 30.04 25.97 -15.55
CA GLY C 168 28.71 26.32 -16.10
C GLY C 168 27.97 25.15 -16.74
N GLN C 169 27.50 25.34 -17.99
CA GLN C 169 26.84 24.23 -18.70
C GLN C 169 27.66 22.97 -18.97
N GLY C 170 28.98 23.06 -18.83
CA GLY C 170 29.85 21.88 -18.95
C GLY C 170 29.88 20.98 -17.73
N LEU C 171 29.28 21.43 -16.64
CA LEU C 171 29.26 20.63 -15.39
C LEU C 171 28.89 19.14 -15.50
N PRO C 172 27.84 18.78 -16.31
CA PRO C 172 27.46 17.38 -16.43
C PRO C 172 28.56 16.52 -17.03
N LEU C 173 29.52 17.12 -17.72
CA LEU C 173 30.66 16.38 -18.30
C LEU C 173 31.73 16.05 -17.26
N PHE C 174 31.69 16.71 -16.10
CA PHE C 174 32.70 16.49 -15.02
C PHE C 174 32.26 15.46 -14.01
N ASP C 175 33.10 14.46 -13.78
CA ASP C 175 32.93 13.60 -12.62
C ASP C 175 33.54 14.27 -11.39
N GLY C 176 33.39 13.64 -10.23
CA GLY C 176 33.81 14.27 -8.96
C GLY C 176 35.31 14.51 -8.98
N ALA C 177 36.04 13.53 -9.51
CA ALA C 177 37.53 13.54 -9.52
C ALA C 177 38.02 14.73 -10.37
N THR C 178 37.48 14.86 -11.58
CA THR C 178 37.91 15.97 -12.46
C THR C 178 37.51 17.35 -11.93
N LEU C 179 36.34 17.43 -11.29
CA LEU C 179 35.91 18.70 -10.74
C LEU C 179 36.79 19.12 -9.51
N ARG C 180 37.01 18.17 -8.60
CA ARG C 180 37.93 18.36 -7.47
C ARG C 180 39.29 18.88 -8.00
N ARG C 181 39.82 18.20 -9.00
CA ARG C 181 41.18 18.61 -9.51
C ARG C 181 41.15 19.99 -10.19
N SER C 182 40.07 20.25 -10.94
CA SER C 182 39.90 21.57 -11.61
C SER C 182 39.87 22.69 -10.60
N ILE C 183 39.14 22.48 -9.49
CA ILE C 183 39.10 23.47 -8.40
C ILE C 183 40.48 23.65 -7.78
N GLU C 184 41.20 22.54 -7.52
CA GLU C 184 42.55 22.66 -6.98
C GLU C 184 43.42 23.55 -7.89
N LEU C 185 43.36 23.30 -9.19
CA LEU C 185 44.24 23.99 -10.16
C LEU C 185 43.86 25.49 -10.32
N ALA C 186 42.59 25.80 -10.15
CA ALA C 186 42.03 27.15 -10.40
C ALA C 186 42.41 28.14 -9.32
N THR C 187 42.38 29.42 -9.67
CA THR C 187 42.64 30.46 -8.68
C THR C 187 41.31 30.99 -8.14
N TYR C 188 40.29 30.93 -8.95
CA TYR C 188 38.92 31.28 -8.48
C TYR C 188 37.91 30.34 -9.10
N ILE C 189 36.72 30.28 -8.48
CA ILE C 189 35.63 29.50 -9.13
C ILE C 189 34.38 30.37 -9.12
N ALA C 190 33.66 30.39 -10.24
CA ALA C 190 32.40 31.14 -10.30
C ALA C 190 31.32 30.17 -10.75
N VAL C 191 30.15 30.19 -10.07
CA VAL C 191 29.05 29.26 -10.34
C VAL C 191 27.78 30.02 -9.97
N ASN C 192 26.61 29.55 -10.39
CA ASN C 192 25.40 30.07 -9.73
C ASN C 192 25.05 29.22 -8.56
N ASP C 193 23.95 29.58 -7.84
CA ASP C 193 23.66 28.92 -6.62
C ASP C 193 23.24 27.45 -6.80
N TYR C 194 22.53 27.14 -7.89
CA TYR C 194 22.12 25.77 -8.18
C TYR C 194 23.37 24.92 -8.47
N GLU C 195 24.21 25.45 -9.33
CA GLU C 195 25.54 24.83 -9.67
C GLU C 195 26.41 24.64 -8.43
N ALA C 196 26.47 25.62 -7.53
CA ALA C 196 27.22 25.44 -6.29
C ALA C 196 26.78 24.18 -5.55
N LYS C 197 25.45 23.95 -5.46
CA LYS C 197 24.98 22.77 -4.75
C LYS C 197 25.38 21.51 -5.56
N LEU C 198 25.30 21.58 -6.89
CA LEU C 198 25.66 20.40 -7.73
C LEU C 198 27.16 20.09 -7.53
N VAL C 199 27.96 21.16 -7.52
CA VAL C 199 29.40 21.00 -7.27
C VAL C 199 29.70 20.42 -5.86
N CYS C 200 29.02 20.93 -4.81
CA CYS C 200 29.21 20.38 -3.45
C CYS C 200 28.85 18.91 -3.45
N ASP C 201 27.77 18.56 -4.13
CA ASP C 201 27.33 17.16 -4.10
C ASP C 201 28.25 16.23 -4.88
N LYS C 202 28.77 16.73 -5.98
CA LYS C 202 29.64 15.93 -6.85
C LYS C 202 31.03 15.75 -6.24
N THR C 203 31.54 16.80 -5.59
CA THR C 203 32.91 16.77 -5.03
C THR C 203 32.99 16.22 -3.62
N GLY C 204 31.90 16.28 -2.84
CA GLY C 204 31.97 15.93 -1.44
C GLY C 204 32.65 16.99 -0.59
N TRP C 205 32.70 18.19 -1.15
CA TRP C 205 33.24 19.36 -0.45
C TRP C 205 32.13 20.34 -0.19
N SER C 206 32.09 20.92 0.99
CA SER C 206 31.14 22.01 1.25
C SER C 206 31.59 23.29 0.62
N GLU C 207 30.74 24.33 0.61
CA GLU C 207 31.22 25.61 0.03
C GLU C 207 32.49 26.11 0.73
N ASP C 208 32.53 25.96 2.05
CA ASP C 208 33.71 26.39 2.80
C ASP C 208 34.97 25.59 2.38
N GLU C 209 34.76 24.29 2.17
CA GLU C 209 35.87 23.48 1.72
C GLU C 209 36.32 23.86 0.33
N ILE C 210 35.39 24.15 -0.58
CA ILE C 210 35.75 24.63 -1.89
C ILE C 210 36.54 25.92 -1.79
N ALA C 211 36.00 26.88 -1.02
CA ALA C 211 36.64 28.20 -0.89
C ALA C 211 38.05 28.10 -0.33
N SER C 212 38.27 27.18 0.62
CA SER C 212 39.61 26.99 1.18
C SER C 212 40.66 26.53 0.12
N ARG C 213 40.20 26.11 -1.05
CA ARG C 213 41.10 25.63 -2.09
C ARG C 213 41.29 26.61 -3.24
N VAL C 214 40.74 27.82 -3.10
CA VAL C 214 40.82 28.87 -4.13
C VAL C 214 41.02 30.20 -3.42
N GLN C 215 41.37 31.23 -4.16
CA GLN C 215 41.43 32.60 -3.59
C GLN C 215 40.03 33.14 -3.33
N ALA C 216 39.07 32.74 -4.16
CA ALA C 216 37.66 33.08 -3.94
C ALA C 216 36.72 32.12 -4.66
N LEU C 217 35.59 31.79 -4.00
CA LEU C 217 34.41 31.09 -4.56
C LEU C 217 33.27 32.15 -4.74
N ILE C 218 32.90 32.38 -5.96
CA ILE C 218 31.90 33.42 -6.30
C ILE C 218 30.61 32.65 -6.70
N ILE C 219 29.50 32.93 -6.01
CA ILE C 219 28.22 32.21 -6.23
C ILE C 219 27.21 33.26 -6.60
N THR C 220 26.70 33.20 -7.82
CA THR C 220 25.63 34.16 -8.16
C THR C 220 24.30 33.67 -7.73
N ARG C 221 23.40 34.64 -7.45
CA ARG C 221 22.07 34.31 -6.88
C ARG C 221 20.94 35.04 -7.61
N GLY C 222 21.15 35.24 -8.91
CA GLY C 222 20.08 35.72 -9.82
C GLY C 222 19.67 37.07 -9.32
N GLU C 223 18.37 37.24 -9.13
CA GLU C 223 17.85 38.54 -8.70
C GLU C 223 18.20 38.90 -7.28
N HIS C 224 18.80 37.95 -6.55
CA HIS C 224 19.18 38.15 -5.14
C HIS C 224 20.66 38.56 -4.95
N GLY C 225 21.36 38.83 -6.04
CA GLY C 225 22.74 39.31 -6.03
C GLY C 225 23.77 38.17 -6.07
N ALA C 226 24.72 38.20 -5.14
CA ALA C 226 25.86 37.22 -5.22
C ALA C 226 26.60 37.14 -3.87
N THR C 227 27.43 36.09 -3.72
CA THR C 227 28.21 35.93 -2.52
C THR C 227 29.66 35.69 -2.98
N ILE C 228 30.65 36.32 -2.33
CA ILE C 228 32.06 36.00 -2.65
C ILE C 228 32.73 35.48 -1.39
N ARG C 229 32.99 34.18 -1.35
CA ARG C 229 33.65 33.60 -0.15
C ARG C 229 35.16 33.51 -0.35
N HIS C 230 35.91 33.97 0.64
CA HIS C 230 37.38 33.97 0.57
C HIS C 230 37.88 33.71 2.00
N ARG C 231 38.68 32.64 2.23
CA ARG C 231 39.00 32.01 3.58
C ARG C 231 38.78 32.78 4.90
N ASP C 232 39.10 34.09 4.93
CA ASP C 232 38.86 34.98 6.11
C ASP C 232 37.70 36.01 5.98
N GLY C 233 36.76 35.77 5.07
CA GLY C 233 35.53 36.52 5.09
C GLY C 233 34.66 36.20 3.89
N THR C 234 33.41 36.63 3.96
CA THR C 234 32.48 36.45 2.83
C THR C 234 31.80 37.80 2.59
N GLU C 235 31.84 38.29 1.35
CA GLU C 235 31.14 39.52 0.94
C GLU C 235 29.82 39.10 0.41
N GLN C 236 28.78 39.72 0.91
CA GLN C 236 27.48 39.59 0.26
C GLN C 236 27.30 40.78 -0.68
N ILE C 237 27.07 40.47 -1.94
CA ILE C 237 26.99 41.52 -2.96
C ILE C 237 25.51 41.77 -3.23
N PRO C 238 25.03 43.03 -3.13
CA PRO C 238 23.59 43.36 -3.39
C PRO C 238 23.24 43.16 -4.85
N ALA C 239 21.99 42.79 -5.20
CA ALA C 239 21.65 42.78 -6.65
C ALA C 239 21.36 44.22 -6.98
N VAL C 240 21.48 44.57 -8.26
CA VAL C 240 21.02 45.86 -8.74
C VAL C 240 19.63 45.58 -9.32
N ARG C 241 18.64 46.39 -8.99
CA ARG C 241 17.33 46.22 -9.59
C ARG C 241 17.45 46.41 -11.10
N ALA C 242 16.86 45.51 -11.86
CA ALA C 242 16.82 45.60 -13.32
C ALA C 242 15.84 46.69 -13.73
N GLU C 243 16.18 47.36 -14.81
CA GLU C 243 15.29 48.34 -15.41
C GLU C 243 14.06 47.73 -16.13
N ARG C 244 14.19 46.49 -16.52
CA ARG C 244 13.13 45.66 -17.03
C ARG C 244 13.77 44.27 -17.09
N VAL C 245 12.94 43.26 -17.12
CA VAL C 245 13.44 41.90 -17.16
C VAL C 245 13.03 41.28 -18.49
N ILE C 246 14.00 41.16 -19.40
CA ILE C 246 13.72 40.76 -20.77
C ILE C 246 14.22 39.36 -21.16
N ASP C 247 15.46 39.01 -20.79
CA ASP C 247 16.06 37.75 -21.24
C ASP C 247 17.25 37.45 -20.30
N PRO C 248 17.21 36.33 -19.57
CA PRO C 248 18.40 36.03 -18.72
C PRO C 248 19.63 35.54 -19.44
N THR C 249 19.51 35.18 -20.74
CA THR C 249 20.62 34.58 -21.45
C THR C 249 21.86 35.52 -21.45
N GLY C 250 22.95 35.05 -20.84
CA GLY C 250 24.23 35.80 -20.83
C GLY C 250 24.39 36.67 -19.60
N CYS C 251 23.41 36.62 -18.67
CA CYS C 251 23.57 37.45 -17.41
C CYS C 251 24.82 37.06 -16.65
N GLY C 252 25.04 35.74 -16.55
CA GLY C 252 26.21 35.30 -15.80
C GLY C 252 27.52 35.65 -16.47
N ASP C 253 27.50 35.65 -17.81
CA ASP C 253 28.73 36.00 -18.52
C ASP C 253 29.01 37.50 -18.42
N ALA C 254 27.97 38.35 -18.43
CA ALA C 254 28.15 39.77 -18.18
C ALA C 254 28.76 39.97 -16.77
N PHE C 255 28.23 39.27 -15.80
CA PHE C 255 28.76 39.31 -14.45
C PHE C 255 30.27 38.94 -14.42
N ARG C 256 30.62 37.89 -15.15
CA ARG C 256 31.99 37.41 -15.14
C ARG C 256 32.89 38.42 -15.80
N GLY C 257 32.41 39.10 -16.83
CA GLY C 257 33.28 40.15 -17.44
C GLY C 257 33.53 41.31 -16.48
N GLY C 258 32.51 41.71 -15.70
CA GLY C 258 32.72 42.74 -14.67
C GLY C 258 33.70 42.24 -13.60
N LEU C 259 33.54 40.99 -13.17
CA LEU C 259 34.40 40.40 -12.15
C LEU C 259 35.84 40.39 -12.65
N LEU C 260 36.03 40.00 -13.92
CA LEU C 260 37.41 39.95 -14.45
C LEU C 260 38.05 41.32 -14.52
N TYR C 261 37.25 42.29 -14.92
CA TYR C 261 37.75 43.68 -14.93
C TYR C 261 38.21 44.09 -13.54
N GLY C 262 37.38 43.82 -12.54
CA GLY C 262 37.69 44.24 -11.14
C GLY C 262 38.98 43.56 -10.66
N ILE C 263 39.12 42.27 -10.99
CA ILE C 263 40.32 41.55 -10.57
C ILE C 263 41.55 42.13 -11.23
N GLU C 264 41.47 42.33 -12.53
CA GLU C 264 42.61 42.90 -13.25
C GLU C 264 43.01 44.29 -12.72
N HIS C 265 42.02 45.10 -12.32
CA HIS C 265 42.31 46.44 -11.84
C HIS C 265 42.52 46.56 -10.34
N GLY C 266 42.66 45.42 -9.66
CA GLY C 266 42.92 45.45 -8.23
C GLY C 266 41.81 45.99 -7.34
N PHE C 267 40.57 45.89 -7.83
CA PHE C 267 39.41 46.24 -7.02
C PHE C 267 39.36 45.31 -5.83
N ASP C 268 38.90 45.80 -4.67
CA ASP C 268 38.55 44.84 -3.64
C ASP C 268 37.36 43.97 -4.04
N TRP C 269 37.14 42.87 -3.34
CA TRP C 269 36.06 41.97 -3.75
C TRP C 269 34.66 42.63 -3.68
N ALA C 270 34.44 43.46 -2.66
CA ALA C 270 33.12 44.15 -2.54
C ALA C 270 32.87 44.96 -3.79
N THR C 271 33.91 45.61 -4.30
CA THR C 271 33.76 46.50 -5.48
C THR C 271 33.69 45.68 -6.80
N ALA C 272 34.61 44.72 -6.96
CA ALA C 272 34.54 43.80 -8.11
C ALA C 272 33.18 43.12 -8.20
N GLY C 273 32.68 42.63 -7.05
CA GLY C 273 31.42 41.92 -7.05
C GLY C 273 30.27 42.86 -7.41
N ARG C 274 30.33 44.10 -6.89
CA ARG C 274 29.29 45.07 -7.23
C ARG C 274 29.29 45.42 -8.72
N LEU C 275 30.50 45.54 -9.30
CA LEU C 275 30.56 45.84 -10.72
C LEU C 275 29.99 44.66 -11.52
N ALA C 276 30.35 43.47 -11.13
CA ALA C 276 29.80 42.29 -11.80
C ALA C 276 28.25 42.26 -11.72
N SER C 277 27.71 42.52 -10.55
CA SER C 277 26.27 42.50 -10.31
C SER C 277 25.59 43.55 -11.19
N LEU C 278 26.21 44.72 -11.28
CA LEU C 278 25.67 45.77 -12.16
C LEU C 278 25.66 45.32 -13.61
N MET C 279 26.75 44.69 -14.06
CA MET C 279 26.82 44.24 -15.48
C MET C 279 25.67 43.22 -15.72
N GLY C 280 25.45 42.32 -14.76
CA GLY C 280 24.36 41.31 -14.98
C GLY C 280 22.97 41.94 -14.98
N ALA C 281 22.81 43.05 -14.23
CA ALA C 281 21.51 43.75 -14.15
C ALA C 281 21.23 44.48 -15.47
N LEU C 282 22.28 45.11 -16.01
CA LEU C 282 22.17 45.76 -17.31
C LEU C 282 21.82 44.71 -18.37
N LYS C 283 22.51 43.56 -18.36
CA LYS C 283 22.26 42.53 -19.34
C LYS C 283 20.78 42.11 -19.44
N ILE C 284 20.18 41.80 -18.28
CA ILE C 284 18.86 41.19 -18.26
C ILE C 284 17.78 42.05 -18.92
N ALA C 285 18.04 43.38 -19.01
CA ALA C 285 17.14 44.29 -19.67
C ALA C 285 17.10 44.20 -21.22
N HIS C 286 17.88 43.30 -21.81
CA HIS C 286 18.01 43.22 -23.27
C HIS C 286 17.89 41.77 -23.75
N GLN C 287 17.51 41.63 -25.01
CA GLN C 287 17.39 40.34 -25.69
C GLN C 287 18.76 39.76 -25.98
N GLY C 288 18.96 38.51 -25.68
CA GLY C 288 20.25 37.97 -26.08
C GLY C 288 21.40 38.40 -25.17
N PRO C 289 22.56 37.82 -25.41
CA PRO C 289 23.61 38.05 -24.44
C PRO C 289 24.42 39.32 -24.70
N GLN C 290 24.40 39.86 -25.94
CA GLN C 290 25.32 40.98 -26.21
C GLN C 290 24.63 42.10 -26.92
N THR C 291 23.38 42.36 -26.58
CA THR C 291 22.68 43.51 -27.25
C THR C 291 22.62 44.74 -26.32
N TYR C 292 22.85 44.53 -25.01
CA TYR C 292 23.03 45.65 -24.11
C TYR C 292 24.28 46.41 -24.53
N ALA C 293 24.25 47.74 -24.43
CA ALA C 293 25.37 48.54 -24.93
C ALA C 293 25.65 49.77 -24.08
N PRO C 294 25.87 49.60 -22.77
CA PRO C 294 26.23 50.77 -21.96
C PRO C 294 27.61 51.37 -22.38
N THR C 295 27.81 52.66 -22.12
CA THR C 295 29.13 53.28 -22.34
C THR C 295 29.90 53.11 -21.03
N ARG C 296 31.22 53.27 -21.07
CA ARG C 296 31.97 53.19 -19.80
C ARG C 296 31.56 54.32 -18.82
N ALA C 297 31.31 55.53 -19.35
CA ALA C 297 30.86 56.65 -18.50
C ALA C 297 29.55 56.29 -17.81
N GLU C 298 28.66 55.61 -18.57
CA GLU C 298 27.38 55.19 -18.06
C GLU C 298 27.57 54.20 -16.90
N ILE C 299 28.46 53.23 -17.10
CA ILE C 299 28.69 52.19 -16.08
C ILE C 299 29.21 52.81 -14.82
N ASP C 300 30.15 53.77 -14.94
CA ASP C 300 30.69 54.47 -13.75
C ASP C 300 29.63 55.22 -12.95
N ALA C 301 28.80 55.92 -13.72
CA ALA C 301 27.74 56.70 -13.15
C ALA C 301 26.70 55.79 -12.47
N ARG C 302 26.31 54.71 -13.15
CA ARG C 302 25.31 53.81 -12.60
C ARG C 302 25.88 53.16 -11.33
N PHE C 303 27.17 52.85 -11.36
CA PHE C 303 27.79 52.27 -10.17
C PHE C 303 27.70 53.21 -8.98
N GLU C 304 28.02 54.47 -9.21
CA GLU C 304 27.88 55.47 -8.16
C GLU C 304 26.45 55.62 -7.66
N THR C 305 25.50 55.61 -8.59
CA THR C 305 24.07 55.68 -8.25
C THR C 305 23.58 54.48 -7.43
N ALA C 306 23.96 53.28 -7.82
CA ALA C 306 23.51 52.06 -7.16
C ALA C 306 24.16 51.83 -5.79
N PHE C 307 25.44 52.19 -5.67
CA PHE C 307 26.25 51.68 -4.55
C PHE C 307 26.84 52.75 -3.69
N GLY C 308 26.80 53.99 -4.14
CA GLY C 308 27.18 55.14 -3.28
C GLY C 308 28.64 55.61 -3.35
N TYR C 309 29.40 55.09 -4.30
CA TYR C 309 30.80 55.43 -4.54
C TYR C 309 31.27 55.11 -5.95
N ARG C 310 32.40 55.70 -6.34
CA ARG C 310 32.97 55.48 -7.66
C ARG C 310 33.88 54.23 -7.60
N PRO C 311 33.86 53.35 -8.64
CA PRO C 311 34.75 52.18 -8.51
C PRO C 311 36.16 52.39 -9.08
N LYS C 312 37.16 52.24 -8.22
CA LYS C 312 38.57 52.35 -8.60
C LYS C 312 39.42 51.33 -7.84
N GLY C 313 40.75 51.40 -8.03
CA GLY C 313 41.74 50.54 -7.36
C GLY C 313 41.60 50.43 -5.85
N ALA D 2 -35.92 6.99 42.64
CA ALA D 2 -34.71 6.64 41.81
C ALA D 2 -34.28 7.73 40.85
N THR D 3 -33.01 7.69 40.48
CA THR D 3 -32.40 8.75 39.66
C THR D 3 -31.87 8.13 38.40
N LEU D 4 -32.26 8.68 37.26
CA LEU D 4 -31.82 8.16 35.95
C LEU D 4 -30.50 8.83 35.64
N ILE D 5 -29.47 8.04 35.33
CA ILE D 5 -28.13 8.59 35.14
C ILE D 5 -27.75 8.39 33.67
N CYS D 6 -27.94 9.41 32.86
CA CYS D 6 -27.73 9.28 31.38
C CYS D 6 -26.32 9.72 31.06
N GLY D 7 -25.55 8.87 30.40
CA GLY D 7 -24.19 9.26 30.07
C GLY D 7 -23.35 8.12 29.56
N SER D 8 -22.07 8.37 29.30
CA SER D 8 -21.18 7.32 28.77
C SER D 8 -20.89 6.22 29.77
N ILE D 9 -20.77 4.99 29.27
CA ILE D 9 -20.30 3.89 30.09
C ILE D 9 -19.09 3.36 29.34
N ALA D 10 -17.93 3.39 30.00
CA ALA D 10 -16.68 3.23 29.24
C ALA D 10 -15.61 2.52 30.08
N TYR D 11 -14.66 1.92 29.39
CA TYR D 11 -13.45 1.51 30.07
C TYR D 11 -12.37 2.56 29.87
N ASP D 12 -11.69 2.95 30.96
CA ASP D 12 -10.65 3.95 30.92
C ASP D 12 -9.31 3.25 30.99
N ASN D 13 -8.44 3.64 30.09
CA ASN D 13 -7.06 3.14 30.07
C ASN D 13 -6.14 4.27 30.41
N ILE D 14 -5.61 4.20 31.62
CA ILE D 14 -4.81 5.27 32.15
C ILE D 14 -3.33 4.95 31.85
N MET D 15 -2.78 5.65 30.85
CA MET D 15 -1.44 5.44 30.35
C MET D 15 -0.47 6.50 30.87
N THR D 16 0.54 6.10 31.63
CA THR D 16 1.41 7.11 32.29
C THR D 16 2.70 7.35 31.54
N PHE D 17 2.85 8.60 31.13
CA PHE D 17 4.09 9.06 30.51
C PHE D 17 5.01 9.50 31.67
N GLU D 18 6.22 8.94 31.73
CA GLU D 18 7.14 9.22 32.85
C GLU D 18 7.95 10.49 32.63
N GLY D 19 7.20 11.57 32.53
CA GLY D 19 7.74 12.89 32.28
C GLY D 19 6.58 13.84 32.48
N ARG D 20 6.74 15.05 31.96
CA ARG D 20 5.72 16.05 32.16
C ARG D 20 5.46 16.67 30.79
N PHE D 21 4.18 16.80 30.45
CA PHE D 21 3.78 17.35 29.16
C PHE D 21 4.42 18.72 28.90
N ASN D 34 6.89 12.88 12.99
CA ASN D 34 6.20 11.89 13.79
C ASN D 34 6.98 11.49 15.06
N LEU D 35 6.35 11.75 16.20
CA LEU D 35 6.94 11.70 17.55
C LEU D 35 6.14 10.75 18.49
N SER D 36 6.85 9.87 19.19
CA SER D 36 6.18 8.96 20.13
C SER D 36 6.60 9.26 21.56
N PHE D 37 5.73 8.87 22.45
CA PHE D 37 5.86 8.99 23.90
C PHE D 37 5.67 7.61 24.51
N LEU D 38 6.69 7.15 25.24
CA LEU D 38 6.62 5.87 25.94
C LEU D 38 5.72 5.97 27.11
N VAL D 39 4.83 4.99 27.24
CA VAL D 39 3.89 4.95 28.36
C VAL D 39 4.09 3.55 28.94
N PRO D 40 5.11 3.35 29.82
CA PRO D 40 5.47 2.00 30.26
C PRO D 40 4.34 1.34 31.04
N THR D 41 3.58 2.14 31.77
CA THR D 41 2.50 1.57 32.54
C THR D 41 1.11 1.97 32.01
N MET D 42 0.24 0.99 31.97
CA MET D 42 -1.13 1.23 31.67
CA MET D 42 -1.14 1.16 31.58
C MET D 42 -1.99 0.51 32.69
N ARG D 43 -3.03 1.17 33.15
CA ARG D 43 -3.98 0.60 34.15
C ARG D 43 -5.40 0.71 33.59
N ARG D 44 -6.11 -0.41 33.50
CA ARG D 44 -7.48 -0.34 32.98
C ARG D 44 -8.47 -0.18 34.15
N GLU D 45 -9.50 0.65 33.97
CA GLU D 45 -10.38 0.94 35.06
C GLU D 45 -11.80 1.05 34.54
N PHE D 46 -12.77 0.85 35.43
CA PHE D 46 -14.15 1.11 35.04
C PHE D 46 -14.43 2.61 35.06
N GLY D 47 -15.05 3.10 33.97
CA GLY D 47 -15.26 4.53 33.82
C GLY D 47 -16.49 4.87 33.04
N GLY D 48 -16.43 6.00 32.36
CA GLY D 48 -17.64 6.57 31.72
C GLY D 48 -18.39 7.45 32.69
N CYS D 49 -18.96 8.55 32.20
CA CYS D 49 -19.63 9.51 33.10
C CYS D 49 -20.81 8.90 33.87
N ALA D 50 -21.68 8.15 33.17
CA ALA D 50 -22.81 7.49 33.83
C ALA D 50 -22.35 6.44 34.83
N GLY D 51 -21.30 5.66 34.49
CA GLY D 51 -20.86 4.65 35.46
C GLY D 51 -20.32 5.31 36.71
N ASN D 52 -19.55 6.39 36.50
CA ASN D 52 -18.87 7.09 37.64
C ASN D 52 -19.91 7.78 38.52
N ILE D 53 -20.87 8.46 37.90
CA ILE D 53 -21.89 9.13 38.71
C ILE D 53 -22.77 8.11 39.45
N ALA D 54 -23.16 7.03 38.77
CA ALA D 54 -23.99 6.03 39.43
C ALA D 54 -23.18 5.42 40.58
N TYR D 55 -21.88 5.17 40.37
CA TYR D 55 -21.09 4.58 41.43
C TYR D 55 -21.14 5.50 42.65
N ALA D 56 -21.03 6.83 42.43
CA ALA D 56 -21.01 7.77 43.57
C ALA D 56 -22.37 7.78 44.28
N LEU D 57 -23.44 7.82 43.50
CA LEU D 57 -24.75 7.86 44.09
C LEU D 57 -25.03 6.56 44.87
N ASN D 58 -24.62 5.43 44.30
CA ASN D 58 -24.73 4.16 44.98
C ASN D 58 -23.96 4.10 46.31
N LEU D 59 -22.76 4.70 46.35
CA LEU D 59 -21.98 4.78 47.62
C LEU D 59 -22.80 5.44 48.70
N LEU D 60 -23.55 6.46 48.32
CA LEU D 60 -24.31 7.21 49.27
C LEU D 60 -25.60 6.48 49.72
N GLY D 61 -25.98 5.42 49.03
CA GLY D 61 -27.27 4.77 49.37
C GLY D 61 -28.43 5.18 48.45
N GLY D 62 -28.14 5.95 47.41
CA GLY D 62 -29.12 6.37 46.41
C GLY D 62 -29.42 5.25 45.44
N ASP D 63 -30.51 5.38 44.70
CA ASP D 63 -30.93 4.34 43.77
C ASP D 63 -30.66 4.85 42.38
N ALA D 64 -29.53 4.41 41.81
CA ALA D 64 -29.06 4.94 40.54
C ALA D 64 -29.42 3.97 39.41
N ARG D 65 -30.09 4.49 38.40
CA ARG D 65 -30.47 3.70 37.22
C ARG D 65 -29.71 4.26 36.01
N MET D 66 -28.58 3.63 35.70
CA MET D 66 -27.81 4.06 34.53
C MET D 66 -28.58 3.89 33.23
N MET D 67 -28.48 4.88 32.34
CA MET D 67 -29.07 4.75 31.02
C MET D 67 -27.96 5.07 30.06
N GLY D 68 -27.49 4.05 29.34
CA GLY D 68 -26.35 4.24 28.45
C GLY D 68 -26.18 2.97 27.65
N THR D 69 -25.29 3.04 26.65
CA THR D 69 -25.11 1.90 25.77
C THR D 69 -23.69 1.30 25.97
N LEU D 70 -23.62 -0.01 26.09
CA LEU D 70 -22.38 -0.78 26.03
C LEU D 70 -22.35 -1.60 24.75
N GLY D 71 -21.16 -2.12 24.41
CA GLY D 71 -21.03 -2.96 23.22
C GLY D 71 -20.84 -4.40 23.65
N ALA D 72 -21.54 -5.30 23.00
CA ALA D 72 -21.61 -6.65 23.48
C ALA D 72 -20.28 -7.37 23.39
N VAL D 73 -19.39 -6.89 22.52
CA VAL D 73 -18.08 -7.56 22.41
C VAL D 73 -17.37 -7.63 23.73
N ASP D 74 -17.41 -6.54 24.47
CA ASP D 74 -16.66 -6.51 25.73
C ASP D 74 -17.45 -5.91 26.90
N ALA D 75 -18.77 -5.92 26.82
CA ALA D 75 -19.63 -5.40 27.92
C ALA D 75 -19.54 -6.19 29.22
N GLN D 76 -19.24 -7.50 29.15
CA GLN D 76 -19.55 -8.37 30.29
C GLN D 76 -18.87 -7.98 31.60
N PRO D 77 -17.59 -7.56 31.55
CA PRO D 77 -16.99 -7.12 32.85
C PRO D 77 -17.73 -5.98 33.55
N TYR D 78 -18.29 -5.03 32.77
CA TYR D 78 -19.02 -3.91 33.37
C TYR D 78 -20.36 -4.41 33.87
N LEU D 79 -21.01 -5.29 33.09
CA LEU D 79 -22.30 -5.82 33.52
C LEU D 79 -22.10 -6.57 34.82
N ASP D 80 -21.03 -7.38 34.90
CA ASP D 80 -20.82 -8.15 36.14
C ASP D 80 -20.51 -7.25 37.35
N ARG D 81 -19.82 -6.16 37.09
CA ARG D 81 -19.50 -5.18 38.10
C ARG D 81 -20.82 -4.52 38.59
N MET D 82 -21.67 -4.12 37.63
CA MET D 82 -22.99 -3.58 37.99
C MET D 82 -23.74 -4.56 38.88
N ASP D 83 -23.79 -5.83 38.48
CA ASP D 83 -24.53 -6.84 39.25
C ASP D 83 -23.94 -6.93 40.66
N ALA D 84 -22.60 -6.89 40.76
CA ALA D 84 -21.94 -7.02 42.07
C ALA D 84 -22.21 -5.83 42.96
N LEU D 85 -22.38 -4.66 42.34
CA LEU D 85 -22.69 -3.44 43.11
C LEU D 85 -24.16 -3.26 43.44
N GLY D 86 -25.03 -4.03 42.81
CA GLY D 86 -26.50 -3.85 42.95
C GLY D 86 -27.02 -2.71 42.07
N LEU D 87 -26.27 -2.31 41.04
CA LEU D 87 -26.75 -1.28 40.09
C LEU D 87 -27.60 -1.92 39.00
N SER D 88 -28.85 -1.46 38.89
CA SER D 88 -29.78 -2.04 37.95
C SER D 88 -29.29 -1.89 36.50
N ARG D 89 -29.47 -2.95 35.71
CA ARG D 89 -29.20 -2.93 34.26
C ARG D 89 -30.39 -2.47 33.42
N GLU D 90 -31.50 -2.10 34.07
CA GLU D 90 -32.80 -1.78 33.43
C GLU D 90 -32.64 -0.95 32.16
N TYR D 91 -31.84 0.12 32.26
CA TYR D 91 -31.74 1.05 31.12
C TYR D 91 -30.35 1.01 30.48
N VAL D 92 -29.58 -0.04 30.78
CA VAL D 92 -28.29 -0.22 30.08
C VAL D 92 -28.54 -1.10 28.87
N ARG D 93 -28.32 -0.58 27.66
CA ARG D 93 -28.59 -1.36 26.46
C ARG D 93 -27.27 -1.91 25.94
N VAL D 94 -27.19 -3.23 25.72
CA VAL D 94 -25.92 -3.83 25.29
C VAL D 94 -26.06 -4.12 23.81
N LEU D 95 -25.33 -3.41 22.99
CA LEU D 95 -25.60 -3.46 21.53
C LEU D 95 -24.84 -4.62 20.89
N PRO D 96 -25.56 -5.56 20.24
CA PRO D 96 -24.78 -6.68 19.68
C PRO D 96 -23.69 -6.22 18.68
N ASP D 97 -22.57 -6.97 18.71
CA ASP D 97 -21.53 -6.86 17.64
C ASP D 97 -20.84 -5.51 17.61
N THR D 98 -20.71 -4.91 18.79
CA THR D 98 -20.16 -3.56 18.92
C THR D 98 -19.24 -3.52 20.14
N TYR D 99 -18.29 -2.60 20.10
CA TYR D 99 -17.33 -2.43 21.23
C TYR D 99 -17.83 -1.35 22.14
N SER D 100 -17.59 -1.52 23.43
CA SER D 100 -17.91 -0.47 24.39
C SER D 100 -16.97 0.78 24.18
N ALA D 101 -17.46 1.97 24.53
CA ALA D 101 -16.62 3.16 24.67
C ALA D 101 -15.31 2.88 25.43
N GLN D 102 -14.19 3.43 24.95
CA GLN D 102 -12.90 3.37 25.67
C GLN D 102 -12.26 4.75 25.68
N ALA D 103 -11.74 5.15 26.83
CA ALA D 103 -10.97 6.38 26.88
C ALA D 103 -9.52 5.94 27.03
N MET D 104 -8.70 6.48 26.16
CA MET D 104 -7.27 6.26 26.20
CA MET D 104 -7.27 6.25 26.19
C MET D 104 -6.69 7.52 26.80
N ILE D 105 -6.43 7.46 28.10
CA ILE D 105 -6.07 8.66 28.88
C ILE D 105 -4.56 8.67 29.12
N THR D 106 -3.81 9.49 28.38
CA THR D 106 -2.40 9.67 28.65
C THR D 106 -2.26 10.72 29.79
N THR D 107 -1.72 10.28 30.94
CA THR D 107 -1.45 11.16 32.08
C THR D 107 0.07 11.39 32.21
N ASP D 108 0.45 12.57 32.70
CA ASP D 108 1.88 12.78 33.00
C ASP D 108 2.16 12.80 34.52
N LEU D 109 3.38 13.16 34.91
CA LEU D 109 3.75 13.16 36.33
C LEU D 109 2.98 14.19 37.20
N ASP D 110 2.45 15.24 36.59
CA ASP D 110 1.73 16.29 37.34
C ASP D 110 0.20 16.17 37.21
N ASN D 111 -0.27 14.99 36.78
CA ASN D 111 -1.71 14.69 36.60
C ASN D 111 -2.40 15.51 35.51
N ASN D 112 -1.62 16.04 34.57
CA ASN D 112 -2.12 16.50 33.29
C ASN D 112 -2.55 15.28 32.48
N GLN D 113 -3.66 15.44 31.77
CA GLN D 113 -4.33 14.34 31.08
C GLN D 113 -4.79 14.79 29.72
N ILE D 114 -4.47 14.02 28.69
CA ILE D 114 -5.12 14.19 27.39
C ILE D 114 -5.76 12.85 26.95
N THR D 115 -7.06 12.89 26.67
CA THR D 115 -7.85 11.71 26.33
C THR D 115 -8.16 11.63 24.85
N ALA D 116 -7.92 10.47 24.25
CA ALA D 116 -8.47 10.16 22.95
C ALA D 116 -9.67 9.25 23.30
N PHE D 117 -10.89 9.64 22.96
CA PHE D 117 -12.06 8.89 23.44
C PHE D 117 -12.71 8.21 22.25
N HIS D 118 -12.73 6.86 22.28
CA HIS D 118 -13.28 6.09 21.15
C HIS D 118 -14.71 5.73 21.53
N PRO D 119 -15.70 6.33 20.88
CA PRO D 119 -17.03 6.14 21.47
C PRO D 119 -17.63 4.75 21.31
N GLY D 120 -17.35 4.04 20.22
CA GLY D 120 -17.98 2.71 19.99
C GLY D 120 -19.48 2.84 20.20
N ALA D 121 -20.04 1.98 21.07
CA ALA D 121 -21.49 1.90 21.32
C ALA D 121 -22.10 3.20 21.79
N MET D 122 -21.28 4.08 22.39
CA MET D 122 -21.80 5.38 22.80
C MET D 122 -22.48 6.18 21.69
N MET D 123 -21.99 6.00 20.48
CA MET D 123 -22.53 6.71 19.33
C MET D 123 -23.98 6.34 19.05
N GLN D 124 -24.45 5.23 19.62
CA GLN D 124 -25.83 4.77 19.43
C GLN D 124 -26.66 4.95 20.70
N SER D 125 -26.23 5.86 21.58
CA SER D 125 -26.88 6.02 22.90
C SER D 125 -28.36 6.44 22.77
N HIS D 126 -28.74 7.05 21.64
CA HIS D 126 -30.14 7.51 21.41
C HIS D 126 -31.11 6.34 21.20
N VAL D 127 -30.58 5.12 21.17
CA VAL D 127 -31.50 3.97 21.19
C VAL D 127 -32.35 3.86 22.47
N ASN D 128 -31.81 4.40 23.56
CA ASN D 128 -32.54 4.54 24.83
C ASN D 128 -33.43 5.76 24.80
N HIS D 129 -34.66 5.59 25.27
CA HIS D 129 -35.57 6.73 25.35
C HIS D 129 -35.81 7.10 26.80
N ALA D 130 -35.29 8.25 27.24
CA ALA D 130 -35.45 8.67 28.63
C ALA D 130 -36.89 8.86 29.08
N GLY D 131 -37.74 9.29 28.15
CA GLY D 131 -39.17 9.50 28.40
C GLY D 131 -39.95 8.22 28.69
N GLU D 132 -39.35 7.07 28.34
CA GLU D 132 -39.91 5.77 28.66
C GLU D 132 -39.53 5.24 30.04
N ALA D 133 -38.65 5.94 30.76
CA ALA D 133 -38.19 5.46 32.05
C ALA D 133 -39.23 5.68 33.15
N LYS D 134 -39.53 4.62 33.90
CA LYS D 134 -40.83 4.47 34.57
C LYS D 134 -41.03 5.11 35.95
N ASP D 135 -40.11 4.82 36.88
CA ASP D 135 -40.25 5.36 38.23
C ASP D 135 -38.91 5.98 38.45
N ILE D 136 -38.73 7.18 37.89
CA ILE D 136 -37.53 8.01 37.97
C ILE D 136 -38.03 9.34 38.43
N LYS D 137 -37.48 9.84 39.53
CA LYS D 137 -37.86 11.15 40.07
C LYS D 137 -36.91 12.29 39.72
N LEU D 138 -35.74 11.95 39.16
CA LEU D 138 -34.68 12.95 38.92
C LEU D 138 -33.76 12.25 37.93
N ALA D 139 -33.04 13.05 37.15
CA ALA D 139 -32.12 12.53 36.16
C ALA D 139 -30.91 13.46 36.03
N ILE D 140 -29.86 12.95 35.40
CA ILE D 140 -28.77 13.78 34.89
C ILE D 140 -28.52 13.39 33.43
N VAL D 141 -28.25 14.38 32.58
CA VAL D 141 -27.83 14.14 31.19
C VAL D 141 -26.41 14.57 31.09
N GLY D 142 -25.52 13.57 31.03
CA GLY D 142 -24.07 13.78 31.02
C GLY D 142 -23.48 13.50 29.66
N PRO D 143 -22.14 13.61 29.51
CA PRO D 143 -21.47 13.46 28.19
C PRO D 143 -21.80 12.08 27.64
N ASP D 144 -22.12 12.03 26.37
CA ASP D 144 -22.65 10.83 25.73
C ASP D 144 -22.60 11.13 24.25
N GLY D 145 -23.17 10.22 23.48
CA GLY D 145 -23.29 10.47 22.05
C GLY D 145 -24.14 11.72 21.88
N PHE D 146 -23.90 12.48 20.83
CA PHE D 146 -24.61 13.78 20.67
C PHE D 146 -26.12 13.64 20.52
N GLN D 147 -26.54 12.73 19.64
CA GLN D 147 -27.95 12.56 19.40
C GLN D 147 -28.64 12.14 20.71
N GLY D 148 -27.94 11.30 21.46
CA GLY D 148 -28.42 10.83 22.78
C GLY D 148 -28.58 11.97 23.74
N MET D 149 -27.57 12.82 23.85
CA MET D 149 -27.67 13.89 24.82
C MET D 149 -28.89 14.81 24.51
N VAL D 150 -29.04 15.18 23.24
CA VAL D 150 -30.13 16.09 22.85
C VAL D 150 -31.47 15.38 23.10
N GLN D 151 -31.56 14.11 22.69
CA GLN D 151 -32.80 13.40 22.80
C GLN D 151 -33.19 13.23 24.25
N HIS D 152 -32.21 12.96 25.14
CA HIS D 152 -32.57 12.83 26.55
C HIS D 152 -33.09 14.12 27.15
N THR D 153 -32.42 15.24 26.86
CA THR D 153 -32.94 16.55 27.33
C THR D 153 -34.41 16.76 26.87
N GLU D 154 -34.70 16.46 25.60
CA GLU D 154 -36.04 16.74 25.11
C GLU D 154 -37.08 15.83 25.78
N GLU D 155 -36.71 14.55 25.94
CA GLU D 155 -37.66 13.58 26.44
C GLU D 155 -37.93 13.75 27.92
N LEU D 156 -36.90 14.06 28.69
CA LEU D 156 -37.07 14.30 30.12
C LEU D 156 -37.91 15.52 30.37
N ALA D 157 -37.69 16.55 29.58
CA ALA D 157 -38.47 17.78 29.77
C ALA D 157 -39.95 17.50 29.49
N GLN D 158 -40.24 16.75 28.43
CA GLN D 158 -41.62 16.42 28.05
C GLN D 158 -42.30 15.60 29.11
N ALA D 159 -41.52 14.74 29.74
CA ALA D 159 -41.96 13.88 30.80
C ALA D 159 -42.18 14.57 32.15
N GLY D 160 -41.64 15.78 32.33
CA GLY D 160 -41.75 16.44 33.62
C GLY D 160 -40.83 15.84 34.66
N VAL D 161 -39.73 15.22 34.21
CA VAL D 161 -38.69 14.78 35.09
C VAL D 161 -37.60 15.85 35.26
N PRO D 162 -37.35 16.24 36.49
CA PRO D 162 -36.31 17.30 36.63
C PRO D 162 -34.92 16.68 36.40
N PHE D 163 -34.04 17.40 35.71
CA PHE D 163 -32.72 16.88 35.39
C PHE D 163 -31.60 17.93 35.44
N ILE D 164 -30.43 17.46 35.83
CA ILE D 164 -29.20 18.23 35.72
C ILE D 164 -28.66 18.03 34.32
N PHE D 165 -28.29 19.12 33.66
CA PHE D 165 -27.60 19.03 32.38
C PHE D 165 -26.10 19.27 32.63
N ASP D 166 -25.26 18.32 32.21
CA ASP D 166 -23.82 18.28 32.46
C ASP D 166 -23.15 18.00 31.10
N PRO D 167 -22.96 19.02 30.25
CA PRO D 167 -22.47 18.72 28.88
C PRO D 167 -21.04 18.20 28.81
N GLY D 168 -20.21 18.63 29.75
CA GLY D 168 -18.82 18.15 29.91
C GLY D 168 -18.04 18.02 28.64
N GLN D 169 -17.50 16.81 28.40
CA GLN D 169 -16.71 16.57 27.20
C GLN D 169 -17.50 16.59 25.91
N GLY D 170 -18.83 16.56 26.02
CA GLY D 170 -19.73 16.69 24.89
C GLY D 170 -19.89 18.11 24.35
N LEU D 171 -19.40 19.13 25.07
CA LEU D 171 -19.58 20.53 24.60
C LEU D 171 -19.24 20.83 23.13
N PRO D 172 -18.10 20.32 22.61
CA PRO D 172 -17.75 20.60 21.21
C PRO D 172 -18.79 20.14 20.20
N LEU D 173 -19.68 19.23 20.58
CA LEU D 173 -20.67 18.70 19.64
C LEU D 173 -21.86 19.65 19.53
N PHE D 174 -21.95 20.61 20.45
CA PHE D 174 -23.08 21.53 20.46
C PHE D 174 -22.75 22.82 19.77
N ASP D 175 -23.73 23.40 19.07
CA ASP D 175 -23.65 24.79 18.63
C ASP D 175 -24.45 25.65 19.62
N GLY D 176 -24.49 26.93 19.35
CA GLY D 176 -25.19 27.89 20.23
C GLY D 176 -26.68 27.57 20.47
N ALA D 177 -27.38 27.32 19.37
CA ALA D 177 -28.83 27.08 19.39
C ALA D 177 -29.19 25.85 20.22
N THR D 178 -28.47 24.76 19.97
CA THR D 178 -28.81 23.50 20.61
C THR D 178 -28.39 23.53 22.09
N LEU D 179 -27.28 24.21 22.40
CA LEU D 179 -26.86 24.37 23.78
C LEU D 179 -27.83 25.25 24.56
N ARG D 180 -28.23 26.38 23.95
CA ARG D 180 -29.19 27.30 24.59
C ARG D 180 -30.49 26.53 24.90
N ARG D 181 -30.95 25.76 23.92
CA ARG D 181 -32.18 24.95 24.05
C ARG D 181 -32.05 23.90 25.14
N SER D 182 -30.91 23.19 25.18
CA SER D 182 -30.64 22.20 26.25
C SER D 182 -30.65 22.82 27.66
N ILE D 183 -30.10 24.02 27.77
CA ILE D 183 -30.13 24.71 29.05
C ILE D 183 -31.54 25.22 29.42
N GLU D 184 -32.27 25.69 28.44
CA GLU D 184 -33.67 26.07 28.63
C GLU D 184 -34.48 24.88 29.16
N LEU D 185 -34.20 23.70 28.63
CA LEU D 185 -34.97 22.51 29.05
C LEU D 185 -34.61 22.03 30.45
N ALA D 186 -33.34 22.23 30.84
CA ALA D 186 -32.73 21.73 32.08
C ALA D 186 -33.31 22.33 33.34
N THR D 187 -33.36 21.54 34.40
CA THR D 187 -33.73 22.04 35.72
C THR D 187 -32.52 22.58 36.45
N TYR D 188 -31.36 21.95 36.23
CA TYR D 188 -30.15 22.43 36.86
C TYR D 188 -29.01 22.28 35.86
N ILE D 189 -27.94 23.03 36.09
CA ILE D 189 -26.70 22.86 35.28
C ILE D 189 -25.49 22.65 36.22
N ALA D 190 -24.64 21.66 35.92
CA ALA D 190 -23.45 21.44 36.75
C ALA D 190 -22.28 21.37 35.78
N VAL D 191 -21.30 22.27 35.94
CA VAL D 191 -20.11 22.35 35.05
C VAL D 191 -18.88 22.71 35.90
N ASN D 192 -17.66 22.58 35.36
CA ASN D 192 -16.53 23.20 36.05
C ASN D 192 -16.32 24.58 35.47
N ASP D 193 -15.35 25.34 35.99
CA ASP D 193 -15.27 26.73 35.57
C ASP D 193 -14.82 26.92 34.11
N TYR D 194 -13.94 26.05 33.64
CA TYR D 194 -13.49 26.15 32.26
C TYR D 194 -14.70 25.84 31.31
N GLU D 195 -15.50 24.87 31.71
CA GLU D 195 -16.73 24.54 30.94
C GLU D 195 -17.73 25.66 31.00
N ALA D 196 -17.85 26.31 32.16
CA ALA D 196 -18.68 27.51 32.26
C ALA D 196 -18.28 28.58 31.25
N LYS D 197 -16.96 28.83 31.13
CA LYS D 197 -16.51 29.79 30.13
C LYS D 197 -16.91 29.38 28.73
N LEU D 198 -16.70 28.11 28.40
CA LEU D 198 -17.09 27.54 27.12
C LEU D 198 -18.58 27.68 26.85
N VAL D 199 -19.41 27.39 27.84
CA VAL D 199 -20.86 27.56 27.71
C VAL D 199 -21.23 29.06 27.47
N CYS D 200 -20.62 29.96 28.24
CA CYS D 200 -20.86 31.40 28.08
C CYS D 200 -20.51 31.80 26.65
N ASP D 201 -19.38 31.32 26.15
CA ASP D 201 -18.91 31.72 24.81
C ASP D 201 -19.81 31.24 23.72
N LYS D 202 -20.23 29.96 23.81
CA LYS D 202 -21.06 29.32 22.79
C LYS D 202 -22.52 29.83 22.80
N THR D 203 -23.09 30.06 23.99
CA THR D 203 -24.46 30.58 24.12
C THR D 203 -24.61 32.10 23.99
N GLY D 204 -23.54 32.83 24.32
CA GLY D 204 -23.61 34.25 24.40
C GLY D 204 -24.13 34.74 25.75
N TRP D 205 -24.47 33.79 26.62
CA TRP D 205 -24.96 34.13 27.97
C TRP D 205 -23.89 34.37 29.04
N SER D 206 -24.12 35.33 29.93
CA SER D 206 -23.38 35.35 31.21
C SER D 206 -23.95 34.31 32.14
N GLU D 207 -23.23 34.05 33.22
CA GLU D 207 -23.71 33.15 34.27
C GLU D 207 -25.06 33.55 34.81
N ASP D 208 -25.28 34.86 34.94
CA ASP D 208 -26.53 35.39 35.38
C ASP D 208 -27.63 34.89 34.44
N GLU D 209 -27.38 35.02 33.14
CA GLU D 209 -28.32 34.63 32.15
C GLU D 209 -28.55 33.12 32.13
N ILE D 210 -27.50 32.34 32.36
CA ILE D 210 -27.67 30.89 32.41
C ILE D 210 -28.47 30.57 33.67
N ALA D 211 -28.18 31.25 34.79
CA ALA D 211 -28.83 30.88 36.08
C ALA D 211 -30.33 31.17 36.06
N SER D 212 -30.70 32.19 35.30
CA SER D 212 -32.10 32.63 35.20
C SER D 212 -32.94 31.58 34.50
N ARG D 213 -32.29 30.63 33.86
CA ARG D 213 -32.97 29.60 33.10
C ARG D 213 -33.06 28.28 33.79
N VAL D 214 -32.51 28.19 35.00
CA VAL D 214 -32.49 26.92 35.75
C VAL D 214 -32.86 27.20 37.22
N GLN D 215 -33.21 26.15 37.96
CA GLN D 215 -33.40 26.30 39.42
C GLN D 215 -32.08 26.51 40.11
N ALA D 216 -31.00 25.94 39.56
CA ALA D 216 -29.67 26.12 40.17
C ALA D 216 -28.55 25.98 39.14
N LEU D 217 -27.60 26.90 39.18
CA LEU D 217 -26.37 26.74 38.42
C LEU D 217 -25.22 26.37 39.40
N ILE D 218 -24.57 25.23 39.15
CA ILE D 218 -23.49 24.71 39.98
C ILE D 218 -22.19 24.74 39.20
N ILE D 219 -21.20 25.51 39.69
CA ILE D 219 -19.91 25.59 38.99
C ILE D 219 -18.81 25.13 39.99
N THR D 220 -18.11 24.07 39.64
CA THR D 220 -16.95 23.57 40.43
C THR D 220 -15.66 24.36 40.16
N ARG D 221 -14.84 24.48 41.19
CA ARG D 221 -13.63 25.33 41.14
C ARG D 221 -12.38 24.57 41.63
N GLY D 222 -12.27 23.31 41.24
CA GLY D 222 -11.12 22.46 41.53
C GLY D 222 -10.87 22.33 43.02
N GLU D 223 -9.65 22.64 43.45
CA GLU D 223 -9.33 22.56 44.87
C GLU D 223 -9.88 23.74 45.67
N HIS D 224 -10.63 24.63 45.04
CA HIS D 224 -11.26 25.74 45.76
C HIS D 224 -12.75 25.59 46.02
N GLY D 225 -13.30 24.39 45.81
CA GLY D 225 -14.70 24.24 46.12
C GLY D 225 -15.62 24.46 44.93
N ALA D 226 -16.74 25.12 45.21
CA ALA D 226 -17.80 25.30 44.17
C ALA D 226 -18.73 26.42 44.52
N THR D 227 -19.57 26.83 43.55
CA THR D 227 -20.64 27.78 43.85
C THR D 227 -21.97 27.24 43.36
N ILE D 228 -23.04 27.59 44.07
CA ILE D 228 -24.38 27.16 43.67
C ILE D 228 -25.25 28.39 43.67
N ARG D 229 -25.65 28.82 42.47
CA ARG D 229 -26.54 29.99 42.33
C ARG D 229 -27.99 29.54 42.23
N HIS D 230 -28.85 29.94 43.16
CA HIS D 230 -30.25 29.54 43.11
C HIS D 230 -31.16 30.70 43.43
N ARG D 231 -32.47 30.45 43.55
CA ARG D 231 -33.47 31.54 43.78
C ARG D 231 -33.26 32.36 45.06
N ASP D 232 -32.66 31.77 46.09
CA ASP D 232 -32.44 32.54 47.35
C ASP D 232 -31.07 33.20 47.51
N GLY D 233 -30.15 32.92 46.58
CA GLY D 233 -28.84 33.57 46.54
C GLY D 233 -27.82 32.55 46.06
N THR D 234 -26.56 32.76 46.44
CA THR D 234 -25.43 31.89 46.01
C THR D 234 -24.75 31.18 47.21
N GLU D 235 -24.50 29.89 47.07
CA GLU D 235 -23.78 29.19 48.10
C GLU D 235 -22.32 29.19 47.71
N GLN D 236 -21.44 29.59 48.64
CA GLN D 236 -19.99 29.42 48.45
C GLN D 236 -19.61 28.12 49.12
N ILE D 237 -19.42 27.06 48.35
CA ILE D 237 -19.12 25.74 48.92
C ILE D 237 -17.59 25.55 49.12
N PRO D 238 -17.17 25.24 50.36
CA PRO D 238 -15.73 25.07 50.55
C PRO D 238 -15.21 23.77 49.96
N ALA D 239 -13.90 23.71 49.66
CA ALA D 239 -13.26 22.46 49.31
C ALA D 239 -13.11 21.68 50.60
N VAL D 240 -12.93 20.37 50.46
CA VAL D 240 -12.48 19.53 51.56
C VAL D 240 -11.05 19.11 51.27
N ARG D 241 -10.18 19.17 52.29
CA ARG D 241 -8.76 18.80 52.08
C ARG D 241 -8.68 17.29 51.80
N ALA D 242 -8.00 16.92 50.71
CA ALA D 242 -7.82 15.51 50.36
C ALA D 242 -6.75 14.87 51.22
N GLU D 243 -6.91 13.57 51.48
CA GLU D 243 -5.96 12.82 52.33
C GLU D 243 -4.67 12.52 51.58
N ARG D 244 -4.81 12.37 50.27
CA ARG D 244 -3.67 12.29 49.37
C ARG D 244 -4.24 12.63 47.99
N VAL D 245 -3.35 12.99 47.08
CA VAL D 245 -3.73 13.41 45.72
C VAL D 245 -3.11 12.45 44.75
N ILE D 246 -3.94 11.63 44.15
CA ILE D 246 -3.46 10.54 43.31
C ILE D 246 -3.95 10.76 41.85
N ASP D 247 -5.24 11.09 41.65
CA ASP D 247 -5.80 11.01 40.31
C ASP D 247 -7.13 11.78 40.22
N PRO D 248 -7.18 12.83 39.37
CA PRO D 248 -8.38 13.69 39.29
C PRO D 248 -9.51 13.10 38.43
N THR D 249 -9.24 12.05 37.65
CA THR D 249 -10.20 11.38 36.73
C THR D 249 -11.39 10.95 37.50
N GLY D 250 -12.54 11.55 37.20
CA GLY D 250 -13.72 11.22 37.91
C GLY D 250 -14.08 12.07 39.12
N CYS D 251 -13.24 13.05 39.52
CA CYS D 251 -13.62 13.92 40.66
C CYS D 251 -14.91 14.63 40.38
N GLY D 252 -15.05 15.15 39.16
CA GLY D 252 -16.31 15.81 38.82
C GLY D 252 -17.54 14.92 38.87
N ASP D 253 -17.39 13.67 38.46
CA ASP D 253 -18.51 12.75 38.48
C ASP D 253 -18.87 12.40 39.94
N ALA D 254 -17.85 12.23 40.80
CA ALA D 254 -18.10 11.97 42.25
C ALA D 254 -18.91 13.12 42.86
N PHE D 255 -18.50 14.34 42.52
CA PHE D 255 -19.21 15.56 42.95
C PHE D 255 -20.67 15.50 42.49
N ARG D 256 -20.88 15.23 41.22
CA ARG D 256 -22.25 15.20 40.69
C ARG D 256 -23.10 14.11 41.36
N GLY D 257 -22.46 12.98 41.71
CA GLY D 257 -23.15 11.94 42.44
C GLY D 257 -23.63 12.44 43.81
N GLY D 258 -22.77 13.13 44.54
CA GLY D 258 -23.19 13.74 45.82
C GLY D 258 -24.27 14.78 45.62
N LEU D 259 -24.11 15.62 44.60
CA LEU D 259 -25.13 16.62 44.34
C LEU D 259 -26.49 15.97 44.05
N LEU D 260 -26.51 14.93 43.18
CA LEU D 260 -27.78 14.24 42.89
C LEU D 260 -28.39 13.63 44.10
N TYR D 261 -27.55 13.01 44.93
CA TYR D 261 -28.11 12.46 46.18
C TYR D 261 -28.85 13.55 46.99
N GLY D 262 -28.21 14.71 47.13
CA GLY D 262 -28.70 15.78 47.93
C GLY D 262 -30.02 16.26 47.36
N ILE D 263 -30.06 16.40 46.05
CA ILE D 263 -31.30 16.93 45.46
C ILE D 263 -32.47 15.94 45.65
N GLU D 264 -32.24 14.67 45.33
CA GLU D 264 -33.27 13.64 45.45
C GLU D 264 -33.76 13.54 46.90
N HIS D 265 -32.85 13.62 47.85
CA HIS D 265 -33.22 13.39 49.27
C HIS D 265 -33.60 14.68 50.04
N GLY D 266 -33.88 15.77 49.34
CA GLY D 266 -34.34 16.98 49.97
C GLY D 266 -33.33 17.82 50.76
N PHE D 267 -32.05 17.70 50.44
CA PHE D 267 -31.02 18.50 51.12
C PHE D 267 -31.17 19.95 50.68
N ASP D 268 -30.89 20.91 51.54
CA ASP D 268 -30.73 22.31 51.13
C ASP D 268 -29.48 22.46 50.23
N TRP D 269 -29.32 23.59 49.54
CA TRP D 269 -28.17 23.66 48.60
C TRP D 269 -26.78 23.66 49.29
N ALA D 270 -26.69 24.34 50.44
CA ALA D 270 -25.42 24.37 51.21
C ALA D 270 -24.98 22.92 51.54
N THR D 271 -25.91 22.10 52.02
CA THR D 271 -25.58 20.71 52.38
C THR D 271 -25.35 19.83 51.16
N ALA D 272 -26.17 20.00 50.10
CA ALA D 272 -25.95 19.22 48.89
C ALA D 272 -24.55 19.53 48.30
N GLY D 273 -24.18 20.82 48.28
CA GLY D 273 -22.88 21.27 47.74
C GLY D 273 -21.75 20.71 48.55
N ARG D 274 -21.91 20.76 49.87
CA ARG D 274 -20.86 20.29 50.79
C ARG D 274 -20.65 18.79 50.61
N LEU D 275 -21.74 18.04 50.44
CA LEU D 275 -21.65 16.59 50.22
C LEU D 275 -20.89 16.29 48.92
N ALA D 276 -21.23 17.00 47.87
CA ALA D 276 -20.58 16.86 46.55
C ALA D 276 -19.09 17.17 46.69
N SER D 277 -18.75 18.27 47.36
CA SER D 277 -17.36 18.63 47.56
C SER D 277 -16.60 17.51 48.27
N LEU D 278 -17.22 16.95 49.33
CA LEU D 278 -16.58 15.84 50.07
C LEU D 278 -16.33 14.61 49.14
N MET D 279 -17.35 14.25 48.34
CA MET D 279 -17.19 13.13 47.42
C MET D 279 -15.97 13.35 46.48
N GLY D 280 -15.84 14.57 45.98
CA GLY D 280 -14.72 14.93 45.07
C GLY D 280 -13.39 14.74 45.80
N ALA D 281 -13.29 15.13 47.07
CA ALA D 281 -12.06 15.01 47.86
C ALA D 281 -11.71 13.56 48.11
N LEU D 282 -12.75 12.72 48.30
CA LEU D 282 -12.50 11.30 48.55
C LEU D 282 -12.01 10.64 47.27
N LYS D 283 -12.58 11.05 46.17
CA LYS D 283 -12.23 10.48 44.88
C LYS D 283 -10.77 10.71 44.55
N ILE D 284 -10.29 11.93 44.79
CA ILE D 284 -8.95 12.33 44.33
C ILE D 284 -7.85 11.54 45.01
N ALA D 285 -8.16 10.98 46.18
CA ALA D 285 -7.22 10.15 46.86
C ALA D 285 -6.93 8.77 46.28
N HIS D 286 -7.60 8.37 45.19
CA HIS D 286 -7.52 7.04 44.64
C HIS D 286 -7.29 7.09 43.11
N GLN D 287 -6.64 6.07 42.58
CA GLN D 287 -6.37 5.99 41.13
C GLN D 287 -7.59 5.50 40.37
N GLY D 288 -7.93 6.18 39.29
CA GLY D 288 -9.11 5.85 38.49
C GLY D 288 -10.40 6.44 39.07
N PRO D 289 -11.49 6.34 38.31
CA PRO D 289 -12.72 7.01 38.77
C PRO D 289 -13.49 6.32 39.89
N GLN D 290 -13.35 5.01 40.03
CA GLN D 290 -14.28 4.31 40.93
C GLN D 290 -13.54 3.41 41.90
N THR D 291 -12.35 3.78 42.29
CA THR D 291 -11.67 2.88 43.19
C THR D 291 -11.81 3.30 44.63
N TYR D 292 -12.20 4.55 44.85
CA TYR D 292 -12.44 5.01 46.23
C TYR D 292 -13.68 4.27 46.72
N ALA D 293 -13.67 3.83 47.98
CA ALA D 293 -14.82 3.00 48.42
C ALA D 293 -15.21 3.39 49.87
N PRO D 294 -15.59 4.64 50.11
CA PRO D 294 -16.04 4.98 51.46
C PRO D 294 -17.39 4.29 51.79
N THR D 295 -17.69 4.08 53.07
CA THR D 295 -19.03 3.65 53.48
C THR D 295 -19.91 4.87 53.68
N ARG D 296 -21.23 4.72 53.77
CA ARG D 296 -22.08 5.90 54.05
C ARG D 296 -21.81 6.43 55.46
N ALA D 297 -21.61 5.52 56.44
CA ALA D 297 -21.26 5.94 57.77
C ALA D 297 -20.01 6.79 57.77
N GLU D 298 -19.03 6.36 56.99
CA GLU D 298 -17.76 7.09 56.87
C GLU D 298 -18.00 8.48 56.26
N ILE D 299 -18.78 8.53 55.18
CA ILE D 299 -19.11 9.80 54.58
C ILE D 299 -19.77 10.73 55.58
N ASP D 300 -20.76 10.23 56.35
CA ASP D 300 -21.37 11.11 57.37
C ASP D 300 -20.38 11.63 58.41
N ALA D 301 -19.47 10.75 58.82
CA ALA D 301 -18.53 11.13 59.83
C ALA D 301 -17.53 12.17 59.30
N ARG D 302 -17.04 11.96 58.06
CA ARG D 302 -16.10 12.89 57.48
C ARG D 302 -16.79 14.22 57.20
N PHE D 303 -18.05 14.12 56.78
CA PHE D 303 -18.86 15.34 56.63
C PHE D 303 -18.95 16.16 57.92
N GLU D 304 -19.20 15.49 59.05
CA GLU D 304 -19.27 16.16 60.33
C GLU D 304 -17.89 16.71 60.77
N THR D 305 -16.82 15.98 60.47
CA THR D 305 -15.45 16.50 60.71
C THR D 305 -15.17 17.79 59.97
N ALA D 306 -15.56 17.83 58.70
CA ALA D 306 -15.31 18.99 57.84
C ALA D 306 -16.25 20.18 58.10
N PHE D 307 -17.52 19.90 58.41
CA PHE D 307 -18.55 20.96 58.43
C PHE D 307 -19.31 21.12 59.73
N GLY D 308 -19.12 20.22 60.69
CA GLY D 308 -19.72 20.38 62.02
C GLY D 308 -21.20 20.01 62.16
N TYR D 309 -21.72 19.28 61.18
CA TYR D 309 -23.07 18.68 61.26
C TYR D 309 -23.14 17.45 60.45
N ARG D 310 -24.22 16.69 60.62
CA ARG D 310 -24.40 15.45 59.85
C ARG D 310 -25.37 15.71 58.71
N PRO D 311 -25.07 15.17 57.51
CA PRO D 311 -25.88 15.50 56.34
C PRO D 311 -27.17 14.70 56.39
N LYS D 312 -28.29 15.41 56.30
CA LYS D 312 -29.60 14.78 56.25
C LYS D 312 -30.50 15.70 55.46
N GLY D 313 -31.48 15.13 54.78
CA GLY D 313 -32.46 15.89 54.01
C GLY D 313 -33.33 16.74 54.93
N SER D 314 -33.20 18.06 54.78
CA SER D 314 -34.01 19.05 55.49
C SER D 314 -35.47 19.10 54.98
N LYS D 315 -35.70 18.72 53.71
CA LYS D 315 -37.06 18.58 53.20
C LYS D 315 -37.79 17.30 53.73
N LEU D 316 -37.05 16.29 54.23
CA LEU D 316 -37.61 14.96 54.63
C LEU D 316 -38.05 14.87 56.09
N ALA E 2 -8.67 10.70 -53.59
CA ALA E 2 -7.50 11.35 -53.00
C ALA E 2 -7.83 11.73 -51.55
N THR E 3 -6.76 11.83 -50.76
CA THR E 3 -6.84 12.18 -49.35
C THR E 3 -6.17 13.56 -49.17
N LEU E 4 -6.90 14.47 -48.54
CA LEU E 4 -6.32 15.78 -48.22
C LEU E 4 -5.61 15.71 -46.86
N ILE E 5 -4.32 16.08 -46.86
CA ILE E 5 -3.51 15.93 -45.67
C ILE E 5 -3.19 17.35 -45.16
N CYS E 6 -3.90 17.78 -44.12
CA CYS E 6 -3.73 19.15 -43.56
C CYS E 6 -2.83 19.07 -42.37
N GLY E 7 -1.74 19.82 -42.38
CA GLY E 7 -0.92 19.86 -41.16
C GLY E 7 0.36 20.59 -41.46
N SER E 8 1.26 20.56 -40.49
CA SER E 8 2.56 21.26 -40.64
C SER E 8 3.47 20.68 -41.71
N ILE E 9 4.31 21.56 -42.30
CA ILE E 9 5.37 21.11 -43.25
C ILE E 9 6.56 21.80 -42.72
N ALA E 10 7.58 21.05 -42.33
CA ALA E 10 8.63 21.63 -41.52
C ALA E 10 9.97 20.92 -41.76
N TYR E 11 11.07 21.57 -41.36
CA TYR E 11 12.34 20.90 -41.33
C TYR E 11 12.64 20.51 -39.89
N ASP E 12 13.01 19.22 -39.68
CA ASP E 12 13.29 18.74 -38.37
C ASP E 12 14.80 18.71 -38.11
N ASN E 13 15.24 19.19 -36.94
CA ASN E 13 16.61 19.13 -36.54
C ASN E 13 16.60 18.24 -35.35
N ILE E 14 17.09 17.01 -35.53
CA ILE E 14 16.87 15.97 -34.52
C ILE E 14 18.18 15.69 -33.84
N MET E 15 18.21 15.85 -32.50
CA MET E 15 19.45 15.87 -31.73
C MET E 15 19.44 14.76 -30.68
N THR E 16 20.56 14.06 -30.54
CA THR E 16 20.68 13.03 -29.54
C THR E 16 21.29 13.58 -28.25
N PHE E 17 20.52 13.43 -27.17
CA PHE E 17 21.06 13.66 -25.83
C PHE E 17 21.44 12.31 -25.17
N GLU E 18 22.70 12.17 -24.75
CA GLU E 18 23.14 10.91 -24.06
C GLU E 18 22.87 10.92 -22.56
N GLY E 19 21.62 10.80 -22.18
CA GLY E 19 21.26 10.70 -20.78
C GLY E 19 19.77 10.61 -20.75
N ARG E 20 19.21 10.76 -19.57
CA ARG E 20 17.76 10.71 -19.43
C ARG E 20 17.28 12.04 -18.90
N PHE E 21 16.39 12.67 -19.63
CA PHE E 21 15.82 13.92 -19.18
C PHE E 21 15.56 13.93 -17.66
N ARG E 22 14.64 13.07 -17.20
CA ARG E 22 14.32 12.92 -15.75
C ARG E 22 15.48 13.00 -14.75
N GLU E 23 16.68 12.60 -15.18
CA GLU E 23 17.87 12.62 -14.31
C GLU E 23 18.55 14.00 -14.18
N HIS E 24 18.00 15.00 -14.87
CA HIS E 24 18.54 16.37 -14.85
C HIS E 24 17.47 17.35 -14.38
N HIS E 31 16.49 27.53 -7.46
CA HIS E 31 15.22 26.88 -7.73
C HIS E 31 14.62 27.28 -9.09
N LEU E 32 15.42 27.95 -9.90
CA LEU E 32 14.99 28.42 -11.22
C LEU E 32 15.59 27.47 -12.28
N ILE E 33 14.74 26.88 -13.13
CA ILE E 33 15.19 25.86 -14.10
C ILE E 33 16.14 26.48 -15.15
N ASN E 34 17.37 25.94 -15.25
CA ASN E 34 18.36 26.40 -16.24
C ASN E 34 19.47 25.39 -16.57
N LEU E 35 19.25 24.64 -17.64
CA LEU E 35 20.09 23.49 -17.97
C LEU E 35 20.24 23.28 -19.47
N SER E 36 21.48 22.99 -19.85
CA SER E 36 21.82 22.66 -21.22
CA SER E 36 21.81 22.66 -21.21
C SER E 36 21.95 21.16 -21.36
N PHE E 37 21.42 20.63 -22.45
CA PHE E 37 21.71 19.29 -22.87
C PHE E 37 22.69 19.39 -24.01
N LEU E 38 23.90 18.88 -23.82
CA LEU E 38 24.85 18.82 -24.92
C LEU E 38 24.39 17.77 -25.92
N VAL E 39 24.35 18.15 -27.21
CA VAL E 39 23.90 17.22 -28.26
C VAL E 39 24.91 17.20 -29.40
N PRO E 40 25.96 16.37 -29.32
CA PRO E 40 26.96 16.39 -30.36
C PRO E 40 26.42 16.06 -31.73
N THR E 41 25.47 15.13 -31.81
CA THR E 41 24.97 14.75 -33.11
C THR E 41 23.62 15.36 -33.38
N MET E 42 23.52 16.07 -34.50
CA MET E 42 22.24 16.52 -34.96
CA MET E 42 22.22 16.50 -34.96
C MET E 42 22.07 16.09 -36.42
N ARG E 43 20.87 15.66 -36.80
CA ARG E 43 20.56 15.36 -38.22
C ARG E 43 19.43 16.23 -38.71
N ARG E 44 19.58 16.85 -39.92
CA ARG E 44 18.48 17.60 -40.51
C ARG E 44 17.66 16.66 -41.37
N GLU E 45 16.32 16.73 -41.23
CA GLU E 45 15.44 15.79 -41.91
C GLU E 45 14.18 16.48 -42.37
N PHE E 46 13.58 16.00 -43.47
CA PHE E 46 12.29 16.56 -43.88
C PHE E 46 11.20 16.04 -42.92
N GLY E 47 10.35 16.95 -42.50
CA GLY E 47 9.32 16.64 -41.47
C GLY E 47 8.05 17.49 -41.63
N GLY E 48 7.41 17.69 -40.48
CA GLY E 48 6.07 18.30 -40.45
C GLY E 48 5.04 17.19 -40.59
N CYS E 49 3.92 17.32 -39.87
CA CYS E 49 2.92 16.24 -39.85
C CYS E 49 2.36 15.97 -41.25
N ALA E 50 2.06 17.00 -42.04
CA ALA E 50 1.47 16.75 -43.35
C ALA E 50 2.50 16.16 -44.33
N GLY E 51 3.75 16.62 -44.27
CA GLY E 51 4.78 16.01 -45.11
C GLY E 51 4.96 14.53 -44.73
N ASN E 52 4.97 14.22 -43.43
CA ASN E 52 5.24 12.82 -43.00
C ASN E 52 4.06 11.89 -43.35
N ILE E 53 2.85 12.36 -43.11
CA ILE E 53 1.69 11.49 -43.36
C ILE E 53 1.56 11.31 -44.87
N ALA E 54 1.78 12.38 -45.66
CA ALA E 54 1.66 12.25 -47.14
C ALA E 54 2.75 11.30 -47.65
N TYR E 55 3.93 11.35 -47.07
CA TYR E 55 5.02 10.44 -47.48
C TYR E 55 4.57 8.98 -47.28
N ALA E 56 4.02 8.71 -46.09
CA ALA E 56 3.56 7.33 -45.80
C ALA E 56 2.44 6.90 -46.76
N LEU E 57 1.44 7.77 -46.99
CA LEU E 57 0.35 7.40 -47.88
C LEU E 57 0.89 7.14 -49.29
N ASN E 58 1.85 7.96 -49.70
CA ASN E 58 2.45 7.83 -51.04
C ASN E 58 3.22 6.51 -51.13
N LEU E 59 3.90 6.09 -50.04
CA LEU E 59 4.60 4.77 -50.07
C LEU E 59 3.66 3.63 -50.44
N LEU E 60 2.43 3.74 -49.93
CA LEU E 60 1.47 2.67 -50.02
C LEU E 60 0.75 2.71 -51.36
N GLY E 61 0.92 3.82 -52.11
CA GLY E 61 0.30 3.96 -53.43
C GLY E 61 -0.96 4.78 -53.41
N GLY E 62 -1.24 5.43 -52.27
CA GLY E 62 -2.40 6.31 -52.17
C GLY E 62 -2.06 7.66 -52.85
N ASP E 63 -3.09 8.47 -53.04
CA ASP E 63 -2.99 9.76 -53.69
C ASP E 63 -3.13 10.86 -52.61
N ALA E 64 -2.00 11.41 -52.15
CA ALA E 64 -1.93 12.32 -50.98
C ALA E 64 -1.84 13.73 -51.48
N ARG E 65 -2.72 14.60 -50.99
CA ARG E 65 -2.69 16.02 -51.41
C ARG E 65 -2.40 16.82 -50.14
N MET E 66 -1.15 17.22 -49.98
CA MET E 66 -0.74 18.01 -48.79
C MET E 66 -1.35 19.40 -48.85
N MET E 67 -1.83 19.87 -47.71
CA MET E 67 -2.32 21.21 -47.61
C MET E 67 -1.65 21.82 -46.40
N GLY E 68 -0.75 22.79 -46.65
CA GLY E 68 0.07 23.34 -45.59
C GLY E 68 0.81 24.55 -46.13
N THR E 69 1.51 25.25 -45.27
CA THR E 69 2.24 26.47 -45.71
C THR E 69 3.69 26.35 -45.45
N LEU E 70 4.49 26.77 -46.39
CA LEU E 70 5.96 26.82 -46.22
C LEU E 70 6.37 28.30 -46.33
N GLY E 71 7.61 28.60 -45.99
CA GLY E 71 8.13 29.98 -46.06
C GLY E 71 9.12 30.05 -47.23
N ALA E 72 9.02 31.11 -48.05
CA ALA E 72 9.87 31.26 -49.26
C ALA E 72 11.36 31.41 -49.01
N VAL E 73 11.76 31.80 -47.79
CA VAL E 73 13.19 31.85 -47.51
C VAL E 73 13.89 30.52 -47.77
N ASP E 74 13.24 29.42 -47.40
CA ASP E 74 13.87 28.13 -47.39
C ASP E 74 12.96 26.97 -47.79
N ALA E 75 11.84 27.28 -48.45
CA ALA E 75 10.94 26.22 -48.93
C ALA E 75 11.55 25.32 -50.00
N GLN E 76 12.48 25.85 -50.82
CA GLN E 76 12.77 25.17 -52.09
C GLN E 76 13.23 23.69 -51.97
N PRO E 77 14.03 23.35 -50.93
CA PRO E 77 14.40 21.89 -50.83
C PRO E 77 13.17 20.98 -50.68
N TYR E 78 12.17 21.42 -49.91
CA TYR E 78 11.00 20.59 -49.68
C TYR E 78 10.21 20.58 -50.97
N LEU E 79 10.08 21.72 -51.63
CA LEU E 79 9.28 21.75 -52.92
C LEU E 79 9.91 20.76 -53.92
N ASP E 80 11.26 20.77 -53.98
CA ASP E 80 11.99 19.92 -54.94
C ASP E 80 11.83 18.47 -54.57
N ARG E 81 11.82 18.19 -53.28
CA ARG E 81 11.55 16.84 -52.79
C ARG E 81 10.13 16.35 -53.14
N MET E 82 9.13 17.22 -52.99
CA MET E 82 7.76 16.84 -53.30
C MET E 82 7.71 16.56 -54.78
N ASP E 83 8.41 17.36 -55.58
CA ASP E 83 8.34 17.12 -57.02
C ASP E 83 9.00 15.79 -57.38
N ALA E 84 10.14 15.50 -56.74
CA ALA E 84 10.85 14.24 -56.99
C ALA E 84 10.00 13.01 -56.59
N LEU E 85 9.21 13.15 -55.53
CA LEU E 85 8.29 12.11 -55.05
C LEU E 85 7.04 12.00 -55.89
N GLY E 86 6.69 13.04 -56.66
CA GLY E 86 5.44 13.08 -57.42
C GLY E 86 4.25 13.54 -56.59
N LEU E 87 4.53 14.18 -55.45
CA LEU E 87 3.48 14.72 -54.57
C LEU E 87 2.98 16.06 -55.08
N SER E 88 1.66 16.16 -55.26
CA SER E 88 1.07 17.39 -55.80
C SER E 88 1.32 18.55 -54.83
N ARG E 89 1.60 19.74 -55.38
CA ARG E 89 1.82 20.92 -54.56
C ARG E 89 0.73 21.90 -54.74
N GLU E 90 -0.40 21.45 -55.27
CA GLU E 90 -1.52 22.32 -55.50
C GLU E 90 -1.95 23.09 -54.25
N TYR E 91 -1.92 22.45 -53.10
CA TYR E 91 -2.37 23.08 -51.83
C TYR E 91 -1.24 23.38 -50.88
N VAL E 92 0.01 23.37 -51.39
CA VAL E 92 1.19 23.79 -50.62
C VAL E 92 1.43 25.26 -50.97
N ARG E 93 1.12 26.16 -50.04
CA ARG E 93 1.25 27.61 -50.28
C ARG E 93 2.58 28.10 -49.73
N VAL E 94 3.32 28.91 -50.48
CA VAL E 94 4.66 29.32 -50.00
C VAL E 94 4.59 30.82 -49.77
N LEU E 95 4.91 31.26 -48.55
CA LEU E 95 4.65 32.68 -48.16
C LEU E 95 5.91 33.50 -48.32
N PRO E 96 5.86 34.56 -49.16
CA PRO E 96 7.08 35.30 -49.38
C PRO E 96 7.68 35.84 -48.04
N ASP E 97 9.02 35.90 -48.03
CA ASP E 97 9.81 36.60 -47.01
C ASP E 97 9.50 36.05 -45.58
N THR E 98 9.28 34.73 -45.53
CA THR E 98 9.01 34.09 -44.24
CA THR E 98 8.87 34.04 -44.30
C THR E 98 9.73 32.77 -44.22
N TYR E 99 10.04 32.29 -42.99
CA TYR E 99 10.74 31.02 -42.83
C TYR E 99 9.75 29.88 -42.73
N SER E 100 10.18 28.71 -43.25
CA SER E 100 9.39 27.47 -43.00
C SER E 100 9.51 27.10 -41.53
N ALA E 101 8.49 26.44 -41.04
CA ALA E 101 8.53 25.82 -39.66
C ALA E 101 9.79 24.95 -39.46
N GLN E 102 10.34 25.02 -38.24
CA GLN E 102 11.46 24.19 -37.87
C GLN E 102 11.21 23.59 -36.52
N ALA E 103 11.37 22.27 -36.43
CA ALA E 103 11.28 21.56 -35.15
C ALA E 103 12.69 21.29 -34.63
N MET E 104 12.98 21.63 -33.38
CA MET E 104 14.29 21.38 -32.77
C MET E 104 14.02 20.31 -31.74
N ILE E 105 14.33 19.06 -32.14
CA ILE E 105 13.87 17.88 -31.41
C ILE E 105 15.03 17.20 -30.73
N THR E 106 14.98 17.01 -29.40
CA THR E 106 16.05 16.37 -28.67
C THR E 106 15.50 15.05 -28.12
N THR E 107 16.25 13.97 -28.35
CA THR E 107 15.77 12.62 -27.97
C THR E 107 16.72 12.10 -26.93
N ASP E 108 16.19 11.68 -25.77
CA ASP E 108 17.02 11.04 -24.74
C ASP E 108 17.15 9.52 -24.89
N LEU E 109 17.79 8.87 -23.92
CA LEU E 109 18.24 7.48 -24.10
C LEU E 109 17.10 6.50 -24.13
N ASP E 110 16.00 6.88 -23.51
CA ASP E 110 14.79 6.07 -23.44
C ASP E 110 13.88 6.38 -24.59
N ASN E 111 14.42 7.08 -25.60
CA ASN E 111 13.64 7.64 -26.69
C ASN E 111 12.51 8.55 -26.25
N ASN E 112 12.66 9.18 -25.08
CA ASN E 112 11.84 10.33 -24.74
C ASN E 112 12.30 11.56 -25.58
N GLN E 113 11.39 12.49 -25.79
CA GLN E 113 11.64 13.66 -26.65
C GLN E 113 11.15 14.98 -26.06
N ILE E 114 11.97 16.04 -26.20
CA ILE E 114 11.56 17.40 -25.87
C ILE E 114 11.76 18.21 -27.15
N THR E 115 10.73 18.90 -27.61
CA THR E 115 10.82 19.65 -28.90
C THR E 115 10.53 21.14 -28.69
N ALA E 116 11.33 22.04 -29.27
CA ALA E 116 10.90 23.45 -29.42
C ALA E 116 10.50 23.59 -30.87
N PHE E 117 9.27 24.07 -31.11
CA PHE E 117 8.84 24.14 -32.51
C PHE E 117 8.58 25.59 -32.88
N HIS E 118 9.35 26.06 -33.86
CA HIS E 118 9.27 27.42 -34.31
C HIS E 118 8.38 27.44 -35.57
N PRO E 119 7.16 27.96 -35.44
CA PRO E 119 6.18 27.74 -36.51
C PRO E 119 6.46 28.48 -37.83
N GLY E 120 6.96 29.73 -37.80
CA GLY E 120 7.23 30.37 -39.10
C GLY E 120 5.92 30.51 -39.88
N ALA E 121 6.00 30.16 -41.17
CA ALA E 121 4.87 30.18 -42.11
C ALA E 121 3.65 29.35 -41.64
N MET E 122 3.86 28.34 -40.78
CA MET E 122 2.72 27.58 -40.26
C MET E 122 1.68 28.46 -39.57
N MET E 123 2.08 29.64 -39.08
CA MET E 123 1.12 30.52 -38.39
C MET E 123 0.10 31.11 -39.33
N GLN E 124 0.33 30.95 -40.64
CA GLN E 124 -0.60 31.51 -41.63
C GLN E 124 -1.25 30.35 -42.42
N SER E 125 -1.28 29.16 -41.80
CA SER E 125 -1.84 27.99 -42.49
C SER E 125 -3.28 28.19 -42.94
N HIS E 126 -4.01 29.09 -42.31
CA HIS E 126 -5.41 29.33 -42.64
C HIS E 126 -5.58 30.03 -44.00
N VAL E 127 -4.47 30.41 -44.65
CA VAL E 127 -4.62 30.95 -46.02
C VAL E 127 -5.13 29.90 -47.01
N ASN E 128 -4.92 28.62 -46.69
CA ASN E 128 -5.56 27.51 -47.44
C ASN E 128 -6.94 27.20 -46.94
N HIS E 129 -7.86 26.98 -47.89
CA HIS E 129 -9.23 26.63 -47.59
C HIS E 129 -9.55 25.19 -47.97
N ALA E 130 -9.75 24.35 -46.97
CA ALA E 130 -9.89 22.93 -47.22
C ALA E 130 -11.15 22.63 -48.06
N GLY E 131 -12.16 23.49 -47.94
CA GLY E 131 -13.42 23.34 -48.67
C GLY E 131 -13.29 23.64 -50.14
N GLU E 132 -12.13 24.11 -50.57
CA GLU E 132 -11.94 24.44 -51.99
C GLU E 132 -11.14 23.33 -52.72
N ALA E 133 -10.65 22.35 -51.96
CA ALA E 133 -9.93 21.21 -52.53
C ALA E 133 -10.87 20.24 -53.25
N LYS E 134 -10.56 19.90 -54.50
CA LYS E 134 -11.42 19.09 -55.38
C LYS E 134 -11.11 17.61 -55.24
N ASP E 135 -12.11 16.73 -55.39
CA ASP E 135 -11.81 15.28 -55.54
C ASP E 135 -11.38 14.57 -54.24
N ILE E 136 -11.68 15.18 -53.10
CA ILE E 136 -11.15 14.68 -51.82
C ILE E 136 -12.15 13.69 -51.25
N LYS E 137 -11.73 12.46 -50.95
CA LYS E 137 -12.66 11.47 -50.38
C LYS E 137 -12.57 11.36 -48.87
N LEU E 138 -11.46 11.87 -48.34
CA LEU E 138 -11.09 11.69 -46.92
C LEU E 138 -10.03 12.73 -46.62
N ALA E 139 -9.90 13.12 -45.35
CA ALA E 139 -8.90 14.11 -44.99
C ALA E 139 -8.40 13.84 -43.60
N ILE E 140 -7.27 14.45 -43.28
CA ILE E 140 -6.85 14.53 -41.85
C ILE E 140 -6.52 15.98 -41.54
N VAL E 141 -6.90 16.39 -40.34
CA VAL E 141 -6.51 17.71 -39.84
C VAL E 141 -5.54 17.45 -38.70
N GLY E 142 -4.25 17.70 -38.97
CA GLY E 142 -3.24 17.41 -37.93
C GLY E 142 -2.67 18.70 -37.39
N PRO E 143 -1.69 18.57 -36.50
CA PRO E 143 -1.06 19.74 -35.86
C PRO E 143 -0.62 20.85 -36.82
N ASP E 144 -1.05 22.11 -36.56
CA ASP E 144 -0.84 23.14 -37.60
C ASP E 144 -1.03 24.47 -36.83
N GLY E 145 -1.04 25.56 -37.58
CA GLY E 145 -1.45 26.86 -36.94
C GLY E 145 -2.87 26.71 -36.40
N PHE E 146 -3.11 27.38 -35.28
CA PHE E 146 -4.41 27.29 -34.59
C PHE E 146 -5.59 27.66 -35.49
N GLN E 147 -5.54 28.85 -36.11
CA GLN E 147 -6.64 29.29 -36.98
C GLN E 147 -6.82 28.27 -38.13
N GLY E 148 -5.73 27.73 -38.67
CA GLY E 148 -5.80 26.72 -39.75
C GLY E 148 -6.49 25.44 -39.28
N MET E 149 -6.12 24.92 -38.11
CA MET E 149 -6.72 23.66 -37.63
C MET E 149 -8.24 23.86 -37.51
N VAL E 150 -8.64 24.94 -36.86
CA VAL E 150 -10.06 25.20 -36.66
C VAL E 150 -10.80 25.40 -37.99
N GLN E 151 -10.21 26.17 -38.90
CA GLN E 151 -10.87 26.46 -40.17
C GLN E 151 -10.98 25.21 -41.02
N HIS E 152 -9.95 24.36 -41.02
CA HIS E 152 -10.00 23.12 -41.79
C HIS E 152 -11.10 22.21 -41.28
N THR E 153 -11.27 22.11 -39.95
CA THR E 153 -12.34 21.28 -39.41
C THR E 153 -13.72 21.78 -39.81
N GLU E 154 -13.89 23.08 -39.75
CA GLU E 154 -15.18 23.65 -40.10
C GLU E 154 -15.45 23.42 -41.59
N GLU E 155 -14.42 23.71 -42.41
CA GLU E 155 -14.65 23.66 -43.86
C GLU E 155 -14.85 22.25 -44.33
N LEU E 156 -14.07 21.31 -43.79
CA LEU E 156 -14.27 19.90 -44.18
C LEU E 156 -15.65 19.39 -43.78
N ALA E 157 -16.09 19.73 -42.55
CA ALA E 157 -17.39 19.31 -42.09
C ALA E 157 -18.51 19.90 -42.96
N GLN E 158 -18.39 21.17 -43.30
CA GLN E 158 -19.34 21.84 -44.21
C GLN E 158 -19.39 21.18 -45.60
N ALA E 159 -18.22 20.75 -46.09
CA ALA E 159 -18.07 20.12 -47.38
C ALA E 159 -18.53 18.66 -47.36
N GLY E 160 -18.82 18.12 -46.19
CA GLY E 160 -19.16 16.69 -46.14
C GLY E 160 -18.04 15.71 -46.37
N VAL E 161 -16.80 16.13 -46.12
CA VAL E 161 -15.67 15.25 -46.29
C VAL E 161 -15.35 14.63 -44.92
N PRO E 162 -15.36 13.29 -44.83
CA PRO E 162 -14.99 12.57 -43.60
C PRO E 162 -13.55 12.86 -43.28
N PHE E 163 -13.26 13.10 -41.99
CA PHE E 163 -11.86 13.36 -41.67
C PHE E 163 -11.44 12.90 -40.29
N ILE E 164 -10.15 12.58 -40.16
CA ILE E 164 -9.58 12.32 -38.88
C ILE E 164 -9.15 13.70 -38.33
N PHE E 165 -9.41 13.94 -37.03
CA PHE E 165 -8.84 15.09 -36.31
C PHE E 165 -7.77 14.58 -35.38
N ASP E 166 -6.59 15.20 -35.48
CA ASP E 166 -5.39 14.71 -34.83
C ASP E 166 -4.73 15.99 -34.26
N PRO E 167 -5.20 16.47 -33.11
CA PRO E 167 -4.70 17.81 -32.60
C PRO E 167 -3.19 17.77 -32.24
N GLY E 168 -2.78 16.63 -31.70
CA GLY E 168 -1.35 16.35 -31.38
C GLY E 168 -0.72 17.54 -30.66
N GLN E 169 0.43 18.00 -31.20
CA GLN E 169 1.13 19.14 -30.60
C GLN E 169 0.38 20.45 -30.60
N GLY E 170 -0.66 20.53 -31.41
CA GLY E 170 -1.51 21.71 -31.42
C GLY E 170 -2.47 21.84 -30.23
N LEU E 171 -2.59 20.78 -29.44
CA LEU E 171 -3.53 20.78 -28.30
C LEU E 171 -3.46 22.03 -27.43
N PRO E 172 -2.23 22.46 -27.02
CA PRO E 172 -2.18 23.60 -26.10
C PRO E 172 -2.75 24.88 -26.70
N LEU E 173 -2.92 24.92 -28.01
CA LEU E 173 -3.43 26.12 -28.65
C LEU E 173 -4.93 26.23 -28.48
N PHE E 174 -5.63 25.13 -28.17
CA PHE E 174 -7.11 25.17 -28.03
C PHE E 174 -7.56 25.51 -26.64
N ASP E 175 -8.69 26.21 -26.51
CA ASP E 175 -9.39 26.14 -25.25
C ASP E 175 -10.40 25.00 -25.30
N GLY E 176 -11.02 24.71 -24.17
CA GLY E 176 -11.95 23.58 -24.06
C GLY E 176 -13.10 23.59 -25.08
N ALA E 177 -13.72 24.76 -25.27
CA ALA E 177 -14.89 24.89 -26.11
C ALA E 177 -14.55 24.64 -27.58
N THR E 178 -13.44 25.22 -28.02
CA THR E 178 -12.96 25.04 -29.40
CA THR E 178 -13.01 25.03 -29.39
C THR E 178 -12.56 23.58 -29.62
N LEU E 179 -11.92 22.98 -28.63
CA LEU E 179 -11.47 21.60 -28.79
C LEU E 179 -12.71 20.63 -28.80
N ARG E 180 -13.65 20.89 -27.91
CA ARG E 180 -14.94 20.16 -27.91
C ARG E 180 -15.64 20.23 -29.29
N ARG E 181 -15.83 21.45 -29.79
CA ARG E 181 -16.43 21.66 -31.12
C ARG E 181 -15.68 20.94 -32.24
N SER E 182 -14.35 21.01 -32.23
CA SER E 182 -13.58 20.38 -33.28
C SER E 182 -13.73 18.88 -33.27
N ILE E 183 -13.72 18.32 -32.07
CA ILE E 183 -13.90 16.87 -31.95
C ILE E 183 -15.28 16.44 -32.47
N GLU E 184 -16.28 17.22 -32.12
CA GLU E 184 -17.66 16.92 -32.58
C GLU E 184 -17.77 16.97 -34.12
N LEU E 185 -17.08 17.90 -34.74
CA LEU E 185 -17.13 18.01 -36.20
C LEU E 185 -16.47 16.80 -36.91
N ALA E 186 -15.45 16.25 -36.25
CA ALA E 186 -14.57 15.24 -36.84
C ALA E 186 -15.28 13.86 -36.96
N THR E 187 -14.89 13.10 -37.97
CA THR E 187 -15.42 11.74 -38.12
C THR E 187 -14.66 10.75 -37.21
N TYR E 188 -13.35 10.93 -37.10
CA TYR E 188 -12.48 10.07 -36.28
C TYR E 188 -11.53 11.00 -35.53
N ILE E 189 -11.06 10.57 -34.37
CA ILE E 189 -10.03 11.30 -33.67
C ILE E 189 -8.91 10.32 -33.42
N ALA E 190 -7.68 10.79 -33.66
CA ALA E 190 -6.48 9.97 -33.40
C ALA E 190 -5.63 10.75 -32.37
N VAL E 191 -5.12 10.01 -31.40
CA VAL E 191 -4.31 10.60 -30.34
C VAL E 191 -3.24 9.59 -29.96
N ASN E 192 -2.06 10.08 -29.55
CA ASN E 192 -1.14 9.16 -28.89
C ASN E 192 -1.59 9.01 -27.46
N ASP E 193 -1.17 7.95 -26.83
CA ASP E 193 -1.58 7.70 -25.47
C ASP E 193 -1.23 8.83 -24.47
N TYR E 194 -0.09 9.50 -24.66
CA TYR E 194 0.21 10.70 -23.84
C TYR E 194 -0.92 11.78 -23.96
N GLU E 195 -1.24 12.08 -25.21
CA GLU E 195 -2.15 13.16 -25.54
C GLU E 195 -3.60 12.93 -25.09
N ALA E 196 -3.99 11.66 -24.97
CA ALA E 196 -5.35 11.30 -24.52
C ALA E 196 -5.72 11.96 -23.19
N LYS E 197 -4.83 11.88 -22.21
CA LYS E 197 -5.12 12.49 -20.92
C LYS E 197 -5.27 14.02 -21.03
N LEU E 198 -4.41 14.63 -21.87
CA LEU E 198 -4.46 16.06 -22.14
C LEU E 198 -5.78 16.42 -22.77
N VAL E 199 -6.20 15.58 -23.73
CA VAL E 199 -7.47 15.78 -24.41
C VAL E 199 -8.61 15.64 -23.41
N CYS E 200 -8.60 14.57 -22.61
CA CYS E 200 -9.65 14.37 -21.60
C CYS E 200 -9.73 15.52 -20.60
N ASP E 201 -8.56 16.05 -20.21
CA ASP E 201 -8.53 17.12 -19.20
C ASP E 201 -9.05 18.43 -19.74
N LYS E 202 -8.68 18.77 -20.97
CA LYS E 202 -9.05 20.03 -21.54
C LYS E 202 -10.56 20.04 -21.86
N THR E 203 -11.09 18.92 -22.35
CA THR E 203 -12.52 18.89 -22.75
C THR E 203 -13.42 18.62 -21.58
N GLY E 204 -12.88 17.98 -20.55
CA GLY E 204 -13.71 17.45 -19.51
C GLY E 204 -14.43 16.16 -19.94
N TRP E 205 -14.06 15.61 -21.09
CA TRP E 205 -14.65 14.31 -21.54
C TRP E 205 -13.69 13.12 -21.24
N SER E 206 -14.24 12.02 -20.74
CA SER E 206 -13.51 10.73 -20.75
C SER E 206 -13.36 10.19 -22.18
N GLU E 207 -12.54 9.16 -22.35
CA GLU E 207 -12.39 8.54 -23.66
C GLU E 207 -13.72 7.97 -24.18
N ASP E 208 -14.54 7.47 -23.27
CA ASP E 208 -15.92 6.98 -23.64
C ASP E 208 -16.73 8.16 -24.15
N GLU E 209 -16.59 9.31 -23.50
CA GLU E 209 -17.38 10.49 -23.92
C GLU E 209 -16.90 11.00 -25.28
N ILE E 210 -15.59 10.97 -25.54
CA ILE E 210 -15.07 11.35 -26.83
C ILE E 210 -15.61 10.37 -27.88
N ALA E 211 -15.56 9.07 -27.52
CA ALA E 211 -15.85 8.01 -28.50
C ALA E 211 -17.33 8.10 -28.90
N SER E 212 -18.15 8.58 -27.98
CA SER E 212 -19.60 8.83 -28.16
C SER E 212 -19.89 9.90 -29.23
N ARG E 213 -18.90 10.75 -29.50
CA ARG E 213 -19.11 11.91 -30.37
C ARG E 213 -18.29 11.81 -31.65
N VAL E 214 -17.80 10.61 -31.98
CA VAL E 214 -17.09 10.39 -33.24
C VAL E 214 -17.40 8.97 -33.66
N GLN E 215 -17.00 8.60 -34.87
CA GLN E 215 -17.26 7.26 -35.32
C GLN E 215 -16.23 6.30 -34.72
N ALA E 216 -15.04 6.80 -34.49
CA ALA E 216 -13.99 5.99 -33.87
C ALA E 216 -12.96 6.88 -33.24
N LEU E 217 -12.44 6.41 -32.11
CA LEU E 217 -11.29 7.01 -31.40
C LEU E 217 -10.12 6.02 -31.56
N ILE E 218 -9.05 6.50 -32.17
CA ILE E 218 -7.86 5.69 -32.40
C ILE E 218 -6.77 6.16 -31.48
N ILE E 219 -6.29 5.25 -30.64
CA ILE E 219 -5.24 5.60 -29.70
C ILE E 219 -3.94 4.89 -30.04
N THR E 220 -2.89 5.63 -30.38
CA THR E 220 -1.62 5.00 -30.73
C THR E 220 -0.75 4.82 -29.50
N ARG E 221 -0.07 3.68 -29.40
CA ARG E 221 0.72 3.37 -28.21
C ARG E 221 2.14 2.98 -28.68
N GLY E 222 2.51 3.43 -29.90
CA GLY E 222 3.85 3.17 -30.51
C GLY E 222 4.23 1.70 -30.40
N GLU E 223 5.23 1.41 -29.56
CA GLU E 223 5.80 0.02 -29.44
C GLU E 223 4.82 -1.03 -28.85
N HIS E 224 3.75 -0.55 -28.24
CA HIS E 224 2.74 -1.46 -27.72
C HIS E 224 1.53 -1.57 -28.64
N GLY E 225 1.60 -0.99 -29.82
CA GLY E 225 0.56 -1.14 -30.82
C GLY E 225 -0.45 0.01 -30.72
N ALA E 226 -1.76 -0.29 -30.84
CA ALA E 226 -2.78 0.76 -30.82
C ALA E 226 -4.13 0.16 -30.46
N THR E 227 -5.09 1.04 -30.16
CA THR E 227 -6.42 0.57 -29.81
C THR E 227 -7.42 1.41 -30.56
N ILE E 228 -8.43 0.77 -31.14
CA ILE E 228 -9.50 1.49 -31.81
C ILE E 228 -10.80 1.25 -31.04
N ARG E 229 -11.41 2.33 -30.60
CA ARG E 229 -12.70 2.28 -29.90
C ARG E 229 -13.81 2.79 -30.84
N HIS E 230 -14.89 2.02 -31.00
CA HIS E 230 -15.98 2.37 -31.95
C HIS E 230 -17.25 1.61 -31.57
N ARG E 231 -18.40 2.30 -31.55
CA ARG E 231 -19.74 1.87 -31.00
C ARG E 231 -20.09 0.34 -30.81
N ASP E 232 -19.25 -0.52 -31.38
CA ASP E 232 -19.30 -1.97 -31.24
C ASP E 232 -18.25 -2.49 -30.24
N GLY E 233 -17.48 -1.59 -29.60
CA GLY E 233 -16.56 -1.97 -28.51
C GLY E 233 -15.10 -1.55 -28.79
N THR E 234 -14.21 -2.52 -28.77
CA THR E 234 -12.77 -2.29 -28.92
C THR E 234 -12.07 -3.22 -29.92
N GLU E 235 -11.15 -2.67 -30.71
CA GLU E 235 -10.28 -3.45 -31.54
C GLU E 235 -8.86 -3.16 -31.04
N GLN E 236 -8.19 -4.16 -30.44
CA GLN E 236 -6.76 -3.95 -30.06
C GLN E 236 -5.87 -4.38 -31.20
N ILE E 237 -4.97 -3.49 -31.58
CA ILE E 237 -4.09 -3.70 -32.72
C ILE E 237 -2.73 -4.11 -32.17
N PRO E 238 -2.27 -5.28 -32.60
CA PRO E 238 -0.94 -5.70 -32.15
C PRO E 238 0.18 -4.79 -32.65
N ALA E 239 1.25 -4.67 -31.85
CA ALA E 239 2.47 -4.02 -32.32
C ALA E 239 3.17 -5.00 -33.24
N VAL E 240 4.00 -4.44 -34.11
CA VAL E 240 4.84 -5.24 -34.99
C VAL E 240 6.23 -4.99 -34.45
N ARG E 241 7.01 -6.06 -34.28
CA ARG E 241 8.33 -5.91 -33.75
C ARG E 241 9.20 -5.16 -34.75
N ALA E 242 9.90 -4.14 -34.28
CA ALA E 242 10.86 -3.39 -35.14
C ALA E 242 12.13 -4.20 -35.36
N GLU E 243 12.69 -4.07 -36.59
CA GLU E 243 13.94 -4.70 -36.92
C GLU E 243 15.11 -4.09 -36.17
N ARG E 244 15.00 -2.80 -35.86
CA ARG E 244 15.96 -2.09 -35.03
C ARG E 244 15.22 -0.81 -34.63
N VAL E 245 15.72 -0.21 -33.53
CA VAL E 245 15.06 0.99 -32.98
C VAL E 245 16.11 2.14 -33.08
N ILE E 246 15.86 2.99 -34.07
CA ILE E 246 16.80 4.08 -34.43
C ILE E 246 16.27 5.46 -34.02
N ASP E 247 15.04 5.80 -34.37
CA ASP E 247 14.51 7.15 -34.12
C ASP E 247 12.99 7.10 -34.06
N PRO E 248 12.41 7.50 -32.91
CA PRO E 248 10.91 7.54 -32.87
C PRO E 248 10.26 8.67 -33.68
N THR E 249 11.03 9.69 -34.07
CA THR E 249 10.46 10.83 -34.75
C THR E 249 9.72 10.46 -36.03
N GLY E 250 8.41 10.76 -36.03
CA GLY E 250 7.54 10.51 -37.18
C GLY E 250 6.84 9.16 -37.15
N CYS E 251 6.99 8.39 -36.06
CA CYS E 251 6.35 7.04 -36.02
C CYS E 251 4.84 7.22 -36.06
N GLY E 252 4.35 8.18 -35.29
CA GLY E 252 2.86 8.42 -35.23
C GLY E 252 2.34 8.83 -36.58
N ASP E 253 3.12 9.60 -37.34
CA ASP E 253 2.66 10.04 -38.66
C ASP E 253 2.67 8.92 -39.70
N ALA E 254 3.67 8.03 -39.61
CA ALA E 254 3.69 6.82 -40.47
C ALA E 254 2.42 5.97 -40.17
N PHE E 255 2.10 5.80 -38.89
CA PHE E 255 0.92 5.07 -38.44
C PHE E 255 -0.31 5.72 -39.05
N ARG E 256 -0.44 7.05 -38.91
CA ARG E 256 -1.61 7.71 -39.48
C ARG E 256 -1.74 7.58 -41.02
N GLY E 257 -0.59 7.57 -41.74
CA GLY E 257 -0.67 7.45 -43.21
C GLY E 257 -1.21 6.04 -43.56
N GLY E 258 -0.76 5.03 -42.80
CA GLY E 258 -1.23 3.65 -43.05
C GLY E 258 -2.74 3.59 -42.70
N LEU E 259 -3.11 4.20 -41.58
CA LEU E 259 -4.53 4.22 -41.18
C LEU E 259 -5.42 4.87 -42.20
N LEU E 260 -4.97 6.04 -42.70
CA LEU E 260 -5.72 6.72 -43.75
C LEU E 260 -5.85 5.88 -45.00
N TYR E 261 -4.74 5.22 -45.40
CA TYR E 261 -4.82 4.38 -46.58
C TYR E 261 -5.92 3.36 -46.36
N GLY E 262 -5.90 2.71 -45.20
CA GLY E 262 -6.92 1.69 -44.91
C GLY E 262 -8.36 2.22 -44.98
N ILE E 263 -8.59 3.37 -44.35
CA ILE E 263 -9.93 3.95 -44.31
C ILE E 263 -10.40 4.26 -45.75
N GLU E 264 -9.53 4.88 -46.53
CA GLU E 264 -9.87 5.33 -47.87
C GLU E 264 -10.19 4.11 -48.75
N HIS E 265 -9.47 3.01 -48.51
CA HIS E 265 -9.69 1.76 -49.25
C HIS E 265 -10.71 0.77 -48.62
N GLY E 266 -11.48 1.18 -47.61
CA GLY E 266 -12.54 0.36 -47.07
C GLY E 266 -12.06 -0.89 -46.32
N PHE E 267 -10.87 -0.83 -45.74
CA PHE E 267 -10.33 -1.90 -44.88
C PHE E 267 -11.22 -1.93 -43.61
N ASP E 268 -11.37 -3.08 -43.02
CA ASP E 268 -11.93 -3.10 -41.68
C ASP E 268 -10.93 -2.47 -40.70
N TRP E 269 -11.38 -2.18 -39.50
CA TRP E 269 -10.48 -1.54 -38.53
C TRP E 269 -9.32 -2.43 -38.15
N ALA E 270 -9.59 -3.73 -38.04
CA ALA E 270 -8.51 -4.65 -37.72
C ALA E 270 -7.34 -4.57 -38.70
N THR E 271 -7.68 -4.51 -40.00
CA THR E 271 -6.65 -4.48 -41.05
C THR E 271 -6.05 -3.07 -41.22
N ALA E 272 -6.88 -2.02 -41.14
CA ALA E 272 -6.35 -0.67 -41.21
C ALA E 272 -5.36 -0.44 -40.05
N GLY E 273 -5.76 -0.91 -38.85
CA GLY E 273 -4.95 -0.74 -37.65
C GLY E 273 -3.61 -1.49 -37.80
N ARG E 274 -3.68 -2.73 -38.27
CA ARG E 274 -2.44 -3.47 -38.45
C ARG E 274 -1.52 -2.89 -39.51
N LEU E 275 -2.09 -2.36 -40.59
CA LEU E 275 -1.24 -1.73 -41.61
C LEU E 275 -0.53 -0.50 -40.95
N ALA E 276 -1.32 0.25 -40.20
CA ALA E 276 -0.81 1.46 -39.50
C ALA E 276 0.36 1.07 -38.54
N SER E 277 0.16 0.01 -37.74
CA SER E 277 1.15 -0.48 -36.80
C SER E 277 2.44 -0.92 -37.55
N LEU E 278 2.22 -1.59 -38.69
CA LEU E 278 3.35 -1.99 -39.54
C LEU E 278 4.17 -0.79 -40.02
N MET E 279 3.47 0.25 -40.50
CA MET E 279 4.16 1.45 -40.98
C MET E 279 4.97 2.08 -39.87
N GLY E 280 4.38 2.21 -38.67
CA GLY E 280 5.21 2.76 -37.54
C GLY E 280 6.46 1.94 -37.19
N ALA E 281 6.36 0.60 -37.26
CA ALA E 281 7.48 -0.26 -36.98
C ALA E 281 8.58 -0.15 -38.03
N LEU E 282 8.18 0.05 -39.28
CA LEU E 282 9.19 0.26 -40.32
C LEU E 282 9.85 1.63 -40.08
N LYS E 283 9.03 2.62 -39.74
CA LYS E 283 9.58 3.96 -39.53
C LYS E 283 10.69 3.99 -38.47
N ILE E 284 10.43 3.33 -37.34
CA ILE E 284 11.30 3.48 -36.20
C ILE E 284 12.75 2.98 -36.47
N ALA E 285 12.89 2.11 -37.49
CA ALA E 285 14.17 1.53 -37.88
C ALA E 285 15.04 2.49 -38.66
N HIS E 286 14.58 3.74 -38.82
CA HIS E 286 15.30 4.74 -39.63
C HIS E 286 15.32 6.11 -38.97
N GLN E 287 16.32 6.89 -39.33
CA GLN E 287 16.49 8.28 -38.86
C GLN E 287 15.47 9.22 -39.46
N GLY E 288 14.90 10.09 -38.61
CA GLY E 288 13.94 11.07 -39.10
C GLY E 288 12.61 10.48 -39.53
N PRO E 289 11.70 11.34 -39.97
CA PRO E 289 10.37 10.85 -40.28
C PRO E 289 10.24 10.17 -41.64
N GLN E 290 11.12 10.46 -42.63
CA GLN E 290 10.82 9.99 -44.01
C GLN E 290 11.97 9.32 -44.71
N THR E 291 12.92 8.76 -43.99
CA THR E 291 14.08 8.08 -44.69
C THR E 291 13.78 6.58 -44.85
N TYR E 292 12.83 6.01 -44.06
CA TYR E 292 12.40 4.60 -44.32
C TYR E 292 11.80 4.59 -45.76
N ALA E 293 11.98 3.51 -46.51
CA ALA E 293 11.59 3.55 -47.92
C ALA E 293 11.18 2.14 -48.37
N PRO E 294 10.18 1.54 -47.69
CA PRO E 294 9.70 0.25 -48.18
C PRO E 294 8.98 0.40 -49.52
N THR E 295 8.95 -0.66 -50.32
CA THR E 295 8.07 -0.71 -51.50
C THR E 295 6.69 -1.22 -51.08
N ARG E 296 5.68 -1.00 -51.94
CA ARG E 296 4.36 -1.57 -51.59
C ARG E 296 4.43 -3.10 -51.57
N ALA E 297 5.14 -3.70 -52.52
CA ALA E 297 5.29 -5.16 -52.50
C ALA E 297 5.86 -5.64 -51.13
N GLU E 298 6.88 -4.93 -50.65
CA GLU E 298 7.53 -5.22 -49.37
C GLU E 298 6.53 -5.13 -48.22
N ILE E 299 5.74 -4.05 -48.22
CA ILE E 299 4.75 -3.85 -47.17
C ILE E 299 3.74 -5.00 -47.14
N ASP E 300 3.26 -5.40 -48.32
CA ASP E 300 2.29 -6.51 -48.37
C ASP E 300 2.92 -7.83 -47.87
N ALA E 301 4.17 -8.07 -48.26
CA ALA E 301 4.86 -9.29 -47.86
C ALA E 301 5.07 -9.27 -46.33
N ARG E 302 5.50 -8.12 -45.77
CA ARG E 302 5.78 -8.03 -44.32
C ARG E 302 4.48 -8.14 -43.56
N PHE E 303 3.40 -7.58 -44.13
CA PHE E 303 2.09 -7.71 -43.52
C PHE E 303 1.68 -9.22 -43.42
N GLU E 304 1.89 -9.95 -44.50
CA GLU E 304 1.58 -11.37 -44.53
C GLU E 304 2.44 -12.16 -43.52
N THR E 305 3.72 -11.82 -43.44
CA THR E 305 4.64 -12.44 -42.44
C THR E 305 4.11 -12.23 -41.01
N ALA E 306 3.65 -11.04 -40.72
CA ALA E 306 3.23 -10.69 -39.37
C ALA E 306 1.86 -11.20 -39.02
N PHE E 307 0.95 -11.19 -40.00
CA PHE E 307 -0.49 -11.41 -39.73
C PHE E 307 -1.10 -12.56 -40.46
N GLY E 308 -0.37 -13.12 -41.42
CA GLY E 308 -0.89 -14.33 -42.14
C GLY E 308 -1.89 -14.08 -43.24
N TYR E 309 -2.05 -12.83 -43.63
CA TYR E 309 -2.96 -12.49 -44.74
C TYR E 309 -2.46 -11.25 -45.45
N ARG E 310 -2.98 -10.96 -46.64
CA ARG E 310 -2.55 -9.72 -47.29
C ARG E 310 -3.66 -8.69 -47.16
N PRO E 311 -3.28 -7.40 -46.96
CA PRO E 311 -4.23 -6.35 -46.65
C PRO E 311 -4.94 -5.79 -47.88
N LYS E 312 -6.27 -5.76 -47.89
CA LYS E 312 -7.01 -5.05 -48.95
C LYS E 312 -8.39 -4.66 -48.44
N GLY E 313 -9.12 -3.90 -49.25
CA GLY E 313 -10.47 -3.53 -48.91
C GLY E 313 -11.35 -3.69 -50.13
N ALA F 2 -26.26 2.28 -5.29
CA ALA F 2 -25.46 1.19 -4.62
C ALA F 2 -25.69 -0.20 -5.28
N THR F 3 -24.81 -1.18 -5.06
CA THR F 3 -25.05 -2.54 -5.57
C THR F 3 -25.25 -3.50 -4.39
N LEU F 4 -26.27 -4.34 -4.46
CA LEU F 4 -26.60 -5.30 -3.41
C LEU F 4 -25.88 -6.61 -3.73
N ILE F 5 -25.03 -7.08 -2.80
CA ILE F 5 -24.18 -8.24 -3.07
C ILE F 5 -24.68 -9.36 -2.21
N CYS F 6 -25.51 -10.26 -2.76
CA CYS F 6 -26.07 -11.34 -1.97
C CYS F 6 -25.18 -12.60 -2.13
N GLY F 7 -24.80 -13.23 -1.02
CA GLY F 7 -24.04 -14.48 -1.13
C GLY F 7 -23.41 -14.82 0.21
N SER F 8 -22.53 -15.84 0.19
CA SER F 8 -21.95 -16.31 1.42
C SER F 8 -20.96 -15.32 2.00
N ILE F 9 -20.86 -15.36 3.34
CA ILE F 9 -19.79 -14.62 4.01
C ILE F 9 -19.11 -15.62 4.88
N ALA F 10 -17.81 -15.82 4.68
CA ALA F 10 -17.19 -17.06 5.26
C ALA F 10 -15.75 -16.87 5.60
N TYR F 11 -15.19 -17.69 6.50
CA TYR F 11 -13.75 -17.74 6.66
C TYR F 11 -13.25 -18.91 5.84
N ASP F 12 -12.16 -18.68 5.09
CA ASP F 12 -11.57 -19.73 4.29
C ASP F 12 -10.31 -20.19 4.98
N ASN F 13 -10.16 -21.51 5.01
CA ASN F 13 -9.03 -22.16 5.63
C ASN F 13 -8.35 -22.90 4.50
N ILE F 14 -7.22 -22.33 4.06
CA ILE F 14 -6.60 -22.80 2.85
C ILE F 14 -5.45 -23.69 3.32
N MET F 15 -5.68 -25.01 3.22
CA MET F 15 -4.79 -26.06 3.71
C MET F 15 -3.94 -26.61 2.56
N THR F 16 -2.64 -26.73 2.78
CA THR F 16 -1.75 -27.14 1.68
C THR F 16 -1.20 -28.55 1.86
N PHE F 17 -1.61 -29.41 0.95
CA PHE F 17 -1.05 -30.74 0.81
C PHE F 17 0.24 -30.66 -0.05
N GLU F 18 1.38 -30.99 0.58
CA GLU F 18 2.71 -30.88 -0.05
C GLU F 18 2.96 -32.07 -0.98
N GLY F 19 2.20 -32.05 -2.06
CA GLY F 19 2.17 -33.13 -3.02
C GLY F 19 1.03 -32.88 -3.97
N ARG F 20 0.65 -33.95 -4.65
CA ARG F 20 -0.52 -34.06 -5.53
C ARG F 20 -0.63 -35.56 -5.86
N ILE F 33 -10.93 -48.63 3.40
CA ILE F 33 -9.91 -47.58 3.26
C ILE F 33 -10.01 -46.46 4.32
N ASN F 34 -8.87 -46.23 4.97
CA ASN F 34 -8.74 -45.25 6.03
C ASN F 34 -7.55 -44.29 5.75
N LEU F 35 -7.74 -43.40 4.78
CA LEU F 35 -6.68 -42.53 4.22
C LEU F 35 -6.55 -41.09 4.79
N SER F 36 -5.36 -40.75 5.29
CA SER F 36 -5.04 -39.35 5.68
C SER F 36 -4.01 -38.70 4.77
N PHE F 37 -4.17 -37.39 4.64
CA PHE F 37 -3.28 -36.51 3.90
C PHE F 37 -2.79 -35.50 4.90
N LEU F 38 -1.48 -35.43 5.06
CA LEU F 38 -0.90 -34.42 5.91
C LEU F 38 -0.98 -33.03 5.30
N VAL F 39 -1.48 -32.07 6.06
CA VAL F 39 -1.47 -30.71 5.63
C VAL F 39 -0.73 -29.83 6.64
N PRO F 40 0.61 -29.71 6.49
CA PRO F 40 1.46 -29.05 7.51
C PRO F 40 1.12 -27.56 7.67
N THR F 41 0.70 -26.90 6.61
CA THR F 41 0.38 -25.49 6.75
C THR F 41 -1.09 -25.22 6.50
N MET F 42 -1.68 -24.38 7.34
CA MET F 42 -3.01 -23.85 7.06
C MET F 42 -2.95 -22.30 7.14
N ARG F 43 -3.67 -21.62 6.26
CA ARG F 43 -3.77 -20.17 6.29
C ARG F 43 -5.26 -19.76 6.29
N ARG F 44 -5.66 -19.04 7.33
CA ARG F 44 -7.03 -18.51 7.44
CA ARG F 44 -7.01 -18.49 7.46
C ARG F 44 -7.14 -17.16 6.73
N GLU F 45 -8.22 -17.00 5.96
CA GLU F 45 -8.44 -15.82 5.15
C GLU F 45 -9.91 -15.40 5.20
N PHE F 46 -10.17 -14.12 4.95
CA PHE F 46 -11.55 -13.66 4.79
C PHE F 46 -12.10 -14.07 3.44
N GLY F 47 -13.28 -14.67 3.44
CA GLY F 47 -13.85 -15.14 2.17
C GLY F 47 -15.35 -15.10 2.16
N GLY F 48 -15.95 -16.05 1.43
CA GLY F 48 -17.44 -15.96 1.19
C GLY F 48 -17.61 -15.20 -0.16
N CYS F 49 -18.55 -15.66 -0.98
CA CYS F 49 -18.80 -15.03 -2.30
C CYS F 49 -19.18 -13.58 -2.16
N ALA F 50 -20.07 -13.23 -1.24
CA ALA F 50 -20.47 -11.85 -1.07
C ALA F 50 -19.31 -11.00 -0.57
N GLY F 51 -18.54 -11.52 0.39
CA GLY F 51 -17.44 -10.70 0.92
C GLY F 51 -16.43 -10.44 -0.18
N ASN F 52 -16.11 -11.48 -0.95
CA ASN F 52 -15.08 -11.38 -2.02
C ASN F 52 -15.53 -10.38 -3.11
N ILE F 53 -16.78 -10.50 -3.54
CA ILE F 53 -17.27 -9.59 -4.61
C ILE F 53 -17.36 -8.16 -4.12
N ALA F 54 -17.80 -7.98 -2.85
CA ALA F 54 -17.93 -6.64 -2.30
C ALA F 54 -16.53 -6.02 -2.16
N TYR F 55 -15.54 -6.84 -1.75
CA TYR F 55 -14.13 -6.37 -1.65
C TYR F 55 -13.64 -5.83 -2.99
N ALA F 56 -13.85 -6.59 -4.06
CA ALA F 56 -13.49 -6.18 -5.44
C ALA F 56 -14.18 -4.86 -5.91
N LEU F 57 -15.49 -4.78 -5.70
CA LEU F 57 -16.25 -3.58 -6.04
C LEU F 57 -15.78 -2.38 -5.24
N ASN F 58 -15.48 -2.61 -3.97
CA ASN F 58 -14.97 -1.55 -3.13
C ASN F 58 -13.58 -1.07 -3.59
N LEU F 59 -12.71 -2.00 -4.02
CA LEU F 59 -11.40 -1.64 -4.60
C LEU F 59 -11.55 -0.64 -5.77
N LEU F 60 -12.60 -0.81 -6.54
CA LEU F 60 -12.82 -0.04 -7.75
C LEU F 60 -13.45 1.30 -7.45
N GLY F 61 -13.90 1.45 -6.21
CA GLY F 61 -14.61 2.65 -5.73
C GLY F 61 -16.14 2.62 -5.84
N GLY F 62 -16.69 1.45 -6.13
CA GLY F 62 -18.11 1.25 -6.12
C GLY F 62 -18.64 1.16 -4.70
N ASP F 63 -19.95 1.25 -4.59
CA ASP F 63 -20.58 1.26 -3.29
C ASP F 63 -21.26 -0.10 -3.11
N ALA F 64 -20.59 -1.02 -2.40
CA ALA F 64 -21.07 -2.39 -2.28
C ALA F 64 -21.83 -2.59 -0.98
N ARG F 65 -23.03 -3.16 -1.08
CA ARG F 65 -23.82 -3.44 0.15
C ARG F 65 -23.98 -4.94 0.30
N MET F 66 -23.15 -5.56 1.13
CA MET F 66 -23.22 -7.01 1.32
C MET F 66 -24.50 -7.37 1.99
N MET F 67 -25.15 -8.43 1.48
CA MET F 67 -26.33 -9.01 2.13
C MET F 67 -26.09 -10.49 2.33
N GLY F 68 -25.99 -10.89 3.61
CA GLY F 68 -25.61 -12.26 3.97
C GLY F 68 -25.65 -12.44 5.48
N THR F 69 -25.43 -13.67 5.90
CA THR F 69 -25.53 -14.00 7.34
C THR F 69 -24.20 -14.50 7.89
N LEU F 70 -23.83 -13.96 9.05
CA LEU F 70 -22.70 -14.43 9.82
C LEU F 70 -23.23 -15.04 11.11
N GLY F 71 -22.35 -15.78 11.81
CA GLY F 71 -22.73 -16.41 13.09
C GLY F 71 -22.09 -15.62 14.21
N ALA F 72 -22.86 -15.34 15.26
CA ALA F 72 -22.36 -14.52 16.40
C ALA F 72 -21.10 -15.07 17.09
N VAL F 73 -20.93 -16.37 17.01
CA VAL F 73 -19.79 -16.97 17.73
C VAL F 73 -18.51 -16.34 17.26
N ASP F 74 -18.38 -16.11 15.96
CA ASP F 74 -17.12 -15.66 15.41
C ASP F 74 -17.22 -14.61 14.30
N ALA F 75 -18.35 -13.91 14.24
CA ALA F 75 -18.52 -12.85 13.25
C ALA F 75 -17.55 -11.65 13.41
N GLN F 76 -17.15 -11.35 14.65
CA GLN F 76 -16.56 -10.02 14.89
C GLN F 76 -15.34 -9.66 14.02
N PRO F 77 -14.42 -10.60 13.79
CA PRO F 77 -13.29 -10.17 12.91
C PRO F 77 -13.74 -9.70 11.54
N TYR F 78 -14.71 -10.41 10.96
CA TYR F 78 -15.21 -10.00 9.65
C TYR F 78 -15.92 -8.59 9.77
N LEU F 79 -16.72 -8.40 10.78
CA LEU F 79 -17.38 -7.08 10.99
C LEU F 79 -16.36 -5.96 11.19
N ASP F 80 -15.28 -6.24 11.94
CA ASP F 80 -14.27 -5.22 12.10
C ASP F 80 -13.54 -4.94 10.79
N ARG F 81 -13.36 -5.99 10.00
CA ARG F 81 -12.70 -5.78 8.72
C ARG F 81 -13.58 -4.94 7.76
N MET F 82 -14.89 -5.21 7.75
CA MET F 82 -15.85 -4.38 6.96
C MET F 82 -15.76 -2.92 7.38
N ASP F 83 -15.75 -2.69 8.69
CA ASP F 83 -15.71 -1.33 9.21
C ASP F 83 -14.41 -0.65 8.75
N ALA F 84 -13.30 -1.37 8.81
CA ALA F 84 -12.01 -0.80 8.39
C ALA F 84 -11.98 -0.45 6.91
N LEU F 85 -12.69 -1.26 6.12
CA LEU F 85 -12.75 -1.09 4.65
C LEU F 85 -13.77 -0.05 4.23
N GLY F 86 -14.67 0.31 5.13
CA GLY F 86 -15.82 1.20 4.84
C GLY F 86 -16.94 0.49 4.11
N LEU F 87 -17.06 -0.83 4.29
CA LEU F 87 -18.17 -1.62 3.70
C LEU F 87 -19.35 -1.60 4.66
N SER F 88 -20.48 -1.11 4.19
CA SER F 88 -21.65 -1.04 5.04
C SER F 88 -22.06 -2.43 5.55
N ARG F 89 -22.45 -2.49 6.84
CA ARG F 89 -22.95 -3.73 7.45
C ARG F 89 -24.47 -3.77 7.51
N GLU F 90 -25.16 -2.86 6.81
CA GLU F 90 -26.61 -2.72 7.06
C GLU F 90 -27.44 -3.97 6.71
N TYR F 91 -26.97 -4.76 5.74
CA TYR F 91 -27.71 -5.98 5.32
C TYR F 91 -26.90 -7.23 5.71
N VAL F 92 -25.94 -7.08 6.62
CA VAL F 92 -25.21 -8.27 7.10
C VAL F 92 -25.86 -8.64 8.43
N ARG F 93 -26.51 -9.78 8.51
CA ARG F 93 -27.23 -10.14 9.75
C ARG F 93 -26.33 -11.13 10.52
N VAL F 94 -26.20 -10.90 11.83
CA VAL F 94 -25.32 -11.78 12.62
C VAL F 94 -26.27 -12.56 13.53
N LEU F 95 -26.27 -13.90 13.39
CA LEU F 95 -27.25 -14.71 14.10
C LEU F 95 -26.71 -15.22 15.44
N PRO F 96 -27.41 -14.92 16.54
CA PRO F 96 -26.96 -15.41 17.84
C PRO F 96 -26.73 -16.93 17.86
N ASP F 97 -25.72 -17.29 18.66
CA ASP F 97 -25.44 -18.72 18.99
C ASP F 97 -25.22 -19.61 17.80
N THR F 98 -24.59 -19.07 16.75
CA THR F 98 -24.41 -19.72 15.45
C THR F 98 -22.96 -19.47 15.06
N TYR F 99 -22.40 -20.43 14.34
CA TYR F 99 -21.08 -20.23 13.74
C TYR F 99 -21.17 -19.67 12.34
N SER F 100 -20.19 -18.83 11.99
CA SER F 100 -20.04 -18.36 10.58
C SER F 100 -19.68 -19.50 9.65
N ALA F 101 -20.10 -19.39 8.40
CA ALA F 101 -19.68 -20.36 7.38
C ALA F 101 -18.14 -20.49 7.35
N GLN F 102 -17.64 -21.71 7.16
CA GLN F 102 -16.21 -21.86 6.90
C GLN F 102 -15.99 -22.82 5.73
N ALA F 103 -15.02 -22.49 4.91
CA ALA F 103 -14.61 -23.34 3.79
C ALA F 103 -13.29 -24.00 4.19
N MET F 104 -13.24 -25.32 4.19
CA MET F 104 -12.00 -26.06 4.41
C MET F 104 -11.47 -26.38 3.04
N ILE F 105 -10.49 -25.61 2.58
CA ILE F 105 -10.04 -25.67 1.20
C ILE F 105 -8.68 -26.41 1.21
N THR F 106 -8.69 -27.71 0.84
CA THR F 106 -7.45 -28.51 0.71
C THR F 106 -6.90 -28.35 -0.72
N THR F 107 -5.65 -27.89 -0.78
CA THR F 107 -5.02 -27.48 -2.04
C THR F 107 -3.70 -28.23 -2.17
N ASP F 108 -3.39 -28.63 -3.38
CA ASP F 108 -2.14 -29.33 -3.60
C ASP F 108 -1.09 -28.46 -4.31
N LEU F 109 0.01 -29.15 -4.65
CA LEU F 109 1.10 -28.73 -5.56
C LEU F 109 0.70 -27.80 -6.71
N ASP F 110 -0.37 -28.17 -7.41
CA ASP F 110 -0.72 -27.58 -8.71
C ASP F 110 -2.04 -26.77 -8.70
N ASN F 111 -2.28 -26.09 -7.57
CA ASN F 111 -3.44 -25.18 -7.41
C ASN F 111 -4.81 -25.83 -7.59
N ASN F 112 -4.86 -27.17 -7.69
CA ASN F 112 -6.20 -27.76 -7.68
C ASN F 112 -6.68 -27.82 -6.23
N GLN F 113 -8.00 -27.68 -6.06
CA GLN F 113 -8.60 -27.59 -4.73
C GLN F 113 -9.83 -28.48 -4.53
N ILE F 114 -10.01 -28.92 -3.30
CA ILE F 114 -11.18 -29.71 -2.90
C ILE F 114 -11.67 -29.04 -1.59
N THR F 115 -12.89 -28.49 -1.63
CA THR F 115 -13.49 -27.75 -0.48
C THR F 115 -14.56 -28.59 0.26
N ALA F 116 -14.43 -28.71 1.59
CA ALA F 116 -15.56 -29.08 2.44
C ALA F 116 -16.11 -27.75 2.95
N PHE F 117 -17.36 -27.42 2.63
CA PHE F 117 -17.91 -26.14 3.04
C PHE F 117 -18.91 -26.38 4.17
N HIS F 118 -18.69 -25.71 5.31
CA HIS F 118 -19.53 -25.95 6.47
C HIS F 118 -20.38 -24.70 6.56
N PRO F 119 -21.66 -24.77 6.17
CA PRO F 119 -22.39 -23.50 5.95
C PRO F 119 -22.72 -22.68 7.21
N GLY F 120 -22.97 -23.33 8.35
CA GLY F 120 -23.24 -22.60 9.60
C GLY F 120 -24.37 -21.60 9.32
N ALA F 121 -24.13 -20.34 9.65
CA ALA F 121 -25.18 -19.32 9.52
C ALA F 121 -25.68 -19.09 8.12
N MET F 122 -24.88 -19.43 7.10
CA MET F 122 -25.35 -19.34 5.69
C MET F 122 -26.66 -20.10 5.47
N MET F 123 -26.92 -21.13 6.26
CA MET F 123 -28.14 -21.91 6.11
C MET F 123 -29.40 -21.09 6.44
N GLN F 124 -29.20 -19.95 7.09
CA GLN F 124 -30.30 -19.09 7.48
C GLN F 124 -30.32 -17.78 6.69
N SER F 125 -29.72 -17.80 5.49
CA SER F 125 -29.56 -16.57 4.75
C SER F 125 -30.88 -15.90 4.35
N HIS F 126 -31.94 -16.69 4.25
CA HIS F 126 -33.29 -16.16 3.89
C HIS F 126 -33.92 -15.28 5.01
N VAL F 127 -33.26 -15.14 6.15
CA VAL F 127 -33.71 -14.10 7.11
C VAL F 127 -33.58 -12.66 6.56
N ASN F 128 -32.70 -12.47 5.57
CA ASN F 128 -32.55 -11.17 4.90
C ASN F 128 -33.51 -11.15 3.72
N HIS F 129 -34.23 -10.03 3.58
CA HIS F 129 -35.16 -9.77 2.47
C HIS F 129 -34.61 -8.72 1.50
N ALA F 130 -34.27 -9.16 0.28
CA ALA F 130 -33.61 -8.28 -0.70
C ALA F 130 -34.54 -7.17 -1.10
N GLY F 131 -35.85 -7.41 -0.97
CA GLY F 131 -36.81 -6.42 -1.44
C GLY F 131 -36.94 -5.23 -0.51
N GLU F 132 -36.33 -5.32 0.67
CA GLU F 132 -36.36 -4.21 1.61
C GLU F 132 -35.16 -3.31 1.47
N ALA F 133 -34.18 -3.65 0.63
CA ALA F 133 -32.94 -2.86 0.53
C ALA F 133 -33.14 -1.50 -0.19
N LYS F 134 -32.72 -0.40 0.42
CA LYS F 134 -32.85 0.98 -0.12
C LYS F 134 -31.79 1.34 -1.16
N ASP F 135 -32.19 2.20 -2.10
CA ASP F 135 -31.35 2.75 -3.19
C ASP F 135 -30.42 1.76 -3.87
N ILE F 136 -30.89 0.51 -3.96
CA ILE F 136 -30.22 -0.50 -4.78
C ILE F 136 -30.53 -0.31 -6.27
N LYS F 137 -29.51 -0.12 -7.11
CA LYS F 137 -29.70 -0.01 -8.56
C LYS F 137 -29.42 -1.34 -9.28
N LEU F 138 -28.71 -2.25 -8.60
CA LEU F 138 -28.20 -3.44 -9.27
C LEU F 138 -27.88 -4.45 -8.17
N ALA F 139 -27.96 -5.75 -8.46
CA ALA F 139 -27.64 -6.74 -7.44
C ALA F 139 -26.93 -7.93 -8.09
N ILE F 140 -26.36 -8.75 -7.25
CA ILE F 140 -25.98 -10.12 -7.66
C ILE F 140 -26.46 -11.11 -6.62
N VAL F 141 -26.90 -12.27 -7.08
CA VAL F 141 -27.36 -13.36 -6.24
C VAL F 141 -26.37 -14.52 -6.45
N GLY F 142 -25.46 -14.66 -5.50
CA GLY F 142 -24.38 -15.62 -5.60
C GLY F 142 -24.62 -16.77 -4.65
N PRO F 143 -23.69 -17.74 -4.59
CA PRO F 143 -23.89 -18.97 -3.84
C PRO F 143 -24.13 -18.67 -2.35
N ASP F 144 -25.15 -19.32 -1.80
CA ASP F 144 -25.67 -18.95 -0.51
C ASP F 144 -26.53 -20.12 -0.06
N GLY F 145 -27.15 -20.00 1.10
CA GLY F 145 -28.22 -20.94 1.50
C GLY F 145 -29.25 -21.06 0.34
N PHE F 146 -29.77 -22.26 0.11
CA PHE F 146 -30.67 -22.44 -1.05
C PHE F 146 -31.95 -21.60 -0.97
N GLN F 147 -32.59 -21.63 0.21
CA GLN F 147 -33.83 -20.87 0.38
C GLN F 147 -33.55 -19.37 0.15
N GLY F 148 -32.40 -18.91 0.65
CA GLY F 148 -32.00 -17.51 0.51
C GLY F 148 -31.73 -17.17 -0.97
N MET F 149 -31.08 -18.06 -1.73
CA MET F 149 -30.83 -17.76 -3.16
C MET F 149 -32.16 -17.54 -3.92
N VAL F 150 -33.10 -18.47 -3.72
CA VAL F 150 -34.40 -18.41 -4.38
C VAL F 150 -35.14 -17.15 -3.98
N GLN F 151 -35.18 -16.89 -2.66
CA GLN F 151 -35.89 -15.75 -2.13
C GLN F 151 -35.36 -14.44 -2.65
N HIS F 152 -34.04 -14.32 -2.76
CA HIS F 152 -33.46 -13.10 -3.28
C HIS F 152 -33.83 -12.90 -4.76
N THR F 153 -33.78 -13.96 -5.58
CA THR F 153 -34.15 -13.80 -7.00
C THR F 153 -35.64 -13.32 -7.13
N GLU F 154 -36.51 -13.91 -6.32
CA GLU F 154 -37.93 -13.53 -6.31
C GLU F 154 -38.14 -12.08 -5.87
N GLU F 155 -37.48 -11.70 -4.78
CA GLU F 155 -37.73 -10.40 -4.20
C GLU F 155 -37.12 -9.29 -5.03
N LEU F 156 -35.96 -9.55 -5.64
CA LEU F 156 -35.34 -8.57 -6.51
C LEU F 156 -36.16 -8.38 -7.79
N ALA F 157 -36.65 -9.47 -8.34
CA ALA F 157 -37.51 -9.37 -9.55
C ALA F 157 -38.81 -8.62 -9.24
N GLN F 158 -39.47 -8.96 -8.13
CA GLN F 158 -40.70 -8.22 -7.82
C GLN F 158 -40.39 -6.75 -7.50
N ALA F 159 -39.18 -6.48 -6.99
CA ALA F 159 -38.74 -5.11 -6.72
C ALA F 159 -38.24 -4.37 -7.96
N GLY F 160 -38.03 -5.09 -9.06
CA GLY F 160 -37.52 -4.46 -10.29
C GLY F 160 -36.07 -4.01 -10.21
N VAL F 161 -35.28 -4.70 -9.40
CA VAL F 161 -33.85 -4.46 -9.34
C VAL F 161 -33.21 -5.48 -10.29
N PRO F 162 -32.44 -5.03 -11.30
CA PRO F 162 -31.80 -6.03 -12.17
C PRO F 162 -30.68 -6.74 -11.43
N PHE F 163 -30.51 -8.02 -11.67
CA PHE F 163 -29.48 -8.74 -10.91
C PHE F 163 -28.76 -9.73 -11.80
N ILE F 164 -27.51 -9.99 -11.42
CA ILE F 164 -26.73 -11.12 -11.97
C ILE F 164 -27.09 -12.33 -11.12
N PHE F 165 -27.43 -13.43 -11.79
CA PHE F 165 -27.62 -14.72 -11.13
C PHE F 165 -26.29 -15.49 -11.30
N ASP F 166 -25.72 -15.92 -10.17
CA ASP F 166 -24.36 -16.50 -10.11
C ASP F 166 -24.47 -17.70 -9.18
N PRO F 167 -25.08 -18.82 -9.63
CA PRO F 167 -25.40 -19.90 -8.67
C PRO F 167 -24.16 -20.61 -8.14
N GLY F 168 -23.11 -20.65 -8.95
CA GLY F 168 -21.84 -21.26 -8.49
C GLY F 168 -21.90 -22.56 -7.70
N GLN F 169 -21.28 -22.59 -6.51
CA GLN F 169 -21.30 -23.84 -5.72
C GLN F 169 -22.68 -24.23 -5.21
N GLY F 170 -23.65 -23.33 -5.28
CA GLY F 170 -25.00 -23.71 -4.87
C GLY F 170 -25.80 -24.41 -5.97
N LEU F 171 -25.22 -24.53 -7.16
CA LEU F 171 -25.93 -25.14 -8.27
C LEU F 171 -26.53 -26.53 -7.94
N PRO F 172 -25.74 -27.39 -7.24
CA PRO F 172 -26.31 -28.70 -6.89
C PRO F 172 -27.56 -28.67 -5.97
N LEU F 173 -27.87 -27.55 -5.34
CA LEU F 173 -29.08 -27.46 -4.52
C LEU F 173 -30.34 -27.18 -5.39
N PHE F 174 -30.14 -26.78 -6.65
CA PHE F 174 -31.30 -26.47 -7.52
C PHE F 174 -31.87 -27.69 -8.22
N ASP F 175 -33.18 -27.71 -8.45
CA ASP F 175 -33.70 -28.68 -9.43
C ASP F 175 -34.03 -27.92 -10.72
N GLY F 176 -34.56 -28.63 -11.73
CA GLY F 176 -34.72 -28.06 -13.06
C GLY F 176 -35.62 -26.86 -13.01
N ALA F 177 -36.78 -27.06 -12.40
CA ALA F 177 -37.80 -26.03 -12.33
C ALA F 177 -37.33 -24.77 -11.63
N THR F 178 -36.67 -24.95 -10.47
CA THR F 178 -36.23 -23.77 -9.71
CA THR F 178 -36.22 -23.80 -9.70
C THR F 178 -35.12 -23.06 -10.44
N LEU F 179 -34.24 -23.82 -11.10
CA LEU F 179 -33.14 -23.17 -11.83
C LEU F 179 -33.69 -22.39 -13.08
N ARG F 180 -34.65 -22.99 -13.81
CA ARG F 180 -35.26 -22.31 -14.99
C ARG F 180 -35.93 -21.02 -14.53
N ARG F 181 -36.67 -21.08 -13.42
CA ARG F 181 -37.32 -19.90 -12.89
C ARG F 181 -36.32 -18.78 -12.54
N SER F 182 -35.21 -19.13 -11.89
CA SER F 182 -34.22 -18.15 -11.50
C SER F 182 -33.63 -17.46 -12.71
N ILE F 183 -33.41 -18.22 -13.78
CA ILE F 183 -32.88 -17.64 -15.03
C ILE F 183 -33.89 -16.68 -15.69
N GLU F 184 -35.18 -17.04 -15.68
CA GLU F 184 -36.24 -16.15 -16.18
C GLU F 184 -36.19 -14.81 -15.45
N LEU F 185 -36.06 -14.86 -14.12
CA LEU F 185 -36.06 -13.68 -13.28
C LEU F 185 -34.78 -12.86 -13.45
N ALA F 186 -33.68 -13.52 -13.71
CA ALA F 186 -32.39 -12.84 -13.76
C ALA F 186 -32.21 -11.87 -14.95
N THR F 187 -31.45 -10.80 -14.76
CA THR F 187 -31.13 -9.92 -15.88
C THR F 187 -29.82 -10.33 -16.57
N TYR F 188 -28.90 -10.91 -15.81
CA TYR F 188 -27.62 -11.42 -16.37
C TYR F 188 -27.31 -12.73 -15.66
N ILE F 189 -26.44 -13.54 -16.26
CA ILE F 189 -25.98 -14.76 -15.61
C ILE F 189 -24.46 -14.80 -15.76
N ALA F 190 -23.73 -15.11 -14.68
CA ALA F 190 -22.29 -15.26 -14.78
C ALA F 190 -21.93 -16.63 -14.22
N VAL F 191 -21.12 -17.39 -14.98
CA VAL F 191 -20.77 -18.77 -14.64
C VAL F 191 -19.42 -19.07 -15.22
N ASN F 192 -18.76 -20.13 -14.74
CA ASN F 192 -17.63 -20.65 -15.49
C ASN F 192 -18.14 -21.72 -16.45
N ASP F 193 -17.24 -22.28 -17.28
CA ASP F 193 -17.68 -23.22 -18.29
C ASP F 193 -18.27 -24.51 -17.71
N TYR F 194 -17.68 -25.03 -16.64
CA TYR F 194 -18.21 -26.23 -16.00
C TYR F 194 -19.64 -25.97 -15.54
N GLU F 195 -19.86 -24.80 -14.95
CA GLU F 195 -21.19 -24.42 -14.40
C GLU F 195 -22.20 -24.18 -15.54
N ALA F 196 -21.76 -23.55 -16.63
CA ALA F 196 -22.61 -23.42 -17.81
C ALA F 196 -23.15 -24.76 -18.30
N LYS F 197 -22.25 -25.75 -18.40
CA LYS F 197 -22.66 -27.08 -18.79
C LYS F 197 -23.67 -27.63 -17.80
N LEU F 198 -23.41 -27.49 -16.51
CA LEU F 198 -24.29 -27.99 -15.49
C LEU F 198 -25.69 -27.34 -15.56
N VAL F 199 -25.74 -26.03 -15.78
CA VAL F 199 -27.02 -25.29 -15.97
C VAL F 199 -27.78 -25.85 -17.18
N CYS F 200 -27.06 -26.05 -18.27
CA CYS F 200 -27.64 -26.69 -19.48
C CYS F 200 -28.24 -28.04 -19.15
N ASP F 201 -27.48 -28.91 -18.49
CA ASP F 201 -27.91 -30.27 -18.14
C ASP F 201 -29.13 -30.35 -17.23
N LYS F 202 -29.18 -29.50 -16.22
CA LYS F 202 -30.22 -29.47 -15.20
C LYS F 202 -31.49 -28.79 -15.74
N THR F 203 -31.35 -27.74 -16.55
CA THR F 203 -32.55 -27.07 -17.14
C THR F 203 -33.14 -27.77 -18.34
N GLY F 204 -32.30 -28.54 -19.04
CA GLY F 204 -32.67 -29.07 -20.34
C GLY F 204 -32.67 -27.97 -21.39
N TRP F 205 -32.22 -26.77 -21.04
CA TRP F 205 -32.02 -25.72 -22.05
C TRP F 205 -30.63 -25.77 -22.63
N SER F 206 -30.53 -25.48 -23.93
CA SER F 206 -29.24 -25.13 -24.52
C SER F 206 -28.70 -23.80 -24.05
N GLU F 207 -27.42 -23.62 -24.30
CA GLU F 207 -26.80 -22.33 -24.11
C GLU F 207 -27.50 -21.15 -24.78
N ASP F 208 -27.95 -21.33 -26.03
CA ASP F 208 -28.69 -20.27 -26.77
C ASP F 208 -29.94 -19.89 -25.99
N GLU F 209 -30.61 -20.91 -25.47
CA GLU F 209 -31.87 -20.70 -24.81
C GLU F 209 -31.67 -20.04 -23.46
N ILE F 210 -30.56 -20.30 -22.78
CA ILE F 210 -30.29 -19.62 -21.53
C ILE F 210 -29.99 -18.14 -21.83
N ALA F 211 -29.15 -17.91 -22.84
CA ALA F 211 -28.75 -16.57 -23.23
C ALA F 211 -29.95 -15.67 -23.68
N SER F 212 -30.91 -16.31 -24.32
CA SER F 212 -32.16 -15.67 -24.86
C SER F 212 -33.02 -15.08 -23.73
N ARG F 213 -32.82 -15.62 -22.53
CA ARG F 213 -33.60 -15.22 -21.36
C ARG F 213 -32.92 -14.22 -20.44
N VAL F 214 -31.80 -13.63 -20.86
CA VAL F 214 -31.11 -12.62 -20.05
C VAL F 214 -30.58 -11.53 -20.95
N GLN F 215 -30.14 -10.43 -20.38
CA GLN F 215 -29.52 -9.39 -21.20
C GLN F 215 -28.14 -9.85 -21.64
N ALA F 216 -27.49 -10.62 -20.77
CA ALA F 216 -26.17 -11.20 -21.11
C ALA F 216 -25.88 -12.45 -20.29
N LEU F 217 -25.16 -13.36 -20.95
CA LEU F 217 -24.65 -14.59 -20.31
C LEU F 217 -23.16 -14.46 -20.40
N ILE F 218 -22.54 -14.44 -19.22
CA ILE F 218 -21.10 -14.22 -19.13
C ILE F 218 -20.49 -15.56 -18.72
N ILE F 219 -19.55 -16.06 -19.52
CA ILE F 219 -18.90 -17.32 -19.19
C ILE F 219 -17.40 -17.07 -19.05
N THR F 220 -16.86 -17.30 -17.86
CA THR F 220 -15.41 -17.18 -17.68
C THR F 220 -14.70 -18.43 -18.20
N ARG F 221 -13.49 -18.23 -18.70
CA ARG F 221 -12.73 -19.25 -19.41
C ARG F 221 -11.33 -19.35 -18.78
N GLY F 222 -11.30 -19.23 -17.45
CA GLY F 222 -10.06 -19.41 -16.71
C GLY F 222 -8.96 -18.44 -17.09
N GLU F 223 -7.78 -18.96 -17.38
CA GLU F 223 -6.65 -18.13 -17.78
C GLU F 223 -6.76 -17.61 -19.20
N HIS F 224 -7.86 -17.95 -19.89
CA HIS F 224 -8.08 -17.55 -21.27
C HIS F 224 -9.13 -16.42 -21.47
N GLY F 225 -9.44 -15.71 -20.41
CA GLY F 225 -10.38 -14.57 -20.56
C GLY F 225 -11.80 -15.00 -20.33
N ALA F 226 -12.73 -14.45 -21.12
CA ALA F 226 -14.17 -14.70 -20.90
C ALA F 226 -14.94 -14.49 -22.18
N THR F 227 -16.19 -14.91 -22.17
CA THR F 227 -17.10 -14.68 -23.29
C THR F 227 -18.33 -13.99 -22.76
N ILE F 228 -18.80 -12.94 -23.44
CA ILE F 228 -20.05 -12.31 -23.05
C ILE F 228 -21.00 -12.39 -24.23
N ARG F 229 -22.07 -13.17 -24.05
CA ARG F 229 -23.09 -13.34 -25.08
C ARG F 229 -24.23 -12.41 -24.77
N HIS F 230 -24.56 -11.50 -25.67
CA HIS F 230 -25.73 -10.66 -25.45
C HIS F 230 -26.60 -10.75 -26.71
N ARG F 231 -27.70 -10.02 -26.75
CA ARG F 231 -28.71 -10.34 -27.73
C ARG F 231 -28.19 -10.38 -29.15
N ASP F 232 -27.33 -9.44 -29.54
CA ASP F 232 -27.01 -9.35 -30.98
C ASP F 232 -25.52 -9.62 -31.28
N GLY F 233 -24.83 -10.20 -30.32
CA GLY F 233 -23.40 -10.41 -30.51
C GLY F 233 -22.74 -11.08 -29.35
N THR F 234 -21.51 -11.52 -29.55
CA THR F 234 -20.77 -12.18 -28.49
C THR F 234 -19.41 -11.53 -28.41
N GLU F 235 -19.03 -11.08 -27.23
CA GLU F 235 -17.77 -10.40 -27.01
C GLU F 235 -16.80 -11.43 -26.56
N GLN F 236 -15.64 -11.46 -27.19
CA GLN F 236 -14.57 -12.27 -26.64
C GLN F 236 -13.67 -11.38 -25.80
N ILE F 237 -13.58 -11.66 -24.50
CA ILE F 237 -12.75 -10.85 -23.62
C ILE F 237 -11.35 -11.44 -23.46
N PRO F 238 -10.27 -10.65 -23.70
CA PRO F 238 -8.91 -11.25 -23.56
C PRO F 238 -8.57 -11.53 -22.08
N ALA F 239 -7.67 -12.48 -21.83
CA ALA F 239 -7.09 -12.60 -20.51
C ALA F 239 -6.00 -11.54 -20.32
N VAL F 240 -5.68 -11.32 -19.07
CA VAL F 240 -4.57 -10.49 -18.69
C VAL F 240 -3.57 -11.42 -18.04
N ARG F 241 -2.32 -11.33 -18.47
CA ARG F 241 -1.24 -12.13 -17.94
C ARG F 241 -1.01 -11.83 -16.48
N ALA F 242 -1.03 -12.86 -15.63
CA ALA F 242 -0.84 -12.65 -14.18
C ALA F 242 0.64 -12.40 -13.91
N GLU F 243 0.92 -11.55 -12.92
CA GLU F 243 2.31 -11.29 -12.53
C GLU F 243 2.96 -12.46 -11.81
N ARG F 244 2.14 -13.23 -11.11
CA ARG F 244 2.55 -14.50 -10.52
C ARG F 244 1.25 -15.26 -10.28
N VAL F 245 1.36 -16.58 -10.16
CA VAL F 245 0.17 -17.42 -9.92
C VAL F 245 0.30 -18.08 -8.54
N ILE F 246 -0.45 -17.57 -7.56
CA ILE F 246 -0.27 -18.02 -6.19
C ILE F 246 -1.49 -18.83 -5.73
N ASP F 247 -2.70 -18.38 -6.04
CA ASP F 247 -3.92 -18.99 -5.47
C ASP F 247 -5.14 -18.58 -6.25
N PRO F 248 -5.86 -19.55 -6.85
CA PRO F 248 -7.05 -19.16 -7.59
C PRO F 248 -8.31 -18.84 -6.76
N THR F 249 -8.32 -19.14 -5.45
CA THR F 249 -9.51 -18.97 -4.61
C THR F 249 -10.01 -17.53 -4.69
N GLY F 250 -11.22 -17.30 -5.20
CA GLY F 250 -11.71 -15.89 -5.30
C GLY F 250 -11.51 -15.19 -6.65
N CYS F 251 -10.84 -15.84 -7.60
CA CYS F 251 -10.68 -15.21 -8.93
C CYS F 251 -12.04 -14.87 -9.60
N GLY F 252 -12.95 -15.84 -9.62
CA GLY F 252 -14.32 -15.67 -10.16
C GLY F 252 -14.97 -14.48 -9.49
N ASP F 253 -14.80 -14.38 -8.15
CA ASP F 253 -15.45 -13.29 -7.45
C ASP F 253 -14.87 -11.91 -7.75
N ALA F 254 -13.55 -11.82 -7.88
CA ALA F 254 -12.91 -10.57 -8.25
C ALA F 254 -13.42 -10.16 -9.65
N PHE F 255 -13.52 -11.14 -10.54
CA PHE F 255 -14.03 -10.94 -11.92
C PHE F 255 -15.42 -10.34 -11.78
N ARG F 256 -16.26 -10.96 -10.94
CA ARG F 256 -17.61 -10.47 -10.80
C ARG F 256 -17.70 -9.06 -10.23
N GLY F 257 -16.83 -8.71 -9.28
CA GLY F 257 -16.71 -7.31 -8.79
C GLY F 257 -16.43 -6.33 -9.93
N GLY F 258 -15.48 -6.67 -10.79
CA GLY F 258 -15.21 -5.88 -11.96
C GLY F 258 -16.41 -5.74 -12.90
N LEU F 259 -17.06 -6.87 -13.20
CA LEU F 259 -18.24 -6.85 -14.05
C LEU F 259 -19.36 -6.00 -13.49
N LEU F 260 -19.66 -6.12 -12.19
CA LEU F 260 -20.72 -5.29 -11.60
C LEU F 260 -20.40 -3.79 -11.60
N TYR F 261 -19.13 -3.44 -11.35
CA TYR F 261 -18.71 -2.06 -11.46
C TYR F 261 -19.01 -1.56 -12.90
N GLY F 262 -18.59 -2.36 -13.87
CA GLY F 262 -18.87 -2.01 -15.29
C GLY F 262 -20.34 -1.74 -15.56
N ILE F 263 -21.19 -2.69 -15.22
CA ILE F 263 -22.62 -2.61 -15.47
C ILE F 263 -23.19 -1.36 -14.81
N GLU F 264 -22.87 -1.14 -13.53
CA GLU F 264 -23.43 -0.01 -12.80
C GLU F 264 -23.00 1.34 -13.40
N HIS F 265 -21.79 1.38 -13.95
CA HIS F 265 -21.24 2.62 -14.49
C HIS F 265 -21.46 2.81 -16.01
N GLY F 266 -22.30 1.98 -16.62
CA GLY F 266 -22.69 2.15 -18.02
C GLY F 266 -21.65 1.73 -19.05
N PHE F 267 -20.62 0.97 -18.62
CA PHE F 267 -19.58 0.52 -19.54
C PHE F 267 -20.19 -0.37 -20.60
N ASP F 268 -19.61 -0.37 -21.80
CA ASP F 268 -20.00 -1.38 -22.75
C ASP F 268 -19.50 -2.75 -22.34
N TRP F 269 -20.00 -3.82 -22.96
CA TRP F 269 -19.58 -5.16 -22.47
C TRP F 269 -18.09 -5.39 -22.70
N ALA F 270 -17.58 -4.90 -23.82
CA ALA F 270 -16.15 -5.05 -24.07
C ALA F 270 -15.33 -4.53 -22.89
N THR F 271 -15.73 -3.39 -22.32
CA THR F 271 -14.95 -2.76 -21.26
C THR F 271 -15.25 -3.43 -19.92
N ALA F 272 -16.53 -3.73 -19.66
CA ALA F 272 -16.91 -4.34 -18.37
C ALA F 272 -16.18 -5.67 -18.25
N GLY F 273 -16.21 -6.43 -19.35
CA GLY F 273 -15.53 -7.74 -19.37
C GLY F 273 -14.03 -7.63 -19.19
N ARG F 274 -13.39 -6.69 -19.92
CA ARG F 274 -11.96 -6.49 -19.69
C ARG F 274 -11.62 -6.09 -18.24
N LEU F 275 -12.45 -5.21 -17.65
CA LEU F 275 -12.16 -4.82 -16.25
C LEU F 275 -12.23 -6.07 -15.34
N ALA F 276 -13.26 -6.89 -15.56
CA ALA F 276 -13.48 -8.12 -14.77
C ALA F 276 -12.29 -9.08 -14.98
N SER F 277 -11.84 -9.24 -16.23
CA SER F 277 -10.66 -10.09 -16.52
C SER F 277 -9.42 -9.58 -15.78
N LEU F 278 -9.24 -8.26 -15.78
CA LEU F 278 -8.07 -7.68 -15.09
C LEU F 278 -8.16 -7.95 -13.57
N MET F 279 -9.33 -7.77 -12.96
CA MET F 279 -9.43 -8.04 -11.50
C MET F 279 -9.11 -9.51 -11.20
N GLY F 280 -9.59 -10.43 -12.04
CA GLY F 280 -9.20 -11.86 -11.90
C GLY F 280 -7.69 -12.07 -11.91
N ALA F 281 -7.00 -11.45 -12.87
CA ALA F 281 -5.56 -11.60 -13.01
C ALA F 281 -4.79 -11.03 -11.79
N LEU F 282 -5.30 -9.94 -11.19
CA LEU F 282 -4.61 -9.36 -10.02
C LEU F 282 -4.80 -10.33 -8.85
N LYS F 283 -6.01 -10.85 -8.73
CA LYS F 283 -6.40 -11.67 -7.59
C LYS F 283 -5.46 -12.89 -7.51
N ILE F 284 -5.27 -13.58 -8.65
CA ILE F 284 -4.52 -14.84 -8.68
C ILE F 284 -3.06 -14.72 -8.21
N ALA F 285 -2.52 -13.50 -8.26
CA ALA F 285 -1.16 -13.26 -7.78
C ALA F 285 -1.01 -13.22 -6.26
N HIS F 286 -2.09 -13.43 -5.51
CA HIS F 286 -2.05 -13.31 -4.04
C HIS F 286 -2.76 -14.48 -3.38
N GLN F 287 -2.33 -14.81 -2.15
CA GLN F 287 -2.93 -15.87 -1.33
C GLN F 287 -4.25 -15.47 -0.72
N GLY F 288 -5.28 -16.29 -0.89
CA GLY F 288 -6.57 -15.97 -0.32
C GLY F 288 -7.40 -15.10 -1.25
N PRO F 289 -8.71 -14.95 -0.96
CA PRO F 289 -9.50 -14.20 -1.93
C PRO F 289 -9.38 -12.70 -1.89
N GLN F 290 -8.94 -12.13 -0.76
CA GLN F 290 -8.98 -10.67 -0.63
C GLN F 290 -7.64 -10.04 -0.24
N THR F 291 -6.51 -10.71 -0.47
CA THR F 291 -5.27 -10.11 -0.03
C THR F 291 -4.58 -9.24 -1.12
N TYR F 292 -5.03 -9.36 -2.37
CA TYR F 292 -4.63 -8.39 -3.41
C TYR F 292 -5.18 -7.02 -3.03
N ALA F 293 -4.40 -5.96 -3.24
CA ALA F 293 -4.80 -4.60 -2.78
C ALA F 293 -4.39 -3.52 -3.74
N PRO F 294 -4.88 -3.59 -4.98
CA PRO F 294 -4.50 -2.54 -5.91
C PRO F 294 -5.24 -1.24 -5.56
N THR F 295 -4.67 -0.13 -5.94
CA THR F 295 -5.37 1.16 -5.83
C THR F 295 -6.22 1.34 -7.09
N ARG F 296 -7.21 2.25 -7.05
CA ARG F 296 -7.94 2.49 -8.32
C ARG F 296 -7.05 3.07 -9.42
N ALA F 297 -6.12 3.98 -9.08
CA ALA F 297 -5.20 4.50 -10.07
C ALA F 297 -4.37 3.39 -10.71
N GLU F 298 -3.97 2.42 -9.90
CA GLU F 298 -3.20 1.28 -10.40
C GLU F 298 -4.07 0.44 -11.35
N ILE F 299 -5.32 0.24 -10.99
CA ILE F 299 -6.23 -0.53 -11.83
C ILE F 299 -6.34 0.17 -13.18
N ASP F 300 -6.54 1.50 -13.18
CA ASP F 300 -6.64 2.23 -14.46
C ASP F 300 -5.37 2.15 -15.32
N ALA F 301 -4.22 2.32 -14.68
CA ALA F 301 -2.96 2.23 -15.42
C ALA F 301 -2.78 0.84 -15.99
N ARG F 302 -3.06 -0.18 -15.18
CA ARG F 302 -2.94 -1.57 -15.64
C ARG F 302 -3.91 -1.90 -16.77
N PHE F 303 -5.14 -1.38 -16.68
CA PHE F 303 -6.13 -1.55 -17.73
C PHE F 303 -5.58 -0.95 -19.05
N GLU F 304 -5.00 0.26 -18.98
CA GLU F 304 -4.39 0.87 -20.14
C GLU F 304 -3.23 0.06 -20.69
N THR F 305 -2.39 -0.48 -19.80
CA THR F 305 -1.24 -1.26 -20.24
C THR F 305 -1.70 -2.50 -20.97
N ALA F 306 -2.73 -3.14 -20.45
CA ALA F 306 -3.23 -4.39 -21.05
C ALA F 306 -4.05 -4.19 -22.33
N PHE F 307 -4.85 -3.13 -22.33
CA PHE F 307 -5.92 -3.01 -23.35
C PHE F 307 -5.85 -1.75 -24.19
N GLY F 308 -4.99 -0.81 -23.81
CA GLY F 308 -4.73 0.31 -24.72
C GLY F 308 -5.67 1.50 -24.60
N TYR F 309 -6.57 1.50 -23.60
CA TYR F 309 -7.47 2.64 -23.34
C TYR F 309 -7.84 2.69 -21.89
N ARG F 310 -8.56 3.75 -21.49
CA ARG F 310 -8.82 3.98 -20.07
C ARG F 310 -10.32 3.82 -19.76
N PRO F 311 -10.66 3.04 -18.72
CA PRO F 311 -12.08 2.97 -18.30
C PRO F 311 -12.47 4.29 -17.63
#